data_3MJ0
# 
_entry.id   3MJ0 
# 
_audit_conform.dict_name       mmcif_pdbx.dic 
_audit_conform.dict_version    5.379 
_audit_conform.dict_location   http://mmcif.pdb.org/dictionaries/ascii/mmcif_pdbx.dic 
# 
loop_
_database_2.database_id 
_database_2.database_code 
_database_2.pdbx_database_accession 
_database_2.pdbx_DOI 
PDB   3MJ0         pdb_00003mj0 10.2210/pdb3mj0/pdb 
NDB   NA0522       ?            ?                   
RCSB  RCSB058604   ?            ?                   
WWPDB D_1000058604 ?            ?                   
# 
_pdbx_database_status.status_code                     REL 
_pdbx_database_status.entry_id                        3MJ0 
_pdbx_database_status.recvd_initial_deposition_date   2010-04-12 
_pdbx_database_status.deposit_site                    RCSB 
_pdbx_database_status.process_site                    RCSB 
_pdbx_database_status.status_code_sf                  REL 
_pdbx_database_status.status_code_mr                  ? 
_pdbx_database_status.SG_entry                        ? 
_pdbx_database_status.status_code_cs                  ? 
_pdbx_database_status.pdb_format_compatible           Y 
_pdbx_database_status.status_code_nmr_data            ? 
_pdbx_database_status.methods_development_category    ? 
# 
loop_
_audit_author.name 
_audit_author.pdbx_ordinal 
'Huang, Y.' 1 
'Ding, L.'  2 
'Ma, J.'    3 
# 
_citation.id                        primary 
_citation.title                     
;Crystal Structure of drosophila Ago2 PAZ domain in complex with 3'-end 2'-O-methylated RNA
;
_citation.journal_abbrev            'To be Published' 
_citation.journal_volume            ? 
_citation.page_first                ? 
_citation.page_last                 ? 
_citation.year                      ? 
_citation.journal_id_ASTM           ? 
_citation.country                   ? 
_citation.journal_id_ISSN           ? 
_citation.journal_id_CSD            0353 
_citation.book_publisher            ? 
_citation.pdbx_database_id_PubMed   ? 
_citation.pdbx_database_id_DOI      ? 
# 
loop_
_citation_author.citation_id 
_citation_author.name 
_citation_author.ordinal 
_citation_author.identifier_ORCID 
primary 'Huang, Y.' 1 ? 
primary 'Ding, L.'  2 ? 
primary 'Ma, J.'    3 ? 
# 
_cell.entry_id           3MJ0 
_cell.length_a           69.211 
_cell.length_b           116.796 
_cell.length_c           38.661 
_cell.angle_alpha        90.00 
_cell.angle_beta         90.00 
_cell.angle_gamma        90.00 
_cell.Z_PDB              8 
_cell.pdbx_unique_axis   ? 
_cell.length_a_esd       ? 
_cell.length_b_esd       ? 
_cell.length_c_esd       ? 
_cell.angle_alpha_esd    ? 
_cell.angle_beta_esd     ? 
_cell.angle_gamma_esd    ? 
# 
_symmetry.entry_id                         3MJ0 
_symmetry.space_group_name_H-M             'C 2 2 21' 
_symmetry.pdbx_full_space_group_name_H-M   ? 
_symmetry.cell_setting                     ? 
_symmetry.Int_Tables_number                20 
_symmetry.space_group_name_Hall            ? 
# 
loop_
_entity.id 
_entity.type 
_entity.src_method 
_entity.pdbx_description 
_entity.formula_weight 
_entity.pdbx_number_of_molecules 
_entity.pdbx_ec 
_entity.pdbx_mutation 
_entity.pdbx_fragment 
_entity.details 
1 polymer man 'Protein argonaute-2'                           14157.182 1  ? ? 'UNP residues 601-723, PAZ domain' ? 
2 polymer syn 
;RNA (5'-R(*CP*GP*UP*UP*AP*CP*GP*CP*(OMU))-3')
;
2822.730  1  ? ? ?                                  ? 
3 water   nat water                                           18.015    33 ? ? ?                                  ? 
# 
loop_
_entity_poly.entity_id 
_entity_poly.type 
_entity_poly.nstd_linkage 
_entity_poly.nstd_monomer 
_entity_poly.pdbx_seq_one_letter_code 
_entity_poly.pdbx_seq_one_letter_code_can 
_entity_poly.pdbx_strand_id 
_entity_poly.pdbx_target_identifier 
1 'polypeptide(L)'   no no  
;SSMPMIEYLERFSLKAKINNTTNLDYSRRFLEPFLRGINVVYTPPQSFQSAPRVYRVNGLSRAPASSETFEHDGKKVTIA
SYFHSRNYPLKFPQLHCLNVGSSIKSILLPIELCSIEEGQALNR
;
;SSMPMIEYLERFSLKAKINNTTNLDYSRRFLEPFLRGINVVYTPPQSFQSAPRVYRVNGLSRAPASSETFEHDGKKVTIA
SYFHSRNYPLKFPQLHCLNVGSSIKSILLPIELCSIEEGQALNR
;
A ? 
2 polyribonucleotide no yes 'CGUUACGC(OMU)' CGUUACGCU B ? 
# 
loop_
_entity_poly_seq.entity_id 
_entity_poly_seq.num 
_entity_poly_seq.mon_id 
_entity_poly_seq.hetero 
1 1   SER n 
1 2   SER n 
1 3   MET n 
1 4   PRO n 
1 5   MET n 
1 6   ILE n 
1 7   GLU n 
1 8   TYR n 
1 9   LEU n 
1 10  GLU n 
1 11  ARG n 
1 12  PHE n 
1 13  SER n 
1 14  LEU n 
1 15  LYS n 
1 16  ALA n 
1 17  LYS n 
1 18  ILE n 
1 19  ASN n 
1 20  ASN n 
1 21  THR n 
1 22  THR n 
1 23  ASN n 
1 24  LEU n 
1 25  ASP n 
1 26  TYR n 
1 27  SER n 
1 28  ARG n 
1 29  ARG n 
1 30  PHE n 
1 31  LEU n 
1 32  GLU n 
1 33  PRO n 
1 34  PHE n 
1 35  LEU n 
1 36  ARG n 
1 37  GLY n 
1 38  ILE n 
1 39  ASN n 
1 40  VAL n 
1 41  VAL n 
1 42  TYR n 
1 43  THR n 
1 44  PRO n 
1 45  PRO n 
1 46  GLN n 
1 47  SER n 
1 48  PHE n 
1 49  GLN n 
1 50  SER n 
1 51  ALA n 
1 52  PRO n 
1 53  ARG n 
1 54  VAL n 
1 55  TYR n 
1 56  ARG n 
1 57  VAL n 
1 58  ASN n 
1 59  GLY n 
1 60  LEU n 
1 61  SER n 
1 62  ARG n 
1 63  ALA n 
1 64  PRO n 
1 65  ALA n 
1 66  SER n 
1 67  SER n 
1 68  GLU n 
1 69  THR n 
1 70  PHE n 
1 71  GLU n 
1 72  HIS n 
1 73  ASP n 
1 74  GLY n 
1 75  LYS n 
1 76  LYS n 
1 77  VAL n 
1 78  THR n 
1 79  ILE n 
1 80  ALA n 
1 81  SER n 
1 82  TYR n 
1 83  PHE n 
1 84  HIS n 
1 85  SER n 
1 86  ARG n 
1 87  ASN n 
1 88  TYR n 
1 89  PRO n 
1 90  LEU n 
1 91  LYS n 
1 92  PHE n 
1 93  PRO n 
1 94  GLN n 
1 95  LEU n 
1 96  HIS n 
1 97  CYS n 
1 98  LEU n 
1 99  ASN n 
1 100 VAL n 
1 101 GLY n 
1 102 SER n 
1 103 SER n 
1 104 ILE n 
1 105 LYS n 
1 106 SER n 
1 107 ILE n 
1 108 LEU n 
1 109 LEU n 
1 110 PRO n 
1 111 ILE n 
1 112 GLU n 
1 113 LEU n 
1 114 CYS n 
1 115 SER n 
1 116 ILE n 
1 117 GLU n 
1 118 GLU n 
1 119 GLY n 
1 120 GLN n 
1 121 ALA n 
1 122 LEU n 
1 123 ASN n 
1 124 ARG n 
2 1   C   n 
2 2   G   n 
2 3   U   n 
2 4   U   n 
2 5   A   n 
2 6   C   n 
2 7   G   n 
2 8   C   n 
2 9   OMU n 
# 
_entity_src_gen.entity_id                          1 
_entity_src_gen.pdbx_src_id                        1 
_entity_src_gen.pdbx_alt_source_flag               sample 
_entity_src_gen.pdbx_seq_type                      ? 
_entity_src_gen.pdbx_beg_seq_num                   ? 
_entity_src_gen.pdbx_end_seq_num                   ? 
_entity_src_gen.gene_src_common_name               'Fruit fly' 
_entity_src_gen.gene_src_genus                     ? 
_entity_src_gen.pdbx_gene_src_gene                 'AGO2, CG7439' 
_entity_src_gen.gene_src_species                   ? 
_entity_src_gen.gene_src_strain                    ? 
_entity_src_gen.gene_src_tissue                    ? 
_entity_src_gen.gene_src_tissue_fraction           ? 
_entity_src_gen.gene_src_details                   ? 
_entity_src_gen.pdbx_gene_src_fragment             ? 
_entity_src_gen.pdbx_gene_src_scientific_name      'Drosophila melanogaster' 
_entity_src_gen.pdbx_gene_src_ncbi_taxonomy_id     7227 
_entity_src_gen.pdbx_gene_src_variant              ? 
_entity_src_gen.pdbx_gene_src_cell_line            ? 
_entity_src_gen.pdbx_gene_src_atcc                 ? 
_entity_src_gen.pdbx_gene_src_organ                ? 
_entity_src_gen.pdbx_gene_src_organelle            ? 
_entity_src_gen.pdbx_gene_src_cell                 ? 
_entity_src_gen.pdbx_gene_src_cellular_location    ? 
_entity_src_gen.host_org_common_name               ? 
_entity_src_gen.pdbx_host_org_scientific_name      'Escherichia coli' 
_entity_src_gen.pdbx_host_org_ncbi_taxonomy_id     562 
_entity_src_gen.host_org_genus                     ? 
_entity_src_gen.pdbx_host_org_gene                 ? 
_entity_src_gen.pdbx_host_org_organ                ? 
_entity_src_gen.host_org_species                   ? 
_entity_src_gen.pdbx_host_org_tissue               ? 
_entity_src_gen.pdbx_host_org_tissue_fraction      ? 
_entity_src_gen.pdbx_host_org_strain               'BL21(DE3)GOLD' 
_entity_src_gen.pdbx_host_org_variant              ? 
_entity_src_gen.pdbx_host_org_cell_line            ? 
_entity_src_gen.pdbx_host_org_atcc                 ? 
_entity_src_gen.pdbx_host_org_culture_collection   ? 
_entity_src_gen.pdbx_host_org_cell                 ? 
_entity_src_gen.pdbx_host_org_organelle            ? 
_entity_src_gen.pdbx_host_org_cellular_location    ? 
_entity_src_gen.pdbx_host_org_vector_type          plasmid 
_entity_src_gen.pdbx_host_org_vector               ? 
_entity_src_gen.host_org_details                   ? 
_entity_src_gen.expression_system_id               ? 
_entity_src_gen.plasmid_name                       pET28-SMT3 
_entity_src_gen.plasmid_details                    ? 
_entity_src_gen.pdbx_description                   ? 
# 
_pdbx_entity_src_syn.entity_id              2 
_pdbx_entity_src_syn.pdbx_src_id            1 
_pdbx_entity_src_syn.pdbx_alt_source_flag   sample 
_pdbx_entity_src_syn.pdbx_beg_seq_num       ? 
_pdbx_entity_src_syn.pdbx_end_seq_num       ? 
_pdbx_entity_src_syn.organism_scientific    ? 
_pdbx_entity_src_syn.organism_common_name   ? 
_pdbx_entity_src_syn.ncbi_taxonomy_id       ? 
_pdbx_entity_src_syn.details                'This sequence was synthesized.' 
# 
loop_
_struct_ref.id 
_struct_ref.db_name 
_struct_ref.db_code 
_struct_ref.pdbx_db_accession 
_struct_ref.entity_id 
_struct_ref.pdbx_seq_one_letter_code 
_struct_ref.pdbx_align_begin 
_struct_ref.pdbx_db_isoform 
1 UNP AGO2_DROME Q9VUQ5 1 
;SMPMIEYLERFSLKAKINNTTNLDYSRRFLEPFLRGINVVYTPPQSFQSAPRVYRVNGLSRAPASSETFEHDGKKVTIAS
YFHSRNYPLKFPQLHCLNVGSSIKSILLPIELCSIEEGQALNR
;
601 ? 
2 PDB 3MJ0       3MJ0   2 CGUUACGCU 1   ? 
# 
loop_
_struct_ref_seq.align_id 
_struct_ref_seq.ref_id 
_struct_ref_seq.pdbx_PDB_id_code 
_struct_ref_seq.pdbx_strand_id 
_struct_ref_seq.seq_align_beg 
_struct_ref_seq.pdbx_seq_align_beg_ins_code 
_struct_ref_seq.seq_align_end 
_struct_ref_seq.pdbx_seq_align_end_ins_code 
_struct_ref_seq.pdbx_db_accession 
_struct_ref_seq.db_align_beg 
_struct_ref_seq.pdbx_db_align_beg_ins_code 
_struct_ref_seq.db_align_end 
_struct_ref_seq.pdbx_db_align_end_ins_code 
_struct_ref_seq.pdbx_auth_seq_align_beg 
_struct_ref_seq.pdbx_auth_seq_align_end 
1 1 3MJ0 A 2 ? 124 ? Q9VUQ5 601 ? 723 ? 601 723 
2 2 3MJ0 B 1 ? 9   ? 3MJ0   1   ? 9   ? 1   9   
# 
_struct_ref_seq_dif.align_id                     1 
_struct_ref_seq_dif.pdbx_pdb_id_code             3MJ0 
_struct_ref_seq_dif.mon_id                       SER 
_struct_ref_seq_dif.pdbx_pdb_strand_id           A 
_struct_ref_seq_dif.seq_num                      1 
_struct_ref_seq_dif.pdbx_pdb_ins_code            ? 
_struct_ref_seq_dif.pdbx_seq_db_name             UNP 
_struct_ref_seq_dif.pdbx_seq_db_accession_code   Q9VUQ5 
_struct_ref_seq_dif.db_mon_id                    ? 
_struct_ref_seq_dif.pdbx_seq_db_seq_num          ? 
_struct_ref_seq_dif.details                      'expression tag' 
_struct_ref_seq_dif.pdbx_auth_seq_num            600 
_struct_ref_seq_dif.pdbx_ordinal                 1 
# 
loop_
_chem_comp.id 
_chem_comp.type 
_chem_comp.mon_nstd_flag 
_chem_comp.name 
_chem_comp.pdbx_synonyms 
_chem_comp.formula 
_chem_comp.formula_weight 
A   'RNA linking'       y "ADENOSINE-5'-MONOPHOSPHATE"         ? 'C10 H14 N5 O7 P' 347.221 
ALA 'L-peptide linking' y ALANINE                              ? 'C3 H7 N O2'      89.093  
ARG 'L-peptide linking' y ARGININE                             ? 'C6 H15 N4 O2 1'  175.209 
ASN 'L-peptide linking' y ASPARAGINE                           ? 'C4 H8 N2 O3'     132.118 
ASP 'L-peptide linking' y 'ASPARTIC ACID'                      ? 'C4 H7 N O4'      133.103 
C   'RNA linking'       y "CYTIDINE-5'-MONOPHOSPHATE"          ? 'C9 H14 N3 O8 P'  323.197 
CYS 'L-peptide linking' y CYSTEINE                             ? 'C3 H7 N O2 S'    121.158 
G   'RNA linking'       y "GUANOSINE-5'-MONOPHOSPHATE"         ? 'C10 H14 N5 O8 P' 363.221 
GLN 'L-peptide linking' y GLUTAMINE                            ? 'C5 H10 N2 O3'    146.144 
GLU 'L-peptide linking' y 'GLUTAMIC ACID'                      ? 'C5 H9 N O4'      147.129 
GLY 'peptide linking'   y GLYCINE                              ? 'C2 H5 N O2'      75.067  
HIS 'L-peptide linking' y HISTIDINE                            ? 'C6 H10 N3 O2 1'  156.162 
HOH non-polymer         . WATER                                ? 'H2 O'            18.015  
ILE 'L-peptide linking' y ISOLEUCINE                           ? 'C6 H13 N O2'     131.173 
LEU 'L-peptide linking' y LEUCINE                              ? 'C6 H13 N O2'     131.173 
LYS 'L-peptide linking' y LYSINE                               ? 'C6 H15 N2 O2 1'  147.195 
MET 'L-peptide linking' y METHIONINE                           ? 'C5 H11 N O2 S'   149.211 
OMU 'RNA linking'       n 
;O2'-METHYLURIDINE 5'-MONOPHOSPHATE
;
? 'C10 H15 N2 O9 P' 338.208 
PHE 'L-peptide linking' y PHENYLALANINE                        ? 'C9 H11 N O2'     165.189 
PRO 'L-peptide linking' y PROLINE                              ? 'C5 H9 N O2'      115.130 
SER 'L-peptide linking' y SERINE                               ? 'C3 H7 N O3'      105.093 
THR 'L-peptide linking' y THREONINE                            ? 'C4 H9 N O3'      119.119 
TYR 'L-peptide linking' y TYROSINE                             ? 'C9 H11 N O3'     181.189 
U   'RNA linking'       y "URIDINE-5'-MONOPHOSPHATE"           ? 'C9 H13 N2 O9 P'  324.181 
VAL 'L-peptide linking' y VALINE                               ? 'C5 H11 N O2'     117.146 
# 
_exptl.entry_id          3MJ0 
_exptl.method            'X-RAY DIFFRACTION' 
_exptl.crystals_number   1 
# 
_exptl_crystal.id                    1 
_exptl_crystal.density_meas          ? 
_exptl_crystal.density_Matthews      2.30 
_exptl_crystal.density_percent_sol   46.54 
_exptl_crystal.description           ? 
_exptl_crystal.F_000                 ? 
_exptl_crystal.preparation           ? 
# 
_exptl_crystal_grow.crystal_id      1 
_exptl_crystal_grow.method          'VAPOR DIFFUSION, HANGING DROP' 
_exptl_crystal_grow.temp            293 
_exptl_crystal_grow.temp_details    ? 
_exptl_crystal_grow.pH              5.8 
_exptl_crystal_grow.pdbx_pH_range   ? 
_exptl_crystal_grow.pdbx_details    
;50 mM MES, pH 5.8, 100 mM ammonium sulfate, 10 mM MgCl2, 16% PEG 8000 and 5% glycerol, VAPOR DIFFUSION, HANGING DROP, temperature 293K
;
# 
_diffrn.id                     1 
_diffrn.ambient_temp           100 
_diffrn.ambient_temp_details   ? 
_diffrn.crystal_id             1 
# 
_diffrn_detector.diffrn_id              1 
_diffrn_detector.detector               CCD 
_diffrn_detector.type                   'MARMOSAIC 300 mm CCD' 
_diffrn_detector.pdbx_collection_date   2008-10-26 
_diffrn_detector.details                ? 
# 
_diffrn_radiation.diffrn_id                        1 
_diffrn_radiation.wavelength_id                    1 
_diffrn_radiation.pdbx_monochromatic_or_laue_m_l   M 
_diffrn_radiation.monochromator                    
'Rosenbaum-Rock high-resolution double-crystal monochromator. LN2 cooled first crystal, sagittal focusing 2nd crystal' 
_diffrn_radiation.pdbx_diffrn_protocol             'SINGLE WAVELENGTH' 
_diffrn_radiation.pdbx_scattering_type             x-ray 
# 
_diffrn_radiation_wavelength.id           1 
_diffrn_radiation_wavelength.wavelength   0.97929 
_diffrn_radiation_wavelength.wt           1.0 
# 
_diffrn_source.diffrn_id                   1 
_diffrn_source.source                      SYNCHROTRON 
_diffrn_source.type                        'APS BEAMLINE 19-ID' 
_diffrn_source.pdbx_synchrotron_site       APS 
_diffrn_source.pdbx_synchrotron_beamline   19-ID 
_diffrn_source.pdbx_wavelength             ? 
_diffrn_source.pdbx_wavelength_list        0.97929 
# 
_reflns.entry_id                     3MJ0 
_reflns.observed_criterion_sigma_I   -3 
_reflns.observed_criterion_sigma_F   0 
_reflns.d_resolution_low             30 
_reflns.d_resolution_high            2.3 
_reflns.number_obs                   7212 
_reflns.number_all                   ? 
_reflns.percent_possible_obs         99.7 
_reflns.pdbx_Rmerge_I_obs            0.045 
_reflns.pdbx_Rsym_value              0.045 
_reflns.pdbx_netI_over_sigmaI        35.04 
_reflns.B_iso_Wilson_estimate        ? 
_reflns.pdbx_redundancy              6.8 
_reflns.R_free_details               ? 
_reflns.pdbx_chi_squared             ? 
_reflns.pdbx_scaling_rejects         ? 
_reflns.pdbx_ordinal                 1 
_reflns.pdbx_diffrn_id               1 
# 
_reflns_shell.d_res_high             2.30 
_reflns_shell.d_res_low              2.38 
_reflns_shell.percent_possible_all   99.1 
_reflns_shell.Rmerge_I_obs           0.327 
_reflns_shell.pdbx_Rsym_value        0.327 
_reflns_shell.meanI_over_sigI_obs    5.578 
_reflns_shell.pdbx_redundancy        5.9 
_reflns_shell.percent_possible_obs   ? 
_reflns_shell.number_unique_all      ? 
_reflns_shell.number_measured_all    ? 
_reflns_shell.number_measured_obs    ? 
_reflns_shell.number_unique_obs      ? 
_reflns_shell.pdbx_chi_squared       ? 
_reflns_shell.pdbx_ordinal           1 
_reflns_shell.pdbx_diffrn_id         1 
# 
_refine.pdbx_refine_id                           'X-RAY DIFFRACTION' 
_refine.entry_id                                 3MJ0 
_refine.ls_number_reflns_obs                     7202 
_refine.ls_number_reflns_all                     ? 
_refine.pdbx_ls_sigma_I                          ? 
_refine.pdbx_ls_sigma_F                          1.34 
_refine.pdbx_data_cutoff_high_absF               ? 
_refine.pdbx_data_cutoff_low_absF                ? 
_refine.pdbx_data_cutoff_high_rms_absF           ? 
_refine.ls_d_res_low                             25.785 
_refine.ls_d_res_high                            2.306 
_refine.ls_percent_reflns_obs                    99.54 
_refine.ls_R_factor_obs                          0.2244 
_refine.ls_R_factor_all                          ? 
_refine.ls_R_factor_R_work                       0.2218 
_refine.ls_R_factor_R_free                       0.2743 
_refine.ls_R_factor_R_free_error                 ? 
_refine.ls_R_factor_R_free_error_details         ? 
_refine.ls_percent_reflns_R_free                 4.68 
_refine.ls_number_reflns_R_free                  337 
_refine.ls_number_parameters                     ? 
_refine.ls_number_restraints                     ? 
_refine.occupancy_min                            ? 
_refine.occupancy_max                            ? 
_refine.correlation_coeff_Fo_to_Fc               ? 
_refine.correlation_coeff_Fo_to_Fc_free          ? 
_refine.B_iso_mean                               ? 
_refine.aniso_B[1][1]                            0.4547 
_refine.aniso_B[2][2]                            0.0596 
_refine.aniso_B[3][3]                            -0.5143 
_refine.aniso_B[1][2]                            0.0000 
_refine.aniso_B[1][3]                            -0.0000 
_refine.aniso_B[2][3]                            0.0000 
_refine.solvent_model_details                    'FLAT BULK SOLVENT MODEL' 
_refine.solvent_model_param_ksol                 0.350 
_refine.solvent_model_param_bsol                 49.515 
_refine.pdbx_solvent_vdw_probe_radii             1.11 
_refine.pdbx_solvent_ion_probe_radii             ? 
_refine.pdbx_solvent_shrinkage_radii             0.90 
_refine.pdbx_ls_cross_valid_method               ? 
_refine.details                                  ? 
_refine.pdbx_starting_model                      'PDB entry 1R6Z' 
_refine.pdbx_method_to_determine_struct          'MOLECULAR REPLACEMENT' 
_refine.pdbx_isotropic_thermal_model             isotropic 
_refine.pdbx_stereochemistry_target_values       MLHL 
_refine.pdbx_stereochem_target_val_spec_case     ? 
_refine.pdbx_R_Free_selection_details            ? 
_refine.pdbx_overall_ESU_R_Free                  ? 
_refine.overall_SU_ML                            0.39 
_refine.pdbx_overall_phase_error                 30.94 
_refine.overall_SU_B                             ? 
_refine.overall_SU_R_Cruickshank_DPI             ? 
_refine.pdbx_overall_SU_R_free_Cruickshank_DPI   ? 
_refine.pdbx_overall_SU_R_Blow_DPI               ? 
_refine.pdbx_overall_SU_R_free_Blow_DPI          ? 
_refine.ls_redundancy_reflns_obs                 ? 
_refine.overall_SU_R_free                        ? 
_refine.ls_wR_factor_R_free                      ? 
_refine.ls_wR_factor_R_work                      ? 
_refine.overall_FOM_free_R_set                   ? 
_refine.overall_FOM_work_R_set                   ? 
_refine.pdbx_diffrn_id                           1 
_refine.pdbx_overall_ESU_R                       ? 
_refine.pdbx_TLS_residual_ADP_flag               ? 
# 
_refine_hist.pdbx_refine_id                   'X-RAY DIFFRACTION' 
_refine_hist.cycle_id                         LAST 
_refine_hist.pdbx_number_atoms_protein        951 
_refine_hist.pdbx_number_atoms_nucleic_acid   186 
_refine_hist.pdbx_number_atoms_ligand         0 
_refine_hist.number_atoms_solvent             33 
_refine_hist.number_atoms_total               1170 
_refine_hist.d_res_high                       2.306 
_refine_hist.d_res_low                        25.785 
# 
loop_
_refine_ls_restr.type 
_refine_ls_restr.dev_ideal 
_refine_ls_restr.dev_ideal_target 
_refine_ls_restr.weight 
_refine_ls_restr.number 
_refine_ls_restr.pdbx_refine_id 
_refine_ls_restr.pdbx_restraint_function 
f_bond_d           0.011  ? ? 1182 'X-RAY DIFFRACTION' ? 
f_angle_d          1.502  ? ? 1609 'X-RAY DIFFRACTION' ? 
f_dihedral_angle_d 19.807 ? ? 445  'X-RAY DIFFRACTION' ? 
f_chiral_restr     0.074  ? ? 184  'X-RAY DIFFRACTION' ? 
f_plane_restr      0.009  ? ? 179  'X-RAY DIFFRACTION' ? 
# 
loop_
_refine_ls_shell.pdbx_refine_id 
_refine_ls_shell.pdbx_total_number_of_bins_used 
_refine_ls_shell.d_res_high 
_refine_ls_shell.d_res_low 
_refine_ls_shell.number_reflns_R_work 
_refine_ls_shell.R_factor_R_work 
_refine_ls_shell.percent_reflns_obs 
_refine_ls_shell.R_factor_R_free 
_refine_ls_shell.R_factor_R_free_error 
_refine_ls_shell.percent_reflns_R_free 
_refine_ls_shell.number_reflns_R_free 
_refine_ls_shell.number_reflns_all 
_refine_ls_shell.R_factor_all 
_refine_ls_shell.redundancy_reflns_obs 
_refine_ls_shell.number_reflns_obs 
'X-RAY DIFFRACTION' . 2.3060 2.9047  3364 0.2758 100.00 0.3416 . . 165 . . . . 
'X-RAY DIFFRACTION' . 2.9047 25.7864 3501 0.2062 100.00 0.2550 . . 172 . . . . 
# 
_struct.entry_id                  3MJ0 
_struct.title                     
;Crystal Structure of Drosophia Ago-PAZ domain in complex with 3'-end 2'-O-methylated RNA
;
_struct.pdbx_model_details        ? 
_struct.pdbx_CASP_flag            ? 
_struct.pdbx_model_type_details   ? 
# 
_struct_keywords.entry_id        3MJ0 
_struct_keywords.pdbx_keywords   'RNA/RNA BINDING PROTEIN' 
_struct_keywords.text            
;Argonaut, PAZ domain, 3'-end 2'-O-methylated ssRNA, RNA-RNA BINDING PROTEIN complex
;
# 
loop_
_struct_asym.id 
_struct_asym.pdbx_blank_PDB_chainid_flag 
_struct_asym.pdbx_modified 
_struct_asym.entity_id 
_struct_asym.details 
A N N 1 ? 
B N N 2 ? 
C N N 3 ? 
D N N 3 ? 
# 
_struct_biol.id        1 
_struct_biol.details   ? 
# 
loop_
_struct_conf.conf_type_id 
_struct_conf.id 
_struct_conf.pdbx_PDB_helix_id 
_struct_conf.beg_label_comp_id 
_struct_conf.beg_label_asym_id 
_struct_conf.beg_label_seq_id 
_struct_conf.pdbx_beg_PDB_ins_code 
_struct_conf.end_label_comp_id 
_struct_conf.end_label_asym_id 
_struct_conf.end_label_seq_id 
_struct_conf.pdbx_end_PDB_ins_code 
_struct_conf.beg_auth_comp_id 
_struct_conf.beg_auth_asym_id 
_struct_conf.beg_auth_seq_id 
_struct_conf.end_auth_comp_id 
_struct_conf.end_auth_asym_id 
_struct_conf.end_auth_seq_id 
_struct_conf.pdbx_PDB_helix_class 
_struct_conf.details 
_struct_conf.pdbx_PDB_helix_length 
HELX_P HELX_P1 1 MET A 5   ? SER A 13  ? MET A 604 SER A 612 1 ? 9  
HELX_P HELX_P2 2 ASN A 23  ? TYR A 26  ? ASN A 622 TYR A 625 5 ? 4  
HELX_P HELX_P3 3 SER A 27  ? ARG A 36  ? SER A 626 ARG A 635 1 ? 10 
HELX_P HELX_P4 4 PRO A 45  ? GLN A 49  ? PRO A 644 GLN A 648 5 ? 5  
HELX_P HELX_P5 5 ILE A 79  ? SER A 85  ? ILE A 678 SER A 684 1 ? 7  
HELX_P HELX_P6 6 PRO A 110 ? GLU A 112 ? PRO A 709 GLU A 711 5 ? 3  
# 
_struct_conf_type.id          HELX_P 
_struct_conf_type.criteria    ? 
_struct_conf_type.reference   ? 
# 
loop_
_struct_conn.id 
_struct_conn.conn_type_id 
_struct_conn.pdbx_leaving_atom_flag 
_struct_conn.pdbx_PDB_id 
_struct_conn.ptnr1_label_asym_id 
_struct_conn.ptnr1_label_comp_id 
_struct_conn.ptnr1_label_seq_id 
_struct_conn.ptnr1_label_atom_id 
_struct_conn.pdbx_ptnr1_label_alt_id 
_struct_conn.pdbx_ptnr1_PDB_ins_code 
_struct_conn.pdbx_ptnr1_standard_comp_id 
_struct_conn.ptnr1_symmetry 
_struct_conn.ptnr2_label_asym_id 
_struct_conn.ptnr2_label_comp_id 
_struct_conn.ptnr2_label_seq_id 
_struct_conn.ptnr2_label_atom_id 
_struct_conn.pdbx_ptnr2_label_alt_id 
_struct_conn.pdbx_ptnr2_PDB_ins_code 
_struct_conn.ptnr1_auth_asym_id 
_struct_conn.ptnr1_auth_comp_id 
_struct_conn.ptnr1_auth_seq_id 
_struct_conn.ptnr2_auth_asym_id 
_struct_conn.ptnr2_auth_comp_id 
_struct_conn.ptnr2_auth_seq_id 
_struct_conn.ptnr2_symmetry 
_struct_conn.pdbx_ptnr3_label_atom_id 
_struct_conn.pdbx_ptnr3_label_seq_id 
_struct_conn.pdbx_ptnr3_label_comp_id 
_struct_conn.pdbx_ptnr3_label_asym_id 
_struct_conn.pdbx_ptnr3_label_alt_id 
_struct_conn.pdbx_ptnr3_PDB_ins_code 
_struct_conn.details 
_struct_conn.pdbx_dist_value 
_struct_conn.pdbx_value_order 
_struct_conn.pdbx_role 
covale1  covale both ? B C 8 "O3'" ? ? ? 1_555 B OMU 9 P  ? ? B C 8 B OMU 9 1_555 ? ? ? ? ? ? ?            1.629 ? ? 
hydrog1  hydrog ?    ? B C 1 N3    ? ? ? 1_555 B G   7 N1 ? ? B C 1 B G   7 3_654 ? ? ? ? ? ? WATSON-CRICK ?     ? ? 
hydrog2  hydrog ?    ? B C 1 N4    ? ? ? 1_555 B G   7 O6 ? ? B C 1 B G   7 3_654 ? ? ? ? ? ? WATSON-CRICK ?     ? ? 
hydrog3  hydrog ?    ? B C 1 O2    ? ? ? 1_555 B G   7 N2 ? ? B C 1 B G   7 3_654 ? ? ? ? ? ? WATSON-CRICK ?     ? ? 
hydrog4  hydrog ?    ? B G 2 N1    ? ? ? 1_555 B C   6 N3 ? ? B G 2 B C   6 3_654 ? ? ? ? ? ? WATSON-CRICK ?     ? ? 
hydrog5  hydrog ?    ? B G 2 N2    ? ? ? 1_555 B C   6 O2 ? ? B G 2 B C   6 3_654 ? ? ? ? ? ? WATSON-CRICK ?     ? ? 
hydrog6  hydrog ?    ? B G 2 O6    ? ? ? 1_555 B C   6 N4 ? ? B G 2 B C   6 3_654 ? ? ? ? ? ? WATSON-CRICK ?     ? ? 
hydrog7  hydrog ?    ? B U 3 N3    ? ? ? 1_555 B A   5 N1 ? ? B U 3 B A   5 3_654 ? ? ? ? ? ? WATSON-CRICK ?     ? ? 
hydrog8  hydrog ?    ? B U 3 O4    ? ? ? 1_555 B A   5 N6 ? ? B U 3 B A   5 3_654 ? ? ? ? ? ? WATSON-CRICK ?     ? ? 
hydrog9  hydrog ?    ? B A 5 N1    ? ? ? 1_555 B U   3 N3 ? ? B A 5 B U   3 3_654 ? ? ? ? ? ? WATSON-CRICK ?     ? ? 
hydrog10 hydrog ?    ? B A 5 N6    ? ? ? 1_555 B U   3 O4 ? ? B A 5 B U   3 3_654 ? ? ? ? ? ? WATSON-CRICK ?     ? ? 
hydrog11 hydrog ?    ? B C 6 N3    ? ? ? 1_555 B G   2 N1 ? ? B C 6 B G   2 3_654 ? ? ? ? ? ? WATSON-CRICK ?     ? ? 
hydrog12 hydrog ?    ? B C 6 N4    ? ? ? 1_555 B G   2 O6 ? ? B C 6 B G   2 3_654 ? ? ? ? ? ? WATSON-CRICK ?     ? ? 
hydrog13 hydrog ?    ? B C 6 O2    ? ? ? 1_555 B G   2 N2 ? ? B C 6 B G   2 3_654 ? ? ? ? ? ? WATSON-CRICK ?     ? ? 
hydrog14 hydrog ?    ? B G 7 N1    ? ? ? 1_555 B C   1 N3 ? ? B G 7 B C   1 3_654 ? ? ? ? ? ? WATSON-CRICK ?     ? ? 
hydrog15 hydrog ?    ? B G 7 N2    ? ? ? 1_555 B C   1 O2 ? ? B G 7 B C   1 3_654 ? ? ? ? ? ? WATSON-CRICK ?     ? ? 
hydrog16 hydrog ?    ? B G 7 O6    ? ? ? 1_555 B C   1 N4 ? ? B G 7 B C   1 3_654 ? ? ? ? ? ? WATSON-CRICK ?     ? ? 
# 
loop_
_struct_conn_type.id 
_struct_conn_type.criteria 
_struct_conn_type.reference 
covale ? ? 
hydrog ? ? 
# 
loop_
_struct_sheet.id 
_struct_sheet.type 
_struct_sheet.number_strands 
_struct_sheet.details 
A ? 4 ? 
B ? 3 ? 
C ? 2 ? 
# 
loop_
_struct_sheet_order.sheet_id 
_struct_sheet_order.range_id_1 
_struct_sheet_order.range_id_2 
_struct_sheet_order.offset 
_struct_sheet_order.sense 
A 1 2 ? anti-parallel 
A 2 3 ? anti-parallel 
A 3 4 ? anti-parallel 
B 1 2 ? anti-parallel 
B 2 3 ? anti-parallel 
C 1 2 ? anti-parallel 
# 
loop_
_struct_sheet_range.sheet_id 
_struct_sheet_range.id 
_struct_sheet_range.beg_label_comp_id 
_struct_sheet_range.beg_label_asym_id 
_struct_sheet_range.beg_label_seq_id 
_struct_sheet_range.pdbx_beg_PDB_ins_code 
_struct_sheet_range.end_label_comp_id 
_struct_sheet_range.end_label_asym_id 
_struct_sheet_range.end_label_seq_id 
_struct_sheet_range.pdbx_end_PDB_ins_code 
_struct_sheet_range.beg_auth_comp_id 
_struct_sheet_range.beg_auth_asym_id 
_struct_sheet_range.beg_auth_seq_id 
_struct_sheet_range.end_auth_comp_id 
_struct_sheet_range.end_auth_asym_id 
_struct_sheet_range.end_auth_seq_id 
A 1 SER A 2   ? PRO A 4   ? SER A 601 PRO A 603 
A 2 CYS A 114 ? GLU A 117 ? CYS A 713 GLU A 716 
A 3 ASN A 39  ? TYR A 42  ? ASN A 638 TYR A 641 
A 4 ARG A 53  ? ARG A 56  ? ARG A 652 ARG A 655 
B 1 GLY A 59  ? PRO A 64  ? GLY A 658 PRO A 663 
B 2 HIS A 96  ? ASN A 99  ? HIS A 695 ASN A 698 
B 3 LEU A 108 ? LEU A 109 ? LEU A 707 LEU A 708 
C 1 THR A 69  ? GLU A 71  ? THR A 668 GLU A 670 
C 2 LYS A 76  ? THR A 78  ? LYS A 675 THR A 677 
# 
loop_
_pdbx_struct_sheet_hbond.sheet_id 
_pdbx_struct_sheet_hbond.range_id_1 
_pdbx_struct_sheet_hbond.range_id_2 
_pdbx_struct_sheet_hbond.range_1_label_atom_id 
_pdbx_struct_sheet_hbond.range_1_label_comp_id 
_pdbx_struct_sheet_hbond.range_1_label_asym_id 
_pdbx_struct_sheet_hbond.range_1_label_seq_id 
_pdbx_struct_sheet_hbond.range_1_PDB_ins_code 
_pdbx_struct_sheet_hbond.range_1_auth_atom_id 
_pdbx_struct_sheet_hbond.range_1_auth_comp_id 
_pdbx_struct_sheet_hbond.range_1_auth_asym_id 
_pdbx_struct_sheet_hbond.range_1_auth_seq_id 
_pdbx_struct_sheet_hbond.range_2_label_atom_id 
_pdbx_struct_sheet_hbond.range_2_label_comp_id 
_pdbx_struct_sheet_hbond.range_2_label_asym_id 
_pdbx_struct_sheet_hbond.range_2_label_seq_id 
_pdbx_struct_sheet_hbond.range_2_PDB_ins_code 
_pdbx_struct_sheet_hbond.range_2_auth_atom_id 
_pdbx_struct_sheet_hbond.range_2_auth_comp_id 
_pdbx_struct_sheet_hbond.range_2_auth_asym_id 
_pdbx_struct_sheet_hbond.range_2_auth_seq_id 
A 1 2 N MET A 3   ? N MET A 602 O ILE A 116 ? O ILE A 715 
A 2 3 O SER A 115 ? O SER A 714 N VAL A 41  ? N VAL A 640 
A 3 4 N TYR A 42  ? N TYR A 641 O ARG A 53  ? O ARG A 652 
B 1 2 N SER A 61  ? N SER A 660 O CYS A 97  ? O CYS A 696 
B 2 3 N LEU A 98  ? N LEU A 697 O LEU A 109 ? O LEU A 708 
C 1 2 N PHE A 70  ? N PHE A 669 O VAL A 77  ? O VAL A 676 
# 
_atom_sites.entry_id                    3MJ0 
_atom_sites.fract_transf_matrix[1][1]   -0.00842316 
_atom_sites.fract_transf_matrix[1][2]   -0.00781723 
_atom_sites.fract_transf_matrix[1][3]   0.00875871 
_atom_sites.fract_transf_matrix[2][1]   0.00600185 
_atom_sites.fract_transf_matrix[2][2]   0.00036247 
_atom_sites.fract_transf_matrix[2][3]   0.00609543 
_atom_sites.fract_transf_matrix[3][1]   -0.01062639 
_atom_sites.fract_transf_matrix[3][2]   0.02172594 
_atom_sites.fract_transf_matrix[3][3]   0.00917133 
_atom_sites.fract_transf_vector[1]      0.281326 
_atom_sites.fract_transf_vector[2]      0.117768 
_atom_sites.fract_transf_vector[3]      0.184565 
# 
loop_
_atom_type.symbol 
C 
N 
O 
P 
S 
# 
loop_
_atom_site.group_PDB 
_atom_site.id 
_atom_site.type_symbol 
_atom_site.label_atom_id 
_atom_site.label_alt_id 
_atom_site.label_comp_id 
_atom_site.label_asym_id 
_atom_site.label_entity_id 
_atom_site.label_seq_id 
_atom_site.pdbx_PDB_ins_code 
_atom_site.Cartn_x 
_atom_site.Cartn_y 
_atom_site.Cartn_z 
_atom_site.occupancy 
_atom_site.B_iso_or_equiv 
_atom_site.pdbx_formal_charge 
_atom_site.auth_seq_id 
_atom_site.auth_comp_id 
_atom_site.auth_asym_id 
_atom_site.auth_atom_id 
_atom_site.pdbx_PDB_model_num 
ATOM   1    N N     . SER A 1 1   ? 10.538  -5.915  -16.899 1.00 65.33  ? 600 SER A N     1 
ATOM   2    C CA    . SER A 1 1   ? 10.403  -4.655  -16.176 1.00 68.88  ? 600 SER A CA    1 
ATOM   3    C C     . SER A 1 1   ? 9.060   -4.588  -15.448 1.00 67.53  ? 600 SER A C     1 
ATOM   4    O O     . SER A 1 1   ? 8.375   -5.603  -15.325 1.00 70.29  ? 600 SER A O     1 
ATOM   5    C CB    . SER A 1 1   ? 10.571  -3.462  -17.123 1.00 74.92  ? 600 SER A CB    1 
ATOM   6    O OG    . SER A 1 1   ? 9.625   -3.500  -18.178 1.00 74.42  ? 600 SER A OG    1 
ATOM   7    N N     . SER A 1 2   ? 8.688   -3.397  -14.980 1.00 62.45  ? 601 SER A N     1 
ATOM   8    C CA    . SER A 1 2   ? 7.519   -3.246  -14.121 1.00 61.77  ? 601 SER A CA    1 
ATOM   9    C C     . SER A 1 2   ? 6.915   -1.848  -14.158 1.00 65.47  ? 601 SER A C     1 
ATOM   10   O O     . SER A 1 2   ? 7.575   -0.882  -14.548 1.00 66.71  ? 601 SER A O     1 
ATOM   11   C CB    . SER A 1 2   ? 7.880   -3.576  -12.671 1.00 63.47  ? 601 SER A CB    1 
ATOM   12   O OG    . SER A 1 2   ? 8.657   -2.535  -12.107 1.00 60.71  ? 601 SER A OG    1 
ATOM   13   N N     . MET A 1 3   ? 5.659   -1.751  -13.721 1.00 60.84  ? 602 MET A N     1 
ATOM   14   C CA    . MET A 1 3   ? 4.962   -0.474  -13.625 1.00 55.67  ? 602 MET A CA    1 
ATOM   15   C C     . MET A 1 3   ? 4.512   -0.186  -12.189 1.00 52.46  ? 602 MET A C     1 
ATOM   16   O O     . MET A 1 3   ? 4.027   -1.074  -11.498 1.00 51.93  ? 602 MET A O     1 
ATOM   17   C CB    . MET A 1 3   ? 3.762   -0.455  -14.575 1.00 53.12  ? 602 MET A CB    1 
ATOM   18   C CG    . MET A 1 3   ? 2.848   0.744   -14.378 1.00 60.07  ? 602 MET A CG    1 
ATOM   19   S SD    . MET A 1 3   ? 1.623   0.998   -15.679 1.00 67.00  ? 602 MET A SD    1 
ATOM   20   C CE    . MET A 1 3   ? 0.448   -0.302  -15.358 1.00 64.41  ? 602 MET A CE    1 
ATOM   21   N N     . PRO A 1 4   ? 4.679   1.064   -11.740 1.00 50.54  ? 603 PRO A N     1 
ATOM   22   C CA    . PRO A 1 4   ? 4.290   1.470   -10.385 1.00 48.35  ? 603 PRO A CA    1 
ATOM   23   C C     . PRO A 1 4   ? 2.813   1.260   -10.157 1.00 52.20  ? 603 PRO A C     1 
ATOM   24   O O     . PRO A 1 4   ? 2.014   1.692   -10.972 1.00 58.02  ? 603 PRO A O     1 
ATOM   25   C CB    . PRO A 1 4   ? 4.574   2.968   -10.372 1.00 52.67  ? 603 PRO A CB    1 
ATOM   26   C CG    . PRO A 1 4   ? 5.590   3.183   -11.443 1.00 55.93  ? 603 PRO A CG    1 
ATOM   27   C CD    . PRO A 1 4   ? 5.291   2.166   -12.500 1.00 53.63  ? 603 PRO A CD    1 
ATOM   28   N N     . MET A 1 5   ? 2.454   0.623   -9.052  1.00 51.47  ? 604 MET A N     1 
ATOM   29   C CA    . MET A 1 5   ? 1.056   0.432   -8.724  1.00 52.57  ? 604 MET A CA    1 
ATOM   30   C C     . MET A 1 5   ? 0.309   1.744   -8.701  1.00 55.38  ? 604 MET A C     1 
ATOM   31   O O     . MET A 1 5   ? -0.889  1.780   -8.959  1.00 58.51  ? 604 MET A O     1 
ATOM   32   C CB    . MET A 1 5   ? 0.895   -0.284  -7.382  1.00 51.24  ? 604 MET A CB    1 
ATOM   33   C CG    . MET A 1 5   ? 1.030   -1.800  -7.483  1.00 50.14  ? 604 MET A CG    1 
ATOM   34   S SD    . MET A 1 5   ? -0.113  -2.504  -8.699  1.00 53.74  ? 604 MET A SD    1 
ATOM   35   C CE    . MET A 1 5   ? -1.671  -1.926  -8.068  1.00 52.26  ? 604 MET A CE    1 
ATOM   36   N N     . ILE A 1 6   ? 1.010   2.828   -8.392  1.00 54.74  ? 605 ILE A N     1 
ATOM   37   C CA    . ILE A 1 6   ? 0.363   4.128   -8.333  1.00 52.91  ? 605 ILE A CA    1 
ATOM   38   C C     . ILE A 1 6   ? -0.150  4.533   -9.719  1.00 61.84  ? 605 ILE A C     1 
ATOM   39   O O     . ILE A 1 6   ? -1.293  4.958   -9.886  1.00 59.30  ? 605 ILE A O     1 
ATOM   40   C CB    . ILE A 1 6   ? 1.317   5.197   -7.814  1.00 55.89  ? 605 ILE A CB    1 
ATOM   41   C CG1   . ILE A 1 6   ? 1.581   4.987   -6.320  1.00 51.55  ? 605 ILE A CG1   1 
ATOM   42   C CG2   . ILE A 1 6   ? 0.726   6.575   -8.053  1.00 60.92  ? 605 ILE A CG2   1 
ATOM   43   C CD1   . ILE A 1 6   ? 0.365   5.247   -5.442  1.00 54.08  ? 605 ILE A CD1   1 
ATOM   44   N N     . GLU A 1 7   ? 0.709   4.349   -10.703 1.00 59.72  ? 606 GLU A N     1 
ATOM   45   C CA    . GLU A 1 7   ? 0.334   4.622   -12.090 1.00 61.38  ? 606 GLU A CA    1 
ATOM   46   C C     . GLU A 1 7   ? -0.718  3.596   -12.491 1.00 63.26  ? 606 GLU A C     1 
ATOM   47   O O     . GLU A 1 7   ? -1.829  3.944   -12.888 1.00 63.43  ? 606 GLU A O     1 
ATOM   48   C CB    . GLU A 1 7   ? 1.589   4.597   -12.973 1.00 56.34  ? 606 GLU A CB    1 
ATOM   49   C CG    . GLU A 1 7   ? 1.359   4.310   -14.436 1.00 60.81  ? 606 GLU A CG    1 
ATOM   50   C CD    . GLU A 1 7   ? 2.685   4.323   -15.187 1.00 61.28  ? 606 GLU A CD    1 
ATOM   51   O OE1   . GLU A 1 7   ? 3.631   4.997   -14.710 1.00 59.44  ? 606 GLU A OE1   1 
ATOM   52   O OE2   . GLU A 1 7   ? 2.790   3.660   -16.241 1.00 65.58  ? 606 GLU A OE2   1 
ATOM   53   N N     . TYR A 1 8   ? -0.332  2.318   -12.375 1.00 58.52  ? 607 TYR A N     1 
ATOM   54   C CA    . TYR A 1 8   ? -1.227  1.227   -12.737 1.00 61.56  ? 607 TYR A CA    1 
ATOM   55   C C     . TYR A 1 8   ? -2.657  1.408   -12.248 1.00 66.67  ? 607 TYR A C     1 
ATOM   56   O O     . TYR A 1 8   ? -3.602  1.013   -12.929 1.00 65.02  ? 607 TYR A O     1 
ATOM   57   C CB    . TYR A 1 8   ? -0.659  -0.095  -12.234 1.00 60.66  ? 607 TYR A CB    1 
ATOM   58   C CG    . TYR A 1 8   ? -1.537  -1.296  -12.497 1.00 64.13  ? 607 TYR A CG    1 
ATOM   59   C CD1   . TYR A 1 8   ? -1.367  -2.074  -13.639 1.00 64.58  ? 607 TYR A CD1   1 
ATOM   60   C CD2   . TYR A 1 8   ? -2.523  -1.666  -11.596 1.00 62.06  ? 607 TYR A CD2   1 
ATOM   61   C CE1   . TYR A 1 8   ? -2.167  -3.180  -13.884 1.00 61.11  ? 607 TYR A CE1   1 
ATOM   62   C CE2   . TYR A 1 8   ? -3.326  -2.773  -11.830 1.00 63.68  ? 607 TYR A CE2   1 
ATOM   63   C CZ    . TYR A 1 8   ? -3.144  -3.525  -12.974 1.00 65.34  ? 607 TYR A CZ    1 
ATOM   64   O OH    . TYR A 1 8   ? -3.942  -4.632  -13.201 1.00 63.73  ? 607 TYR A OH    1 
ATOM   65   N N     . LEU A 1 9   ? -2.807  2.019   -11.092 1.00 64.28  ? 608 LEU A N     1 
ATOM   66   C CA    . LEU A 1 9   ? -4.153  2.260   -10.604 1.00 64.92  ? 608 LEU A CA    1 
ATOM   67   C C     . LEU A 1 9   ? -4.707  3.476   -11.297 1.00 66.96  ? 608 LEU A C     1 
ATOM   68   O O     . LEU A 1 9   ? -5.796  3.485   -11.860 1.00 71.01  ? 608 LEU A O     1 
ATOM   69   C CB    . LEU A 1 9   ? -4.171  2.555   -9.089  1.00 60.38  ? 608 LEU A CB    1 
ATOM   70   C CG    . LEU A 1 9   ? -3.854  1.408   -8.124  1.00 65.76  ? 608 LEU A CG    1 
ATOM   71   C CD1   . LEU A 1 9   ? -4.366  1.714   -6.725  1.00 55.76  ? 608 LEU A CD1   1 
ATOM   72   C CD2   . LEU A 1 9   ? -4.434  0.096   -8.638  1.00 67.16  ? 608 LEU A CD2   1 
ATOM   73   N N     . GLU A 1 10  ? -3.889  4.507   -11.236 1.00 68.24  ? 609 GLU A N     1 
ATOM   74   C CA    . GLU A 1 10  ? -4.309  5.727   -11.849 1.00 72.37  ? 609 GLU A CA    1 
ATOM   75   C C     . GLU A 1 10  ? -4.888  5.476   -13.256 1.00 74.36  ? 609 GLU A C     1 
ATOM   76   O O     . GLU A 1 10  ? -5.738  6.212   -13.749 1.00 74.55  ? 609 GLU A O     1 
ATOM   77   C CB    . GLU A 1 10  ? -3.138  6.713   -11.944 1.00 71.10  ? 609 GLU A CB    1 
ATOM   78   C CG    . GLU A 1 10  ? -2.790  7.375   -10.633 1.00 69.68  ? 609 GLU A CG    1 
ATOM   79   C CD    . GLU A 1 10  ? -1.630  8.355   -10.750 1.00 66.48  ? 609 GLU A CD    1 
ATOM   80   O OE1   . GLU A 1 10  ? -0.765  8.162   -11.628 1.00 60.18  ? 609 GLU A OE1   1 
ATOM   81   O OE2   . GLU A 1 10  ? -1.578  9.316   -9.956  1.00 67.16  ? 609 GLU A OE2   1 
ATOM   82   N N     . ARG A 1 11  ? -4.398  4.426   -13.892 1.00 72.78  ? 610 ARG A N     1 
ATOM   83   C CA    . ARG A 1 11  ? -4.773  4.173   -15.274 1.00 66.04  ? 610 ARG A CA    1 
ATOM   84   C C     . ARG A 1 11  ? -5.927  3.244   -15.526 1.00 70.12  ? 610 ARG A C     1 
ATOM   85   O O     . ARG A 1 11  ? -6.739  3.508   -16.414 1.00 72.73  ? 610 ARG A O     1 
ATOM   86   C CB    . ARG A 1 11  ? -3.567  3.598   -16.022 1.00 62.15  ? 610 ARG A CB    1 
ATOM   87   C CG    . ARG A 1 11  ? -2.442  4.572   -16.292 1.00 67.65  ? 610 ARG A CG    1 
ATOM   88   C CD    . ARG A 1 11  ? -1.297  3.880   -17.009 1.00 66.70  ? 610 ARG A CD    1 
ATOM   89   N NE    . ARG A 1 11  ? -1.697  3.341   -18.301 1.00 58.86  ? 610 ARG A NE    1 
ATOM   90   C CZ    . ARG A 1 11  ? -0.850  3.067   -19.290 1.00 66.43  ? 610 ARG A CZ    1 
ATOM   91   N NH1   . ARG A 1 11  ? 0.451   3.290   -19.149 1.00 68.91  ? 610 ARG A NH1   1 
ATOM   92   N NH2   . ARG A 1 11  ? -1.302  2.579   -20.434 1.00 69.09  ? 610 ARG A NH2   1 
ATOM   93   N N     . PHE A 1 12  ? -6.022  2.180   -14.788 1.00 68.49  ? 611 PHE A N     1 
ATOM   94   C CA    . PHE A 1 12  ? -7.069  1.245   -15.166 1.00 63.00  ? 611 PHE A CA    1 
ATOM   95   C C     . PHE A 1 12  ? -8.314  1.273   -14.272 1.00 67.11  ? 611 PHE A C     1 
ATOM   96   O O     . PHE A 1 12  ? -9.411  1.003   -14.742 1.00 70.41  ? 611 PHE A O     1 
ATOM   97   C CB    . PHE A 1 12  ? -6.400  -0.133  -15.268 1.00 60.07  ? 611 PHE A CB    1 
ATOM   98   C CG    . PHE A 1 12  ? -5.235  -0.106  -16.212 1.00 63.21  ? 611 PHE A CG    1 
ATOM   99   C CD1   . PHE A 1 12  ? -3.929  -0.064  -15.765 1.00 62.84  ? 611 PHE A CD1   1 
ATOM   100  C CD2   . PHE A 1 12  ? -5.466  -0.091  -17.574 1.00 66.52  ? 611 PHE A CD2   1 
ATOM   101  C CE1   . PHE A 1 12  ? -2.876  -0.028  -16.653 1.00 59.44  ? 611 PHE A CE1   1 
ATOM   102  C CE2   . PHE A 1 12  ? -4.415  -0.050  -18.471 1.00 62.63  ? 611 PHE A CE2   1 
ATOM   103  C CZ    . PHE A 1 12  ? -3.120  -0.018  -18.008 1.00 64.82  ? 611 PHE A CZ    1 
ATOM   104  N N     . SER A 1 13  ? -8.167  1.591   -13.004 1.00 69.03  ? 612 SER A N     1 
ATOM   105  C CA    . SER A 1 13  ? -9.298  1.533   -12.078 1.00 67.32  ? 612 SER A CA    1 
ATOM   106  C C     . SER A 1 13  ? -9.782  2.855   -11.583 1.00 75.86  ? 612 SER A C     1 
ATOM   107  O O     . SER A 1 13  ? -10.984 3.060   -11.432 1.00 81.06  ? 612 SER A O     1 
ATOM   108  C CB    . SER A 1 13  ? -8.927  0.624   -10.920 1.00 70.40  ? 612 SER A CB    1 
ATOM   109  O OG    . SER A 1 13  ? -10.073 0.219   -10.203 1.00 76.42  ? 612 SER A OG    1 
ATOM   110  N N     . LEU A 1 14  ? -8.849  3.728   -11.309 1.00 74.10  ? 613 LEU A N     1 
ATOM   111  C CA    . LEU A 1 14  ? -9.277  5.026   -11.078 1.00 76.51  ? 613 LEU A CA    1 
ATOM   112  C C     . LEU A 1 14  ? -9.140  5.631   -12.500 1.00 78.68  ? 613 LEU A C     1 
ATOM   113  O O     . LEU A 1 14  ? -8.593  4.964   -13.392 1.00 76.67  ? 613 LEU A O     1 
ATOM   114  C CB    . LEU A 1 14  ? -8.509  5.654   -9.895  1.00 73.60  ? 613 LEU A CB    1 
ATOM   115  C CG    . LEU A 1 14  ? -8.692  4.921   -8.545  1.00 74.35  ? 613 LEU A CG    1 
ATOM   116  C CD1   . LEU A 1 14  ? -7.898  5.589   -7.434  1.00 76.45  ? 613 LEU A CD1   1 
ATOM   117  C CD2   . LEU A 1 14  ? -10.169 4.862   -8.186  1.00 79.87  ? 613 LEU A CD2   1 
ATOM   118  N N     . LYS A 1 15  ? -9.597  6.832   -12.736 1.00 80.80  ? 614 LYS A N     1 
ATOM   119  C CA    . LYS A 1 15  ? -9.380  7.454   -14.023 1.00 81.94  ? 614 LYS A CA    1 
ATOM   120  C C     . LYS A 1 15  ? -8.524  8.645   -13.719 1.00 82.50  ? 614 LYS A C     1 
ATOM   121  O O     . LYS A 1 15  ? -7.839  9.197   -14.589 1.00 82.52  ? 614 LYS A O     1 
ATOM   122  C CB    . LYS A 1 15  ? -10.672 7.877   -14.719 1.00 86.92  ? 614 LYS A CB    1 
ATOM   123  C CG    . LYS A 1 15  ? -11.822 8.251   -13.788 1.00 87.22  ? 614 LYS A CG    1 
ATOM   124  C CD    . LYS A 1 15  ? -12.532 9.502   -14.290 1.00 85.92  ? 614 LYS A CD    1 
ATOM   125  C CE    . LYS A 1 15  ? -14.042 9.333   -14.311 1.00 79.92  ? 614 LYS A CE    1 
ATOM   126  N NZ    . LYS A 1 15  ? -14.735 10.588  -14.708 1.00 75.40  ? 614 LYS A NZ    1 
ATOM   127  N N     . ALA A 1 16  ? -8.581  9.031   -12.469 1.00 78.41  ? 615 ALA A N     1 
ATOM   128  C CA    . ALA A 1 16  ? -7.876  10.180  -12.023 1.00 77.71  ? 615 ALA A CA    1 
ATOM   129  C C     . ALA A 1 16  ? -6.505  9.838   -11.487 1.00 81.90  ? 615 ALA A C     1 
ATOM   130  O O     . ALA A 1 16  ? -6.137  8.687   -11.329 1.00 82.62  ? 615 ALA A O     1 
ATOM   131  C CB    . ALA A 1 16  ? -8.673  10.902  -10.950 1.00 79.87  ? 615 ALA A CB    1 
ATOM   132  N N     . LYS A 1 17  ? -5.753  10.908  -11.212 1.00 81.88  ? 616 LYS A N     1 
ATOM   133  C CA    . LYS A 1 17  ? -4.417  10.789  -10.662 1.00 76.35  ? 616 LYS A CA    1 
ATOM   134  C C     . LYS A 1 17  ? -4.437  11.037  -9.163  1.00 82.27  ? 616 LYS A C     1 
ATOM   135  O O     . LYS A 1 17  ? -5.155  11.891  -8.662  1.00 82.80  ? 616 LYS A O     1 
ATOM   136  C CB    . LYS A 1 17  ? -3.431  11.746  -11.343 1.00 75.57  ? 616 LYS A CB    1 
ATOM   137  C CG    . LYS A 1 17  ? -3.468  11.677  -12.867 1.00 78.40  ? 616 LYS A CG    1 
ATOM   138  C CD    . LYS A 1 17  ? -2.096  11.407  -13.454 1.00 80.82  ? 616 LYS A CD    1 
ATOM   139  C CE    . LYS A 1 17  ? -2.107  11.473  -14.981 1.00 90.40  ? 616 LYS A CE    1 
ATOM   140  N NZ    . LYS A 1 17  ? -2.328  12.856  -15.475 1.00 95.35  ? 616 LYS A NZ    1 
ATOM   141  N N     . ILE A 1 18  ? -3.613  10.267  -8.460  1.00 81.41  ? 617 ILE A N     1 
ATOM   142  C CA    . ILE A 1 18  ? -3.477  10.381  -7.020  1.00 74.32  ? 617 ILE A CA    1 
ATOM   143  C C     . ILE A 1 18  ? -2.648  11.609  -6.696  1.00 72.65  ? 617 ILE A C     1 
ATOM   144  O O     . ILE A 1 18  ? -1.686  11.922  -7.377  1.00 73.26  ? 617 ILE A O     1 
ATOM   145  C CB    . ILE A 1 18  ? -2.803  9.138   -6.415  1.00 68.62  ? 617 ILE A CB    1 
ATOM   146  C CG1   . ILE A 1 18  ? -3.717  7.918   -6.545  1.00 65.61  ? 617 ILE A CG1   1 
ATOM   147  C CG2   . ILE A 1 18  ? -2.439  9.385   -4.959  1.00 67.18  ? 617 ILE A CG2   1 
ATOM   148  C CD1   . ILE A 1 18  ? -3.022  6.690   -7.090  1.00 63.45  ? 617 ILE A CD1   1 
ATOM   149  N N     . ASN A 1 19  ? -3.061  12.288  -5.639  1.00 71.32  ? 618 ASN A N     1 
ATOM   150  C CA    . ASN A 1 19  ? -2.400  13.479  -5.164  1.00 71.34  ? 618 ASN A CA    1 
ATOM   151  C C     . ASN A 1 19  ? -2.367  13.340  -3.662  1.00 74.12  ? 618 ASN A C     1 
ATOM   152  O O     . ASN A 1 19  ? -2.916  12.387  -3.109  1.00 75.17  ? 618 ASN A O     1 
ATOM   153  C CB    . ASN A 1 19  ? -3.128  14.759  -5.600  1.00 74.08  ? 618 ASN A CB    1 
ATOM   154  C CG    . ASN A 1 19  ? -4.545  14.823  -5.077  1.00 71.70  ? 618 ASN A CG    1 
ATOM   155  O OD1   . ASN A 1 19  ? -4.786  14.418  -3.944  1.00 70.59  ? 618 ASN A OD1   1 
ATOM   156  N ND2   . ASN A 1 19  ? -5.471  15.325  -5.886  1.00 74.76  ? 618 ASN A ND2   1 
ATOM   157  N N     . ASN A 1 20  ? -1.709  14.255  -3.008  1.00 74.14  ? 619 ASN A N     1 
ATOM   158  C CA    . ASN A 1 20  ? -1.543  14.129  -1.578  1.00 69.94  ? 619 ASN A CA    1 
ATOM   159  C C     . ASN A 1 20  ? -2.858  14.206  -0.848  1.00 71.51  ? 619 ASN A C     1 
ATOM   160  O O     . ASN A 1 20  ? -2.897  14.211  0.381   1.00 74.62  ? 619 ASN A O     1 
ATOM   161  C CB    . ASN A 1 20  ? -0.529  15.183  -1.059  1.00 77.86  ? 619 ASN A CB    1 
ATOM   162  C CG    . ASN A 1 20  ? -0.886  16.617  -1.421  1.00 81.20  ? 619 ASN A CG    1 
ATOM   163  O OD1   . ASN A 1 20  ? -1.161  16.928  -2.585  1.00 77.35  ? 619 ASN A OD1   1 
ATOM   164  N ND2   . ASN A 1 20  ? -0.887  17.498  -0.423  1.00 79.28  ? 619 ASN A ND2   1 
ATOM   165  N N     . THR A 1 21  ? -3.899  14.242  -1.638  1.00 72.45  ? 620 THR A N     1 
ATOM   166  C CA    . THR A 1 21  ? -5.176  14.520  -1.028  1.00 70.91  ? 620 THR A CA    1 
ATOM   167  C C     . THR A 1 21  ? -6.243  13.497  -1.337  1.00 67.60  ? 620 THR A C     1 
ATOM   168  O O     . THR A 1 21  ? -7.271  13.452  -0.657  1.00 70.19  ? 620 THR A O     1 
ATOM   169  C CB    . THR A 1 21  ? -5.641  15.912  -1.440  1.00 78.02  ? 620 THR A CB    1 
ATOM   170  O OG1   . THR A 1 21  ? -4.504  16.751  -1.647  1.00 82.86  ? 620 THR A OG1   1 
ATOM   171  C CG2   . THR A 1 21  ? -6.521  16.506  -0.362  1.00 75.64  ? 620 THR A CG2   1 
ATOM   172  N N     . THR A 1 22  ? -6.038  12.654  -2.340  1.00 66.30  ? 621 THR A N     1 
ATOM   173  C CA    . THR A 1 22  ? -7.085  11.678  -2.721  1.00 67.12  ? 621 THR A CA    1 
ATOM   174  C C     . THR A 1 22  ? -7.443  10.632  -1.626  1.00 64.85  ? 621 THR A C     1 
ATOM   175  O O     . THR A 1 22  ? -6.575  10.156  -0.898  1.00 62.95  ? 621 THR A O     1 
ATOM   176  C CB    . THR A 1 22  ? -6.695  10.920  -3.981  1.00 61.28  ? 621 THR A CB    1 
ATOM   177  O OG1   . THR A 1 22  ? -6.524  9.535   -3.657  1.00 61.58  ? 621 THR A OG1   1 
ATOM   178  C CG2   . THR A 1 22  ? -5.397  11.476  -4.536  1.00 64.31  ? 621 THR A CG2   1 
ATOM   179  N N     . ASN A 1 23  ? -8.731  10.315  -1.548  1.00 62.67  ? 622 ASN A N     1 
ATOM   180  C CA    . ASN A 1 23  ? -9.247  9.381   -0.550  1.00 64.63  ? 622 ASN A CA    1 
ATOM   181  C C     . ASN A 1 23  ? -9.893  8.174   -1.203  1.00 66.39  ? 622 ASN A C     1 
ATOM   182  O O     . ASN A 1 23  ? -11.025 8.241   -1.671  1.00 69.11  ? 622 ASN A O     1 
ATOM   183  C CB    . ASN A 1 23  ? -10.255 10.113  0.333   1.00 67.21  ? 622 ASN A CB    1 
ATOM   184  C CG    . ASN A 1 23  ? -10.771 9.252   1.476   1.00 72.82  ? 622 ASN A CG    1 
ATOM   185  O OD1   . ASN A 1 23  ? -10.446 8.070   1.582   1.00 69.29  ? 622 ASN A OD1   1 
ATOM   186  N ND2   . ASN A 1 23  ? -11.583 9.850   2.341   1.00 71.35  ? 622 ASN A ND2   1 
ATOM   187  N N     . LEU A 1 24  ? -9.163  7.066   -1.224  1.00 67.19  ? 623 LEU A N     1 
ATOM   188  C CA    . LEU A 1 24  ? -9.602  5.868   -1.924  1.00 63.71  ? 623 LEU A CA    1 
ATOM   189  C C     . LEU A 1 24  ? -10.816 5.223   -1.261  1.00 67.38  ? 623 LEU A C     1 
ATOM   190  O O     . LEU A 1 24  ? -11.432 4.337   -1.844  1.00 67.77  ? 623 LEU A O     1 
ATOM   191  C CB    . LEU A 1 24  ? -8.463  4.851   -2.022  1.00 55.80  ? 623 LEU A CB    1 
ATOM   192  C CG    . LEU A 1 24  ? -7.226  5.318   -2.787  1.00 61.59  ? 623 LEU A CG    1 
ATOM   193  C CD1   . LEU A 1 24  ? -6.129  4.250   -2.779  1.00 50.66  ? 623 LEU A CD1   1 
ATOM   194  C CD2   . LEU A 1 24  ? -7.601  5.719   -4.207  1.00 51.00  ? 623 LEU A CD2   1 
ATOM   195  N N     . ASP A 1 25  ? -11.152 5.648   -0.044  1.00 68.95  ? 624 ASP A N     1 
ATOM   196  C CA    . ASP A 1 25  ? -12.317 5.093   0.648   1.00 68.16  ? 624 ASP A CA    1 
ATOM   197  C C     . ASP A 1 25  ? -13.562 5.340   -0.210  1.00 73.50  ? 624 ASP A C     1 
ATOM   198  O O     . ASP A 1 25  ? -14.561 4.625   -0.108  1.00 68.85  ? 624 ASP A O     1 
ATOM   199  C CB    . ASP A 1 25  ? -12.469 5.713   2.044   1.00 72.49  ? 624 ASP A CB    1 
ATOM   200  C CG    . ASP A 1 25  ? -13.273 4.831   3.003   1.00 76.86  ? 624 ASP A CG    1 
ATOM   201  O OD1   . ASP A 1 25  ? -12.746 3.788   3.462   1.00 77.20  ? 624 ASP A OD1   1 
ATOM   202  O OD2   . ASP A 1 25  ? -14.429 5.192   3.311   1.00 73.78  ? 624 ASP A OD2   1 
ATOM   203  N N     . TYR A 1 26  ? -13.468 6.343   -1.079  1.00 75.45  ? 625 TYR A N     1 
ATOM   204  C CA    . TYR A 1 26  ? -14.564 6.722   -1.964  1.00 77.01  ? 625 TYR A CA    1 
ATOM   205  C C     . TYR A 1 26  ? -14.621 5.991   -3.302  1.00 76.40  ? 625 TYR A C     1 
ATOM   206  O O     . TYR A 1 26  ? -15.695 5.856   -3.904  1.00 76.76  ? 625 TYR A O     1 
ATOM   207  C CB    . TYR A 1 26  ? -14.421 8.190   -2.380  1.00 79.66  ? 625 TYR A CB    1 
ATOM   208  C CG    . TYR A 1 26  ? -14.646 9.175   -1.254  1.00 78.70  ? 625 TYR A CG    1 
ATOM   209  C CD1   . TYR A 1 26  ? -15.446 8.843   -0.165  1.00 76.49  ? 625 TYR A CD1   1 
ATOM   210  C CD2   . TYR A 1 26  ? -14.074 10.445  -1.291  1.00 79.88  ? 625 TYR A CD2   1 
ATOM   211  C CE1   . TYR A 1 26  ? -15.664 9.744   0.866   1.00 79.92  ? 625 TYR A CE1   1 
ATOM   212  C CE2   . TYR A 1 26  ? -14.283 11.356  -0.267  1.00 79.80  ? 625 TYR A CE2   1 
ATOM   213  C CZ    . TYR A 1 26  ? -15.080 11.000  0.814   1.00 82.82  ? 625 TYR A CZ    1 
ATOM   214  O OH    . TYR A 1 26  ? -15.292 11.902  1.845   1.00 80.54  ? 625 TYR A OH    1 
ATOM   215  N N     . SER A 1 27  ? -13.456 5.533   -3.761  1.00 73.43  ? 626 SER A N     1 
ATOM   216  C CA    . SER A 1 27  ? -13.318 4.854   -5.051  1.00 68.59  ? 626 SER A CA    1 
ATOM   217  C C     . SER A 1 27  ? -13.345 3.366   -4.749  1.00 66.39  ? 626 SER A C     1 
ATOM   218  O O     . SER A 1 27  ? -12.965 2.544   -5.574  1.00 64.63  ? 626 SER A O     1 
ATOM   219  C CB    . SER A 1 27  ? -12.008 5.204   -5.759  1.00 68.69  ? 626 SER A CB    1 
ATOM   220  O OG    . SER A 1 27  ? -11.663 6.564   -5.568  1.00 71.79  ? 626 SER A OG    1 
ATOM   221  N N     . ARG A 1 28  ? -13.810 3.028   -3.556  1.00 68.37  ? 627 ARG A N     1 
ATOM   222  C CA    . ARG A 1 28  ? -13.627 1.690   -3.024  1.00 68.29  ? 627 ARG A CA    1 
ATOM   223  C C     . ARG A 1 28  ? -14.499 0.637   -3.703  1.00 76.24  ? 627 ARG A C     1 
ATOM   224  O O     . ARG A 1 28  ? -14.041 -0.478  -3.967  1.00 72.66  ? 627 ARG A O     1 
ATOM   225  C CB    . ARG A 1 28  ? -13.873 1.698   -1.517  1.00 72.98  ? 627 ARG A CB    1 
ATOM   226  C CG    . ARG A 1 28  ? -13.333 0.481   -0.801  1.00 71.82  ? 627 ARG A CG    1 
ATOM   227  C CD    . ARG A 1 28  ? -13.334 0.679   0.708   1.00 71.49  ? 627 ARG A CD    1 
ATOM   228  N NE    . ARG A 1 28  ? -12.667 -0.430  1.378   1.00 72.66  ? 627 ARG A NE    1 
ATOM   229  C CZ    . ARG A 1 28  ? -11.624 -0.298  2.190   1.00 63.81  ? 627 ARG A CZ    1 
ATOM   230  N NH1   . ARG A 1 28  ? -11.135 0.908   2.460   1.00 61.43  ? 627 ARG A NH1   1 
ATOM   231  N NH2   . ARG A 1 28  ? -11.080 -1.377  2.745   1.00 68.91  ? 627 ARG A NH2   1 
ATOM   232  N N     . ARG A 1 29  ? -15.753 0.985   -3.974  1.00 77.16  ? 628 ARG A N     1 
ATOM   233  C CA    . ARG A 1 29  ? -16.692 0.024   -4.544  1.00 76.66  ? 628 ARG A CA    1 
ATOM   234  C C     . ARG A 1 29  ? -16.028 -0.870  -5.580  1.00 76.33  ? 628 ARG A C     1 
ATOM   235  O O     . ARG A 1 29  ? -16.176 -2.092  -5.544  1.00 72.94  ? 628 ARG A O     1 
ATOM   236  C CB    . ARG A 1 29  ? -17.884 0.739   -5.182  1.00 81.71  ? 628 ARG A CB    1 
ATOM   237  C CG    . ARG A 1 29  ? -19.153 0.689   -4.345  1.00 92.54  ? 628 ARG A CG    1 
ATOM   238  C CD    . ARG A 1 29  ? -20.359 1.204   -5.129  1.00 97.62  ? 628 ARG A CD    1 
ATOM   239  N NE    . ARG A 1 29  ? -20.707 0.327   -6.248  1.00 104.32 ? 628 ARG A NE    1 
ATOM   240  C CZ    . ARG A 1 29  ? -21.931 -0.143  -6.485  1.00 109.40 ? 628 ARG A CZ    1 
ATOM   241  N NH1   . ARG A 1 29  ? -22.935 0.177   -5.673  1.00 109.82 ? 628 ARG A NH1   1 
ATOM   242  N NH2   . ARG A 1 29  ? -22.150 -0.933  -7.534  1.00 106.61 ? 628 ARG A NH2   1 
ATOM   243  N N     . PHE A 1 30  ? -15.284 -0.251  -6.491  1.00 69.42  ? 629 PHE A N     1 
ATOM   244  C CA    . PHE A 1 30  ? -14.746 -0.958  -7.645  1.00 69.84  ? 629 PHE A CA    1 
ATOM   245  C C     . PHE A 1 30  ? -13.247 -1.186  -7.548  1.00 70.73  ? 629 PHE A C     1 
ATOM   246  O O     . PHE A 1 30  ? -12.702 -2.089  -8.187  1.00 70.21  ? 629 PHE A O     1 
ATOM   247  C CB    . PHE A 1 30  ? -15.044 -0.173  -8.918  1.00 72.05  ? 629 PHE A CB    1 
ATOM   248  C CG    . PHE A 1 30  ? -14.336 1.143   -8.991  1.00 74.73  ? 629 PHE A CG    1 
ATOM   249  C CD1   . PHE A 1 30  ? -13.284 1.333   -9.872  1.00 77.63  ? 629 PHE A CD1   1 
ATOM   250  C CD2   . PHE A 1 30  ? -14.718 2.191   -8.170  1.00 75.75  ? 629 PHE A CD2   1 
ATOM   251  C CE1   . PHE A 1 30  ? -12.628 2.552   -9.938  1.00 77.60  ? 629 PHE A CE1   1 
ATOM   252  C CE2   . PHE A 1 30  ? -14.065 3.413   -8.228  1.00 75.97  ? 629 PHE A CE2   1 
ATOM   253  C CZ    . PHE A 1 30  ? -13.017 3.593   -9.112  1.00 77.25  ? 629 PHE A CZ    1 
ATOM   254  N N     . LEU A 1 31  ? -12.579 -0.359  -6.759  1.00 70.98  ? 630 LEU A N     1 
ATOM   255  C CA    . LEU A 1 31  ? -11.137 -0.457  -6.625  1.00 65.95  ? 630 LEU A CA    1 
ATOM   256  C C     . LEU A 1 31  ? -10.751 -1.813  -6.071  1.00 58.21  ? 630 LEU A C     1 
ATOM   257  O O     . LEU A 1 31  ? -9.892  -2.494  -6.616  1.00 58.90  ? 630 LEU A O     1 
ATOM   258  C CB    . LEU A 1 31  ? -10.617 0.643   -5.708  1.00 67.73  ? 630 LEU A CB    1 
ATOM   259  C CG    . LEU A 1 31  ? -9.221  1.146   -6.048  1.00 63.37  ? 630 LEU A CG    1 
ATOM   260  C CD1   . LEU A 1 31  ? -9.090  1.336   -7.533  1.00 70.40  ? 630 LEU A CD1   1 
ATOM   261  C CD2   . LEU A 1 31  ? -8.961  2.451   -5.332  1.00 70.44  ? 630 LEU A CD2   1 
ATOM   262  N N     . GLU A 1 32  ? -11.407 -2.211  -4.994  1.00 57.99  ? 631 GLU A N     1 
ATOM   263  C CA    . GLU A 1 32  ? -11.035 -3.442  -4.320  1.00 61.48  ? 631 GLU A CA    1 
ATOM   264  C C     . GLU A 1 32  ? -11.135 -4.691  -5.194  1.00 64.81  ? 631 GLU A C     1 
ATOM   265  O O     . GLU A 1 32  ? -10.208 -5.494  -5.247  1.00 62.05  ? 631 GLU A O     1 
ATOM   266  C CB    . GLU A 1 32  ? -11.841 -3.623  -3.044  1.00 58.72  ? 631 GLU A CB    1 
ATOM   267  C CG    . GLU A 1 32  ? -11.205 -4.604  -2.087  1.00 65.88  ? 631 GLU A CG    1 
ATOM   268  C CD    . GLU A 1 32  ? -11.413 -4.201  -0.645  1.00 68.74  ? 631 GLU A CD    1 
ATOM   269  O OE1   . GLU A 1 32  ? -12.170 -3.232  -0.413  1.00 74.45  ? 631 GLU A OE1   1 
ATOM   270  O OE2   . GLU A 1 32  ? -10.827 -4.847  0.250   1.00 66.79  ? 631 GLU A OE2   1 
ATOM   271  N N     . PRO A 1 33  ? -12.267 -4.868  -5.880  1.00 64.34  ? 632 PRO A N     1 
ATOM   272  C CA    . PRO A 1 33  ? -12.405 -6.054  -6.731  1.00 60.91  ? 632 PRO A CA    1 
ATOM   273  C C     . PRO A 1 33  ? -11.403 -6.004  -7.875  1.00 56.54  ? 632 PRO A C     1 
ATOM   274  O O     . PRO A 1 33  ? -10.910 -7.034  -8.360  1.00 52.37  ? 632 PRO A O     1 
ATOM   275  C CB    . PRO A 1 33  ? -13.836 -5.938  -7.273  1.00 65.66  ? 632 PRO A CB    1 
ATOM   276  C CG    . PRO A 1 33  ? -14.220 -4.510  -7.082  1.00 64.86  ? 632 PRO A CG    1 
ATOM   277  C CD    . PRO A 1 33  ? -13.461 -4.006  -5.910  1.00 65.38  ? 632 PRO A CD    1 
ATOM   278  N N     . PHE A 1 34  ? -11.102 -4.782  -8.294  1.00 56.91  ? 633 PHE A N     1 
ATOM   279  C CA    . PHE A 1 34  ? -10.083 -4.554  -9.289  1.00 55.98  ? 633 PHE A CA    1 
ATOM   280  C C     . PHE A 1 34  ? -8.715  -5.050  -8.812  1.00 56.27  ? 633 PHE A C     1 
ATOM   281  O O     . PHE A 1 34  ? -7.997  -5.711  -9.561  1.00 55.10  ? 633 PHE A O     1 
ATOM   282  C CB    . PHE A 1 34  ? -10.021 -3.073  -9.657  1.00 61.62  ? 633 PHE A CB    1 
ATOM   283  C CG    . PHE A 1 34  ? -8.981  -2.766  -10.688 1.00 62.67  ? 633 PHE A CG    1 
ATOM   284  C CD1   . PHE A 1 34  ? -9.265  -2.896  -12.029 1.00 58.78  ? 633 PHE A CD1   1 
ATOM   285  C CD2   . PHE A 1 34  ? -7.708  -2.381  -10.314 1.00 64.43  ? 633 PHE A CD2   1 
ATOM   286  C CE1   . PHE A 1 34  ? -8.308  -2.637  -12.981 1.00 65.95  ? 633 PHE A CE1   1 
ATOM   287  C CE2   . PHE A 1 34  ? -6.743  -2.120  -11.264 1.00 70.21  ? 633 PHE A CE2   1 
ATOM   288  C CZ    . PHE A 1 34  ? -7.043  -2.247  -12.600 1.00 67.51  ? 633 PHE A CZ    1 
ATOM   289  N N     . LEU A 1 35  ? -8.376  -4.742  -7.560  1.00 56.42  ? 634 LEU A N     1 
ATOM   290  C CA    . LEU A 1 35  ? -7.066  -5.075  -6.975  1.00 53.91  ? 634 LEU A CA    1 
ATOM   291  C C     . LEU A 1 35  ? -6.940  -6.516  -6.543  1.00 49.23  ? 634 LEU A C     1 
ATOM   292  O O     . LEU A 1 35  ? -5.920  -7.152  -6.776  1.00 54.71  ? 634 LEU A O     1 
ATOM   293  C CB    . LEU A 1 35  ? -6.814  -4.226  -5.733  1.00 52.13  ? 634 LEU A CB    1 
ATOM   294  C CG    . LEU A 1 35  ? -6.522  -2.751  -5.963  1.00 48.25  ? 634 LEU A CG    1 
ATOM   295  C CD1   . LEU A 1 35  ? -6.445  -2.074  -4.617  1.00 54.11  ? 634 LEU A CD1   1 
ATOM   296  C CD2   . LEU A 1 35  ? -5.235  -2.593  -6.753  1.00 44.62  ? 634 LEU A CD2   1 
ATOM   297  N N     . ARG A 1 36  ? -7.978  -7.021  -5.892  1.00 54.52  ? 635 ARG A N     1 
ATOM   298  C CA    . ARG A 1 36  ? -8.002  -8.389  -5.434  1.00 50.84  ? 635 ARG A CA    1 
ATOM   299  C C     . ARG A 1 36  ? -7.634  -9.298  -6.577  1.00 54.74  ? 635 ARG A C     1 
ATOM   300  O O     . ARG A 1 36  ? -8.189  -9.194  -7.667  1.00 55.94  ? 635 ARG A O     1 
ATOM   301  C CB    . ARG A 1 36  ? -9.391  -8.734  -4.936  1.00 56.81  ? 635 ARG A CB    1 
ATOM   302  C CG    . ARG A 1 36  ? -9.519  -10.149 -4.412  1.00 63.96  ? 635 ARG A CG    1 
ATOM   303  C CD    . ARG A 1 36  ? -10.841 -10.325 -3.651  1.00 72.72  ? 635 ARG A CD    1 
ATOM   304  N NE    . ARG A 1 36  ? -11.067 -9.251  -2.684  1.00 72.75  ? 635 ARG A NE    1 
ATOM   305  C CZ    . ARG A 1 36  ? -12.139 -8.464  -2.671  1.00 78.62  ? 635 ARG A CZ    1 
ATOM   306  N NH1   . ARG A 1 36  ? -13.107 -8.641  -3.568  1.00 76.47  ? 635 ARG A NH1   1 
ATOM   307  N NH2   . ARG A 1 36  ? -12.248 -7.506  -1.757  1.00 74.88  ? 635 ARG A NH2   1 
ATOM   308  N N     . GLY A 1 37  ? -6.687  -10.190 -6.333  1.00 56.08  ? 636 GLY A N     1 
ATOM   309  C CA    . GLY A 1 37  ? -6.316  -11.170 -7.329  1.00 52.78  ? 636 GLY A CA    1 
ATOM   310  C C     . GLY A 1 37  ? -5.047  -10.901 -8.112  1.00 57.17  ? 636 GLY A C     1 
ATOM   311  O O     . GLY A 1 37  ? -4.641  -11.746 -8.902  1.00 62.09  ? 636 GLY A O     1 
ATOM   312  N N     . ILE A 1 38  ? -4.405  -9.756  -7.912  1.00 53.40  ? 637 ILE A N     1 
ATOM   313  C CA    . ILE A 1 38  ? -3.185  -9.471  -8.667  1.00 55.69  ? 637 ILE A CA    1 
ATOM   314  C C     . ILE A 1 38  ? -1.930  -9.658  -7.826  1.00 52.98  ? 637 ILE A C     1 
ATOM   315  O O     . ILE A 1 38  ? -1.983  -9.619  -6.604  1.00 52.22  ? 637 ILE A O     1 
ATOM   316  C CB    . ILE A 1 38  ? -3.188  -8.051  -9.218  1.00 52.16  ? 637 ILE A CB    1 
ATOM   317  C CG1   . ILE A 1 38  ? -2.964  -7.069  -8.082  1.00 54.00  ? 637 ILE A CG1   1 
ATOM   318  C CG2   . ILE A 1 38  ? -4.502  -7.752  -9.919  1.00 52.67  ? 637 ILE A CG2   1 
ATOM   319  C CD1   . ILE A 1 38  ? -3.234  -5.659  -8.460  1.00 57.81  ? 637 ILE A CD1   1 
ATOM   320  N N     . ASN A 1 39  ? -0.799  -9.865  -8.490  1.00 53.35  ? 638 ASN A N     1 
ATOM   321  C CA    . ASN A 1 39  ? 0.469   -9.998  -7.793  1.00 52.37  ? 638 ASN A CA    1 
ATOM   322  C C     . ASN A 1 39  ? 1.257   -8.714  -7.889  1.00 54.09  ? 638 ASN A C     1 
ATOM   323  O O     . ASN A 1 39  ? 1.343   -8.111  -8.962  1.00 56.18  ? 638 ASN A O     1 
ATOM   324  C CB    . ASN A 1 39  ? 1.282   -11.135 -8.386  1.00 48.28  ? 638 ASN A CB    1 
ATOM   325  C CG    . ASN A 1 39  ? 0.566   -12.443 -8.297  1.00 54.74  ? 638 ASN A CG    1 
ATOM   326  O OD1   . ASN A 1 39  ? 0.424   -13.010 -7.216  1.00 56.25  ? 638 ASN A OD1   1 
ATOM   327  N ND2   . ASN A 1 39  ? 0.088   -12.931 -9.433  1.00 58.64  ? 638 ASN A ND2   1 
ATOM   328  N N     . VAL A 1 40  ? 1.819   -8.287  -6.765  1.00 47.12  ? 639 VAL A N     1 
ATOM   329  C CA    . VAL A 1 40  ? 2.673   -7.113  -6.764  1.00 48.79  ? 639 VAL A CA    1 
ATOM   330  C C     . VAL A 1 40  ? 4.040   -7.425  -6.195  1.00 46.02  ? 639 VAL A C     1 
ATOM   331  O O     . VAL A 1 40  ? 4.216   -8.359  -5.416  1.00 46.34  ? 639 VAL A O     1 
ATOM   332  C CB    . VAL A 1 40  ? 2.078   -5.961  -5.952  1.00 45.33  ? 639 VAL A CB    1 
ATOM   333  C CG1   . VAL A 1 40  ? 0.771   -5.492  -6.571  1.00 44.50  ? 639 VAL A CG1   1 
ATOM   334  C CG2   . VAL A 1 40  ? 1.877   -6.391  -4.522  1.00 42.39  ? 639 VAL A CG2   1 
ATOM   335  N N     . VAL A 1 41  ? 5.005   -6.623  -6.613  1.00 48.43  ? 640 VAL A N     1 
ATOM   336  C CA    . VAL A 1 41  ? 6.330   -6.640  -6.040  1.00 45.14  ? 640 VAL A CA    1 
ATOM   337  C C     . VAL A 1 41  ? 6.435   -5.503  -5.027  1.00 42.83  ? 640 VAL A C     1 
ATOM   338  O O     . VAL A 1 41  ? 6.262   -4.329  -5.356  1.00 44.55  ? 640 VAL A O     1 
ATOM   339  C CB    . VAL A 1 41  ? 7.400   -6.511  -7.136  1.00 50.74  ? 640 VAL A CB    1 
ATOM   340  C CG1   . VAL A 1 41  ? 8.778   -6.260  -6.532  1.00 40.22  ? 640 VAL A CG1   1 
ATOM   341  C CG2   . VAL A 1 41  ? 7.409   -7.773  -7.998  1.00 50.98  ? 640 VAL A CG2   1 
ATOM   342  N N     . TYR A 1 42  ? 6.674   -5.873  -3.779  1.00 42.60  ? 641 TYR A N     1 
ATOM   343  C CA    . TYR A 1 42  ? 6.935   -4.902  -2.740  1.00 37.85  ? 641 TYR A CA    1 
ATOM   344  C C     . TYR A 1 42  ? 8.419   -4.565  -2.782  1.00 34.28  ? 641 TYR A C     1 
ATOM   345  O O     . TYR A 1 42  ? 9.260   -5.427  -2.582  1.00 37.75  ? 641 TYR A O     1 
ATOM   346  C CB    . TYR A 1 42  ? 6.547   -5.483  -1.383  1.00 32.44  ? 641 TYR A CB    1 
ATOM   347  C CG    . TYR A 1 42  ? 6.917   -4.618  -0.207  1.00 36.90  ? 641 TYR A CG    1 
ATOM   348  C CD1   . TYR A 1 42  ? 7.577   -5.153  0.886   1.00 35.72  ? 641 TYR A CD1   1 
ATOM   349  C CD2   . TYR A 1 42  ? 6.620   -3.258  -0.187  1.00 33.12  ? 641 TYR A CD2   1 
ATOM   350  C CE1   . TYR A 1 42  ? 7.924   -4.373  1.972   1.00 33.19  ? 641 TYR A CE1   1 
ATOM   351  C CE2   . TYR A 1 42  ? 6.961   -2.473  0.893   1.00 30.45  ? 641 TYR A CE2   1 
ATOM   352  C CZ    . TYR A 1 42  ? 7.612   -3.032  1.965   1.00 33.34  ? 641 TYR A CZ    1 
ATOM   353  O OH    . TYR A 1 42  ? 7.950   -2.261  3.035   1.00 31.97  ? 641 TYR A OH    1 
ATOM   354  N N     . THR A 1 43  ? 8.740   -3.319  -3.069  1.00 36.06  ? 642 THR A N     1 
ATOM   355  C CA    . THR A 1 43  ? 10.129  -2.883  -2.973  1.00 39.51  ? 642 THR A CA    1 
ATOM   356  C C     . THR A 1 43  ? 10.333  -2.039  -1.706  1.00 33.58  ? 642 THR A C     1 
ATOM   357  O O     . THR A 1 43  ? 9.952   -0.869  -1.656  1.00 36.30  ? 642 THR A O     1 
ATOM   358  C CB    . THR A 1 43  ? 10.563  -2.124  -4.230  1.00 36.65  ? 642 THR A CB    1 
ATOM   359  O OG1   . THR A 1 43  ? 10.332  -2.954  -5.366  1.00 39.34  ? 642 THR A OG1   1 
ATOM   360  C CG2   . THR A 1 43  ? 12.045  -1.803  -4.172  1.00 41.57  ? 642 THR A CG2   1 
ATOM   361  N N     . PRO A 1 44  ? 10.891  -2.655  -0.658  1.00 37.78  ? 643 PRO A N     1 
ATOM   362  C CA    . PRO A 1 44  ? 11.120  -1.948  0.605   1.00 34.43  ? 643 PRO A CA    1 
ATOM   363  C C     . PRO A 1 44  ? 11.992  -0.733  0.307   1.00 35.38  ? 643 PRO A C     1 
ATOM   364  O O     . PRO A 1 44  ? 12.749  -0.771  -0.659  1.00 37.42  ? 643 PRO A O     1 
ATOM   365  C CB    . PRO A 1 44  ? 11.811  -2.998  1.465   1.00 34.80  ? 643 PRO A CB    1 
ATOM   366  C CG    . PRO A 1 44  ? 11.423  -4.302  0.863   1.00 40.49  ? 643 PRO A CG    1 
ATOM   367  C CD    . PRO A 1 44  ? 11.320  -4.061  -0.594  1.00 38.32  ? 643 PRO A CD    1 
ATOM   368  N N     . PRO A 1 45  ? 11.863  0.347   1.095   1.00 34.85  ? 644 PRO A N     1 
ATOM   369  C CA    . PRO A 1 45  ? 12.695  1.508   0.784   1.00 37.45  ? 644 PRO A CA    1 
ATOM   370  C C     . PRO A 1 45  ? 14.158  1.097   0.910   1.00 39.11  ? 644 PRO A C     1 
ATOM   371  O O     . PRO A 1 45  ? 14.476  0.083   1.550   1.00 32.31  ? 644 PRO A O     1 
ATOM   372  C CB    . PRO A 1 45  ? 12.315  2.494   1.891   1.00 38.70  ? 644 PRO A CB    1 
ATOM   373  C CG    . PRO A 1 45  ? 10.913  2.130   2.247   1.00 35.64  ? 644 PRO A CG    1 
ATOM   374  C CD    . PRO A 1 45  ? 10.872  0.654   2.143   1.00 32.41  ? 644 PRO A CD    1 
ATOM   375  N N     . GLN A 1 46  ? 15.041  1.878   0.291   1.00 41.37  ? 645 GLN A N     1 
ATOM   376  C CA    . GLN A 1 46  ? 16.474  1.574   0.299   1.00 38.48  ? 645 GLN A CA    1 
ATOM   377  C C     . GLN A 1 46  ? 17.048  1.586   1.706   1.00 34.38  ? 645 GLN A C     1 
ATOM   378  O O     . GLN A 1 46  ? 17.991  0.871   1.997   1.00 44.56  ? 645 GLN A O     1 
ATOM   379  C CB    . GLN A 1 46  ? 17.239  2.534   -0.618  1.00 47.85  ? 645 GLN A CB    1 
ATOM   380  C CG    . GLN A 1 46  ? 16.977  2.294   -2.107  1.00 49.91  ? 645 GLN A CG    1 
ATOM   381  C CD    . GLN A 1 46  ? 17.431  0.908   -2.532  1.00 61.28  ? 645 GLN A CD    1 
ATOM   382  O OE1   . GLN A 1 46  ? 16.805  0.252   -3.376  1.00 61.13  ? 645 GLN A OE1   1 
ATOM   383  N NE2   . GLN A 1 46  ? 18.528  0.444   -1.928  1.00 58.42  ? 645 GLN A NE2   1 
ATOM   384  N N     . SER A 1 47  ? 16.458  2.392   2.577   1.00 36.79  ? 646 SER A N     1 
ATOM   385  C CA    . SER A 1 47  ? 16.818  2.425   3.991   1.00 38.80  ? 646 SER A CA    1 
ATOM   386  C C     . SER A 1 47  ? 16.483  1.171   4.814   1.00 42.21  ? 646 SER A C     1 
ATOM   387  O O     . SER A 1 47  ? 16.911  1.068   5.957   1.00 43.89  ? 646 SER A O     1 
ATOM   388  C CB    . SER A 1 47  ? 16.143  3.614   4.654   1.00 40.32  ? 646 SER A CB    1 
ATOM   389  O OG    . SER A 1 47  ? 14.819  3.292   4.999   1.00 43.01  ? 646 SER A OG    1 
ATOM   390  N N     . PHE A 1 48  ? 15.700  0.248   4.262   1.00 44.61  ? 647 PHE A N     1 
ATOM   391  C CA    . PHE A 1 48  ? 15.342  -0.997  4.951   1.00 37.67  ? 647 PHE A CA    1 
ATOM   392  C C     . PHE A 1 48  ? 16.416  -2.020  4.622   1.00 41.88  ? 647 PHE A C     1 
ATOM   393  O O     . PHE A 1 48  ? 16.599  -3.014  5.318   1.00 46.07  ? 647 PHE A O     1 
ATOM   394  C CB    . PHE A 1 48  ? 13.988  -1.511  4.451   1.00 35.84  ? 647 PHE A CB    1 
ATOM   395  C CG    . PHE A 1 48  ? 12.801  -0.782  5.029   1.00 40.16  ? 647 PHE A CG    1 
ATOM   396  C CD1   . PHE A 1 48  ? 11.711  -1.488  5.513   1.00 41.35  ? 647 PHE A CD1   1 
ATOM   397  C CD2   . PHE A 1 48  ? 12.768  0.600   5.087   1.00 42.84  ? 647 PHE A CD2   1 
ATOM   398  C CE1   . PHE A 1 48  ? 10.625  -0.839  6.036   1.00 36.14  ? 647 PHE A CE1   1 
ATOM   399  C CE2   . PHE A 1 48  ? 11.680  1.266   5.615   1.00 36.38  ? 647 PHE A CE2   1 
ATOM   400  C CZ    . PHE A 1 48  ? 10.606  0.554   6.085   1.00 39.56  ? 647 PHE A CZ    1 
ATOM   401  N N     . GLN A 1 49  ? 17.128  -1.766  3.536   1.00 41.41  ? 648 GLN A N     1 
ATOM   402  C CA    . GLN A 1 49  ? 18.177  -2.668  3.093   1.00 48.76  ? 648 GLN A CA    1 
ATOM   403  C C     . GLN A 1 49  ? 17.632  -4.082  2.895   1.00 52.33  ? 648 GLN A C     1 
ATOM   404  O O     . GLN A 1 49  ? 18.278  -5.065  3.269   1.00 53.01  ? 648 GLN A O     1 
ATOM   405  C CB    . GLN A 1 49  ? 19.331  -2.674  4.113   1.00 51.03  ? 648 GLN A CB    1 
ATOM   406  C CG    . GLN A 1 49  ? 20.003  -1.325  4.375   1.00 46.88  ? 648 GLN A CG    1 
ATOM   407  C CD    . GLN A 1 49  ? 21.515  -1.330  4.058   1.00 56.48  ? 648 GLN A CD    1 
ATOM   408  O OE1   . GLN A 1 49  ? 22.306  -2.002  4.722   1.00 53.11  ? 648 GLN A OE1   1 
ATOM   409  N NE2   . GLN A 1 49  ? 21.910  -0.564  3.049   1.00 56.63  ? 648 GLN A NE2   1 
ATOM   410  N N     . SER A 1 50  ? 16.456  -4.186  2.283   1.00 51.99  ? 649 SER A N     1 
ATOM   411  C CA    . SER A 1 50  ? 15.805  -5.489  2.131   1.00 46.10  ? 649 SER A CA    1 
ATOM   412  C C     . SER A 1 50  ? 15.382  -5.770  0.693   1.00 47.85  ? 649 SER A C     1 
ATOM   413  O O     . SER A 1 50  ? 14.942  -4.872  -0.024  1.00 55.83  ? 649 SER A O     1 
ATOM   414  C CB    . SER A 1 50  ? 14.604  -5.586  3.082   1.00 48.07  ? 649 SER A CB    1 
ATOM   415  O OG    . SER A 1 50  ? 13.890  -6.802  2.915   1.00 51.99  ? 649 SER A OG    1 
ATOM   416  N N     . ALA A 1 51  ? 15.511  -7.022  0.272   1.00 50.12  ? 650 ALA A N     1 
ATOM   417  C CA    . ALA A 1 51  ? 15.222  -7.404  -1.108  1.00 48.70  ? 650 ALA A CA    1 
ATOM   418  C C     . ALA A 1 51  ? 13.733  -7.388  -1.451  1.00 49.38  ? 650 ALA A C     1 
ATOM   419  O O     . ALA A 1 51  ? 12.894  -7.795  -0.643  1.00 51.04  ? 650 ALA A O     1 
ATOM   420  C CB    . ALA A 1 51  ? 15.805  -8.764  -1.389  1.00 45.09  ? 650 ALA A CB    1 
ATOM   421  N N     . PRO A 1 52  ? 13.402  -6.922  -2.656  1.00 46.52  ? 651 PRO A N     1 
ATOM   422  C CA    . PRO A 1 52  ? 12.008  -6.931  -3.105  1.00 42.82  ? 651 PRO A CA    1 
ATOM   423  C C     . PRO A 1 52  ? 11.411  -8.322  -3.036  1.00 47.12  ? 651 PRO A C     1 
ATOM   424  O O     . PRO A 1 52  ? 12.127  -9.318  -3.139  1.00 50.11  ? 651 PRO A O     1 
ATOM   425  C CB    . PRO A 1 52  ? 12.097  -6.470  -4.558  1.00 45.15  ? 651 PRO A CB    1 
ATOM   426  C CG    . PRO A 1 52  ? 13.408  -5.692  -4.625  1.00 44.86  ? 651 PRO A CG    1 
ATOM   427  C CD    . PRO A 1 52  ? 14.325  -6.381  -3.671  1.00 45.36  ? 651 PRO A CD    1 
ATOM   428  N N     . ARG A 1 53  ? 10.099  -8.379  -2.846  1.00 45.05  ? 652 ARG A N     1 
ATOM   429  C CA    . ARG A 1 53  ? 9.384   -9.644  -2.784  1.00 45.21  ? 652 ARG A CA    1 
ATOM   430  C C     . ARG A 1 53  ? 7.945   -9.473  -3.268  1.00 44.03  ? 652 ARG A C     1 
ATOM   431  O O     . ARG A 1 53  ? 7.434   -8.354  -3.360  1.00 44.23  ? 652 ARG A O     1 
ATOM   432  C CB    . ARG A 1 53  ? 9.417   -10.193 -1.361  1.00 40.90  ? 652 ARG A CB    1 
ATOM   433  C CG    . ARG A 1 53  ? 9.193   -9.144  -0.323  1.00 43.65  ? 652 ARG A CG    1 
ATOM   434  C CD    . ARG A 1 53  ? 9.528   -9.677  1.035   1.00 48.85  ? 652 ARG A CD    1 
ATOM   435  N NE    . ARG A 1 53  ? 8.910   -8.878  2.085   1.00 43.87  ? 652 ARG A NE    1 
ATOM   436  C CZ    . ARG A 1 53  ? 9.520   -7.899  2.730   1.00 40.98  ? 652 ARG A CZ    1 
ATOM   437  N NH1   . ARG A 1 53  ? 10.773  -7.603  2.433   1.00 42.52  ? 652 ARG A NH1   1 
ATOM   438  N NH2   . ARG A 1 53  ? 8.875   -7.231  3.682   1.00 38.82  ? 652 ARG A NH2   1 
ATOM   439  N N     . VAL A 1 54  ? 7.300   -10.588 -3.577  1.00 41.82  ? 653 VAL A N     1 
ATOM   440  C CA    . VAL A 1 54  ? 6.027   -10.554 -4.269  1.00 39.55  ? 653 VAL A CA    1 
ATOM   441  C C     . VAL A 1 54  ? 4.912   -11.036 -3.373  1.00 45.53  ? 653 VAL A C     1 
ATOM   442  O O     . VAL A 1 54  ? 5.103   -11.938 -2.568  1.00 46.42  ? 653 VAL A O     1 
ATOM   443  C CB    . VAL A 1 54  ? 6.054   -11.442 -5.519  1.00 46.87  ? 653 VAL A CB    1 
ATOM   444  C CG1   . VAL A 1 54  ? 4.641   -11.674 -6.027  1.00 54.89  ? 653 VAL A CG1   1 
ATOM   445  C CG2   . VAL A 1 54  ? 6.916   -10.826 -6.596  1.00 45.23  ? 653 VAL A CG2   1 
ATOM   446  N N     . TYR A 1 55  ? 3.740   -10.429 -3.509  1.00 48.98  ? 654 TYR A N     1 
ATOM   447  C CA    . TYR A 1 55  ? 2.585   -10.830 -2.723  1.00 42.96  ? 654 TYR A CA    1 
ATOM   448  C C     . TYR A 1 55  ? 1.345   -10.862 -3.588  1.00 44.37  ? 654 TYR A C     1 
ATOM   449  O O     . TYR A 1 55  ? 1.201   -10.060 -4.497  1.00 44.58  ? 654 TYR A O     1 
ATOM   450  C CB    . TYR A 1 55  ? 2.320   -9.807  -1.639  1.00 43.72  ? 654 TYR A CB    1 
ATOM   451  C CG    . TYR A 1 55  ? 3.380   -9.697  -0.599  1.00 40.08  ? 654 TYR A CG    1 
ATOM   452  C CD1   . TYR A 1 55  ? 3.396   -10.562 0.480   1.00 42.56  ? 654 TYR A CD1   1 
ATOM   453  C CD2   . TYR A 1 55  ? 4.350   -8.715  -0.676  1.00 37.56  ? 654 TYR A CD2   1 
ATOM   454  C CE1   . TYR A 1 55  ? 4.358   -10.470 1.448   1.00 42.33  ? 654 TYR A CE1   1 
ATOM   455  C CE2   . TYR A 1 55  ? 5.320   -8.611  0.287   1.00 41.63  ? 654 TYR A CE2   1 
ATOM   456  C CZ    . TYR A 1 55  ? 5.317   -9.491  1.361   1.00 41.40  ? 654 TYR A CZ    1 
ATOM   457  O OH    . TYR A 1 55  ? 6.280   -9.410  2.345   1.00 42.68  ? 654 TYR A OH    1 
ATOM   458  N N     . ARG A 1 56  ? 0.439   -11.780 -3.279  1.00 51.28  ? 655 ARG A N     1 
ATOM   459  C CA    . ARG A 1 56  ? -0.916  -11.712 -3.807  1.00 51.25  ? 655 ARG A CA    1 
ATOM   460  C C     . ARG A 1 56  ? -1.705  -10.705 -2.981  1.00 46.05  ? 655 ARG A C     1 
ATOM   461  O O     . ARG A 1 56  ? -1.742  -10.773 -1.752  1.00 43.45  ? 655 ARG A O     1 
ATOM   462  C CB    . ARG A 1 56  ? -1.597  -13.089 -3.772  1.00 53.74  ? 655 ARG A CB    1 
ATOM   463  C CG    . ARG A 1 56  ? -3.091  -13.092 -4.145  1.00 51.77  ? 655 ARG A CG    1 
ATOM   464  C CD    . ARG A 1 56  ? -3.363  -12.630 -5.590  1.00 55.19  ? 655 ARG A CD    1 
ATOM   465  N NE    . ARG A 1 56  ? -2.753  -13.519 -6.581  1.00 59.70  ? 655 ARG A NE    1 
ATOM   466  C CZ    . ARG A 1 56  ? -3.275  -14.682 -6.978  1.00 67.21  ? 655 ARG A CZ    1 
ATOM   467  N NH1   . ARG A 1 56  ? -4.430  -15.110 -6.471  1.00 63.96  ? 655 ARG A NH1   1 
ATOM   468  N NH2   . ARG A 1 56  ? -2.639  -15.422 -7.880  1.00 60.63  ? 655 ARG A NH2   1 
ATOM   469  N N     . VAL A 1 57  ? -2.319  -9.759  -3.674  1.00 44.47  ? 656 VAL A N     1 
ATOM   470  C CA    . VAL A 1 57  ? -3.164  -8.775  -3.042  1.00 42.59  ? 656 VAL A CA    1 
ATOM   471  C C     . VAL A 1 57  ? -4.518  -9.366  -2.668  1.00 48.23  ? 656 VAL A C     1 
ATOM   472  O O     . VAL A 1 57  ? -5.129  -10.099 -3.438  1.00 50.22  ? 656 VAL A O     1 
ATOM   473  C CB    . VAL A 1 57  ? -3.399  -7.623  -3.984  1.00 43.99  ? 656 VAL A CB    1 
ATOM   474  C CG1   . VAL A 1 57  ? -4.181  -6.536  -3.286  1.00 48.04  ? 656 VAL A CG1   1 
ATOM   475  C CG2   . VAL A 1 57  ? -2.080  -7.107  -4.491  1.00 42.15  ? 656 VAL A CG2   1 
ATOM   476  N N     . ASN A 1 58  ? -4.992  -9.034  -1.480  1.00 45.46  ? 657 ASN A N     1 
ATOM   477  C CA    . ASN A 1 58  ? -6.315  -9.467  -1.073  1.00 50.87  ? 657 ASN A CA    1 
ATOM   478  C C     . ASN A 1 58  ? -7.336  -8.339  -1.053  1.00 54.89  ? 657 ASN A C     1 
ATOM   479  O O     . ASN A 1 58  ? -8.534  -8.592  -1.016  1.00 58.68  ? 657 ASN A O     1 
ATOM   480  C CB    . ASN A 1 58  ? -6.252  -10.154 0.281   1.00 47.42  ? 657 ASN A CB    1 
ATOM   481  C CG    . ASN A 1 58  ? -5.358  -11.357 0.257   1.00 48.46  ? 657 ASN A CG    1 
ATOM   482  O OD1   . ASN A 1 58  ? -4.509  -11.538 1.127   1.00 56.93  ? 657 ASN A OD1   1 
ATOM   483  N ND2   . ASN A 1 58  ? -5.518  -12.180 -0.763  1.00 47.71  ? 657 ASN A ND2   1 
ATOM   484  N N     . GLY A 1 59  ? -6.866  -7.094  -1.074  1.00 54.38  ? 658 GLY A N     1 
ATOM   485  C CA    . GLY A 1 59  ? -7.766  -5.957  -1.127  1.00 53.20  ? 658 GLY A CA    1 
ATOM   486  C C     . GLY A 1 59  ? -7.145  -4.655  -0.676  1.00 50.71  ? 658 GLY A C     1 
ATOM   487  O O     . GLY A 1 59  ? -5.938  -4.469  -0.795  1.00 52.75  ? 658 GLY A O     1 
ATOM   488  N N     . LEU A 1 60  ? -7.982  -3.747  -0.185  1.00 51.93  ? 659 LEU A N     1 
ATOM   489  C CA    . LEU A 1 60  ? -7.536  -2.475  0.373   1.00 49.76  ? 659 LEU A CA    1 
ATOM   490  C C     . LEU A 1 60  ? -7.609  -2.518  1.885   1.00 51.60  ? 659 LEU A C     1 
ATOM   491  O O     . LEU A 1 60  ? -8.426  -3.241  2.448   1.00 53.06  ? 659 LEU A O     1 
ATOM   492  C CB    . LEU A 1 60  ? -8.437  -1.338  -0.083  1.00 45.18  ? 659 LEU A CB    1 
ATOM   493  C CG    . LEU A 1 60  ? -7.994  -0.364  -1.162  1.00 54.52  ? 659 LEU A CG    1 
ATOM   494  C CD1   . LEU A 1 60  ? -8.770  0.936   -1.001  1.00 55.54  ? 659 LEU A CD1   1 
ATOM   495  C CD2   . LEU A 1 60  ? -6.494  -0.101  -1.119  1.00 51.00  ? 659 LEU A CD2   1 
ATOM   496  N N     . SER A 1 61  ? -6.771  -1.724  2.540   1.00 46.88  ? 660 SER A N     1 
ATOM   497  C CA    . SER A 1 61  ? -6.880  -1.565  3.975   1.00 46.69  ? 660 SER A CA    1 
ATOM   498  C C     . SER A 1 61  ? -8.152  -0.782  4.270   1.00 55.41  ? 660 SER A C     1 
ATOM   499  O O     . SER A 1 61  ? -8.619  -0.007  3.432   1.00 51.04  ? 660 SER A O     1 
ATOM   500  C CB    . SER A 1 61  ? -5.683  -0.811  4.522   1.00 46.09  ? 660 SER A CB    1 
ATOM   501  O OG    . SER A 1 61  ? -5.648  0.495   3.992   1.00 49.36  ? 660 SER A OG    1 
ATOM   502  N N     . ARG A 1 62  ? -8.708  -0.974  5.464   1.00 54.77  ? 661 ARG A N     1 
ATOM   503  C CA    . ARG A 1 62  ? -9.926  -0.280  5.868   1.00 52.79  ? 661 ARG A CA    1 
ATOM   504  C C     . ARG A 1 62  ? -9.691  1.207   6.150   1.00 57.44  ? 661 ARG A C     1 
ATOM   505  O O     . ARG A 1 62  ? -10.625 2.002   6.135   1.00 63.06  ? 661 ARG A O     1 
ATOM   506  C CB    . ARG A 1 62  ? -10.580 -0.976  7.077   1.00 60.93  ? 661 ARG A CB    1 
ATOM   507  C CG    . ARG A 1 62  ? -9.670  -1.199  8.296   1.00 61.90  ? 661 ARG A CG    1 
ATOM   508  C CD    . ARG A 1 62  ? -9.011  -2.592  8.326   1.00 67.53  ? 661 ARG A CD    1 
ATOM   509  N NE    . ARG A 1 62  ? -8.277  -2.905  7.094   1.00 69.97  ? 661 ARG A NE    1 
ATOM   510  C CZ    . ARG A 1 62  ? -7.329  -3.835  6.980   1.00 65.95  ? 661 ARG A CZ    1 
ATOM   511  N NH1   . ARG A 1 62  ? -6.959  -4.562  8.030   1.00 68.57  ? 661 ARG A NH1   1 
ATOM   512  N NH2   . ARG A 1 62  ? -6.739  -4.034  5.805   1.00 66.09  ? 661 ARG A NH2   1 
ATOM   513  N N     . ALA A 1 63  ? -8.440  1.581   6.378   1.00 53.30  ? 662 ALA A N     1 
ATOM   514  C CA    . ALA A 1 63  ? -8.095  2.956   6.714   1.00 50.40  ? 662 ALA A CA    1 
ATOM   515  C C     . ALA A 1 63  ? -6.817  3.350   6.011   1.00 46.71  ? 662 ALA A C     1 
ATOM   516  O O     . ALA A 1 63  ? -6.122  2.503   5.470   1.00 50.79  ? 662 ALA A O     1 
ATOM   517  C CB    . ALA A 1 63  ? -7.936  3.104   8.217   1.00 51.28  ? 662 ALA A CB    1 
ATOM   518  N N     . PRO A 1 64  ? -6.500  4.641   6.004   1.00 47.36  ? 663 PRO A N     1 
ATOM   519  C CA    . PRO A 1 64  ? -5.241  5.027   5.367   1.00 47.10  ? 663 PRO A CA    1 
ATOM   520  C C     . PRO A 1 64  ? -4.008  4.781   6.240   1.00 45.21  ? 663 PRO A C     1 
ATOM   521  O O     . PRO A 1 64  ? -4.115  4.536   7.445   1.00 48.90  ? 663 PRO A O     1 
ATOM   522  C CB    . PRO A 1 64  ? -5.422  6.522   5.108   1.00 48.68  ? 663 PRO A CB    1 
ATOM   523  C CG    . PRO A 1 64  ? -6.896  6.750   5.184   1.00 50.69  ? 663 PRO A CG    1 
ATOM   524  C CD    . PRO A 1 64  ? -7.365  5.803   6.241   1.00 52.72  ? 663 PRO A CD    1 
ATOM   525  N N     . ALA A 1 65  ? -2.842  4.843   5.607   1.00 43.46  ? 664 ALA A N     1 
ATOM   526  C CA    . ALA A 1 65  ? -1.579  4.575   6.271   1.00 42.69  ? 664 ALA A CA    1 
ATOM   527  C C     . ALA A 1 65  ? -1.419  5.404   7.525   1.00 41.61  ? 664 ALA A C     1 
ATOM   528  O O     . ALA A 1 65  ? -0.746  4.990   8.463   1.00 46.86  ? 664 ALA A O     1 
ATOM   529  C CB    . ALA A 1 65  ? -0.414  4.830   5.315   1.00 40.75  ? 664 ALA A CB    1 
ATOM   530  N N     . SER A 1 66  ? -2.032  6.580   7.536   1.00 47.94  ? 665 SER A N     1 
ATOM   531  C CA    . SER A 1 66  ? -1.909  7.485   8.668   1.00 46.76  ? 665 SER A CA    1 
ATOM   532  C C     . SER A 1 66  ? -2.812  7.126   9.843   1.00 53.19  ? 665 SER A C     1 
ATOM   533  O O     . SER A 1 66  ? -2.531  7.524   10.982  1.00 55.37  ? 665 SER A O     1 
ATOM   534  C CB    . SER A 1 66  ? -2.142  8.928   8.237   1.00 48.22  ? 665 SER A CB    1 
ATOM   535  O OG    . SER A 1 66  ? -3.394  9.074   7.594   1.00 55.95  ? 665 SER A OG    1 
ATOM   536  N N     . SER A 1 67  ? -3.882  6.375   9.587   1.00 43.69  ? 666 SER A N     1 
ATOM   537  C CA    . SER A 1 67  ? -4.790  6.013   10.667  1.00 46.86  ? 666 SER A CA    1 
ATOM   538  C C     . SER A 1 67  ? -4.531  4.589   11.077  1.00 47.83  ? 666 SER A C     1 
ATOM   539  O O     . SER A 1 67  ? -4.581  4.253   12.258  1.00 49.78  ? 666 SER A O     1 
ATOM   540  C CB    . SER A 1 67  ? -6.265  6.167   10.274  1.00 46.34  ? 666 SER A CB    1 
ATOM   541  O OG    . SER A 1 67  ? -6.416  6.887   9.064   1.00 55.65  ? 666 SER A OG    1 
ATOM   542  N N     . GLU A 1 68  ? -4.238  3.766   10.083  1.00 46.84  ? 667 GLU A N     1 
ATOM   543  C CA    . GLU A 1 68  ? -4.187  2.324   10.243  1.00 45.07  ? 667 GLU A CA    1 
ATOM   544  C C     . GLU A 1 68  ? -3.004  1.867   11.094  1.00 43.31  ? 667 GLU A C     1 
ATOM   545  O O     . GLU A 1 68  ? -1.862  2.236   10.835  1.00 42.45  ? 667 GLU A O     1 
ATOM   546  C CB    . GLU A 1 68  ? -4.155  1.672   8.860   1.00 48.71  ? 667 GLU A CB    1 
ATOM   547  C CG    . GLU A 1 68  ? -4.185  0.172   8.895   1.00 50.87  ? 667 GLU A CG    1 
ATOM   548  C CD    . GLU A 1 68  ? -5.589  -0.385  8.856   1.00 52.78  ? 667 GLU A CD    1 
ATOM   549  O OE1   . GLU A 1 68  ? -6.378  0.077   8.009   1.00 52.00  ? 667 GLU A OE1   1 
ATOM   550  O OE2   . GLU A 1 68  ? -5.892  -1.295  9.653   1.00 52.02  ? 667 GLU A OE2   1 
ATOM   551  N N     . THR A 1 69  ? -3.270  1.032   12.090  1.00 41.70  ? 668 THR A N     1 
ATOM   552  C CA    . THR A 1 69  ? -2.259  0.721   13.082  1.00 41.97  ? 668 THR A CA    1 
ATOM   553  C C     . THR A 1 69  ? -1.943  -0.750  13.169  1.00 39.87  ? 668 THR A C     1 
ATOM   554  O O     . THR A 1 69  ? -2.718  -1.585  12.742  1.00 45.79  ? 668 THR A O     1 
ATOM   555  C CB    . THR A 1 69  ? -2.712  1.121   14.491  1.00 45.77  ? 668 THR A CB    1 
ATOM   556  O OG1   . THR A 1 69  ? -3.901  0.400   14.834  1.00 54.38  ? 668 THR A OG1   1 
ATOM   557  C CG2   . THR A 1 69  ? -2.959  2.604   14.599  1.00 44.69  ? 668 THR A CG2   1 
ATOM   558  N N     . PHE A 1 70  ? -0.802  -1.057  13.760  1.00 35.16  ? 669 PHE A N     1 
ATOM   559  C CA    . PHE A 1 70  ? -0.468  -2.421  14.124  1.00 44.76  ? 669 PHE A CA    1 
ATOM   560  C C     . PHE A 1 70  ? 0.500   -2.356  15.290  1.00 44.30  ? 669 PHE A C     1 
ATOM   561  O O     . PHE A 1 70  ? 0.875   -1.272  15.708  1.00 49.56  ? 669 PHE A O     1 
ATOM   562  C CB    . PHE A 1 70  ? 0.119   -3.206  12.936  1.00 44.02  ? 669 PHE A CB    1 
ATOM   563  C CG    . PHE A 1 70  ? 1.501   -2.761  12.524  1.00 42.17  ? 669 PHE A CG    1 
ATOM   564  C CD1   . PHE A 1 70  ? 2.624   -3.404  13.025  1.00 40.97  ? 669 PHE A CD1   1 
ATOM   565  C CD2   . PHE A 1 70  ? 1.677   -1.706  11.635  1.00 38.52  ? 669 PHE A CD2   1 
ATOM   566  C CE1   . PHE A 1 70  ? 3.892   -3.002  12.656  1.00 43.41  ? 669 PHE A CE1   1 
ATOM   567  C CE2   . PHE A 1 70  ? 2.945   -1.292  11.259  1.00 35.44  ? 669 PHE A CE2   1 
ATOM   568  C CZ    . PHE A 1 70  ? 4.057   -1.937  11.768  1.00 38.73  ? 669 PHE A CZ    1 
ATOM   569  N N     . GLU A 1 71  ? 0.892   -3.508  15.818  1.00 47.09  ? 670 GLU A N     1 
ATOM   570  C CA    . GLU A 1 71  ? 1.784   -3.562  16.974  1.00 56.18  ? 670 GLU A CA    1 
ATOM   571  C C     . GLU A 1 71  ? 3.242   -3.850  16.597  1.00 56.79  ? 670 GLU A C     1 
ATOM   572  O O     . GLU A 1 71  ? 3.534   -4.811  15.886  1.00 47.58  ? 670 GLU A O     1 
ATOM   573  C CB    . GLU A 1 71  ? 1.275   -4.595  17.990  1.00 59.26  ? 670 GLU A CB    1 
ATOM   574  C CG    . GLU A 1 71  ? 0.235   -4.034  18.949  1.00 65.62  ? 670 GLU A CG    1 
ATOM   575  C CD    . GLU A 1 71  ? 0.860   -3.474  20.215  1.00 73.56  ? 670 GLU A CD    1 
ATOM   576  O OE1   . GLU A 1 71  ? 2.028   -3.828  20.514  1.00 75.03  ? 670 GLU A OE1   1 
ATOM   577  O OE2   . GLU A 1 71  ? 0.183   -2.693  20.919  1.00 72.91  ? 670 GLU A OE2   1 
ATOM   578  N N     . HIS A 1 72  ? 4.149   -3.014  17.093  1.00 59.58  ? 671 HIS A N     1 
ATOM   579  C CA    . HIS A 1 72  ? 5.560   -3.096  16.737  1.00 60.34  ? 671 HIS A CA    1 
ATOM   580  C C     . HIS A 1 72  ? 6.433   -2.792  17.934  1.00 61.61  ? 671 HIS A C     1 
ATOM   581  O O     . HIS A 1 72  ? 6.483   -1.658  18.397  1.00 60.60  ? 671 HIS A O     1 
ATOM   582  C CB    . HIS A 1 72  ? 5.892   -2.109  15.616  1.00 49.95  ? 671 HIS A CB    1 
ATOM   583  C CG    . HIS A 1 72  ? 7.344   -2.098  15.236  1.00 52.18  ? 671 HIS A CG    1 
ATOM   584  N ND1   . HIS A 1 72  ? 8.002   -3.216  14.785  1.00 50.11  ? 671 HIS A ND1   1 
ATOM   585  C CD2   . HIS A 1 72  ? 8.252   -1.092  15.230  1.00 52.64  ? 671 HIS A CD2   1 
ATOM   586  C CE1   . HIS A 1 72  ? 9.266   -2.909  14.526  1.00 46.58  ? 671 HIS A CE1   1 
ATOM   587  N NE2   . HIS A 1 72  ? 9.440   -1.633  14.788  1.00 57.00  ? 671 HIS A NE2   1 
ATOM   588  N N     . ASP A 1 73  ? 7.146   -3.796  18.420  1.00 67.16  ? 672 ASP A N     1 
ATOM   589  C CA    . ASP A 1 73  ? 7.945   -3.609  19.627  1.00 70.23  ? 672 ASP A CA    1 
ATOM   590  C C     . ASP A 1 73  ? 7.067   -3.166  20.790  1.00 72.83  ? 672 ASP A C     1 
ATOM   591  O O     . ASP A 1 73  ? 7.497   -2.379  21.634  1.00 72.86  ? 672 ASP A O     1 
ATOM   592  C CB    . ASP A 1 73  ? 9.038   -2.561  19.397  1.00 67.49  ? 672 ASP A CB    1 
ATOM   593  C CG    . ASP A 1 73  ? 10.148  -3.065  18.495  1.00 73.37  ? 672 ASP A CG    1 
ATOM   594  O OD1   . ASP A 1 73  ? 10.089  -4.256  18.110  1.00 70.07  ? 672 ASP A OD1   1 
ATOM   595  O OD2   . ASP A 1 73  ? 11.070  -2.277  18.171  1.00 70.62  ? 672 ASP A OD2   1 
ATOM   596  N N     . GLY A 1 74  ? 5.831   -3.660  20.814  1.00 69.93  ? 673 GLY A N     1 
ATOM   597  C CA    . GLY A 1 74  ? 4.887   -3.366  21.884  1.00 72.72  ? 673 GLY A CA    1 
ATOM   598  C C     . GLY A 1 74  ? 4.449   -1.910  21.955  1.00 74.07  ? 673 GLY A C     1 
ATOM   599  O O     . GLY A 1 74  ? 4.677   -1.228  22.959  1.00 73.71  ? 673 GLY A O     1 
ATOM   600  N N     . LYS A 1 75  ? 3.806   -1.437  20.894  1.00 72.47  ? 674 LYS A N     1 
ATOM   601  C CA    . LYS A 1 75  ? 3.480   -0.030  20.764  1.00 66.95  ? 674 LYS A CA    1 
ATOM   602  C C     . LYS A 1 75  ? 2.490   -0.007  19.617  1.00 65.35  ? 674 LYS A C     1 
ATOM   603  O O     . LYS A 1 75  ? 2.464   -0.928  18.805  1.00 68.40  ? 674 LYS A O     1 
ATOM   604  C CB    . LYS A 1 75  ? 4.758   0.786   20.568  1.00 69.27  ? 674 LYS A CB    1 
ATOM   605  C CG    . LYS A 1 75  ? 5.299   0.712   19.132  1.00 71.12  ? 674 LYS A CG    1 
ATOM   606  C CD    . LYS A 1 75  ? 6.770   1.139   18.967  1.00 73.86  ? 674 LYS A CD    1 
ATOM   607  C CE    . LYS A 1 75  ? 7.174   1.145   17.478  1.00 67.61  ? 674 LYS A CE    1 
ATOM   608  N NZ    . LYS A 1 75  ? 8.629   0.936   17.255  1.00 57.98  ? 674 LYS A NZ    1 
ATOM   609  N N     . LYS A 1 76  ? 1.668   1.030   19.538  1.00 65.37  ? 675 LYS A N     1 
ATOM   610  C CA    . LYS A 1 76  ? 0.780   1.160   18.393  1.00 62.92  ? 675 LYS A CA    1 
ATOM   611  C C     . LYS A 1 76  ? 1.586   2.056   17.486  1.00 63.15  ? 675 LYS A C     1 
ATOM   612  O O     . LYS A 1 76  ? 2.113   3.076   17.935  1.00 62.99  ? 675 LYS A O     1 
ATOM   613  C CB    . LYS A 1 76  ? -0.533  1.880   18.716  1.00 64.58  ? 675 LYS A CB    1 
ATOM   614  C CG    . LYS A 1 76  ? -1.730  0.987   18.942  1.00 66.91  ? 675 LYS A CG    1 
ATOM   615  C CD    . LYS A 1 76  ? -1.524  -0.401  18.340  1.00 70.07  ? 675 LYS A CD    1 
ATOM   616  C CE    . LYS A 1 76  ? -2.786  -1.262  18.535  1.00 73.51  ? 675 LYS A CE    1 
ATOM   617  N NZ    . LYS A 1 76  ? -2.571  -2.736  18.426  1.00 64.40  ? 675 LYS A NZ    1 
ATOM   618  N N     . VAL A 1 77  ? 1.674   1.682   16.215  1.00 59.70  ? 676 VAL A N     1 
ATOM   619  C CA    . VAL A 1 77  ? 2.148   2.600   15.189  1.00 53.05  ? 676 VAL A CA    1 
ATOM   620  C C     . VAL A 1 77  ? 1.222   2.528   13.987  1.00 46.13  ? 676 VAL A C     1 
ATOM   621  O O     . VAL A 1 77  ? 0.694   1.475   13.668  1.00 48.18  ? 676 VAL A O     1 
ATOM   622  C CB    . VAL A 1 77  ? 3.611   2.306   14.762  1.00 57.35  ? 676 VAL A CB    1 
ATOM   623  C CG1   . VAL A 1 77  ? 4.581   2.753   15.834  1.00 59.94  ? 676 VAL A CG1   1 
ATOM   624  C CG2   . VAL A 1 77  ? 3.801   0.839   14.465  1.00 50.47  ? 676 VAL A CG2   1 
ATOM   625  N N     . THR A 1 78  ? 1.008   3.660   13.338  1.00 44.75  ? 677 THR A N     1 
ATOM   626  C CA    . THR A 1 78  ? 0.316   3.670   12.073  1.00 41.94  ? 677 THR A CA    1 
ATOM   627  C C     . THR A 1 78  ? 1.298   3.215   11.018  1.00 40.78  ? 677 THR A C     1 
ATOM   628  O O     . THR A 1 78  ? 2.488   3.156   11.275  1.00 45.34  ? 677 THR A O     1 
ATOM   629  C CB    . THR A 1 78  ? -0.124  5.065   11.720  1.00 41.57  ? 677 THR A CB    1 
ATOM   630  O OG1   . THR A 1 78  ? 1.039   5.878   11.519  1.00 43.07  ? 677 THR A OG1   1 
ATOM   631  C CG2   . THR A 1 78  ? -0.953  5.623   12.852  1.00 39.95  ? 677 THR A CG2   1 
ATOM   632  N N     . ILE A 1 79  ? 0.808   2.894   9.831   1.00 36.87  ? 678 ILE A N     1 
ATOM   633  C CA    . ILE A 1 79  ? 1.698   2.487   8.766   1.00 40.11  ? 678 ILE A CA    1 
ATOM   634  C C     . ILE A 1 79  ? 2.651   3.643   8.464   1.00 36.28  ? 678 ILE A C     1 
ATOM   635  O O     . ILE A 1 79  ? 3.846   3.442   8.321   1.00 37.69  ? 678 ILE A O     1 
ATOM   636  C CB    . ILE A 1 79  ? 0.921   2.089   7.484   1.00 40.05  ? 678 ILE A CB    1 
ATOM   637  C CG1   . ILE A 1 79  ? -0.076  0.979   7.790   1.00 36.58  ? 678 ILE A CG1   1 
ATOM   638  C CG2   . ILE A 1 79  ? 1.874   1.646   6.411   1.00 29.90  ? 678 ILE A CG2   1 
ATOM   639  C CD1   . ILE A 1 79  ? 0.558   -0.201  8.502   1.00 39.36  ? 678 ILE A CD1   1 
ATOM   640  N N     . ALA A 1 80  ? 2.094   4.845   8.379   1.00 38.34  ? 679 ALA A N     1 
ATOM   641  C CA    . ALA A 1 80  ? 2.850   6.067   8.110   1.00 39.47  ? 679 ALA A CA    1 
ATOM   642  C C     . ALA A 1 80  ? 4.036   6.289   9.074   1.00 36.68  ? 679 ALA A C     1 
ATOM   643  O O     . ALA A 1 80  ? 5.172   6.508   8.649   1.00 35.60  ? 679 ALA A O     1 
ATOM   644  C CB    . ALA A 1 80  ? 1.907   7.258   8.133   1.00 35.75  ? 679 ALA A CB    1 
ATOM   645  N N     . SER A 1 81  ? 3.767   6.221   10.368  1.00 39.77  ? 680 SER A N     1 
ATOM   646  C CA    . SER A 1 81  ? 4.804   6.456   11.368  1.00 38.97  ? 680 SER A CA    1 
ATOM   647  C C     . SER A 1 81  ? 5.832   5.356   11.339  1.00 41.80  ? 680 SER A C     1 
ATOM   648  O O     . SER A 1 81  ? 7.009   5.593   11.625  1.00 41.43  ? 680 SER A O     1 
ATOM   649  C CB    . SER A 1 81  ? 4.197   6.528   12.761  1.00 38.99  ? 680 SER A CB    1 
ATOM   650  O OG    . SER A 1 81  ? 3.185   7.512   12.788  1.00 43.43  ? 680 SER A OG    1 
ATOM   651  N N     . TYR A 1 82  ? 5.380   4.145   11.011  1.00 38.26  ? 681 TYR A N     1 
ATOM   652  C CA    . TYR A 1 82  ? 6.283   3.026   10.952  1.00 35.53  ? 681 TYR A CA    1 
ATOM   653  C C     . TYR A 1 82  ? 7.299   3.288   9.860   1.00 35.89  ? 681 TYR A C     1 
ATOM   654  O O     . TYR A 1 82  ? 8.489   3.093   10.056  1.00 36.98  ? 681 TYR A O     1 
ATOM   655  C CB    . TYR A 1 82  ? 5.545   1.711   10.693  1.00 32.59  ? 681 TYR A CB    1 
ATOM   656  C CG    . TYR A 1 82  ? 6.473   0.537   10.431  1.00 32.91  ? 681 TYR A CG    1 
ATOM   657  C CD1   . TYR A 1 82  ? 7.312   0.054   11.416  1.00 32.58  ? 681 TYR A CD1   1 
ATOM   658  C CD2   . TYR A 1 82  ? 6.512   -0.085  9.190   1.00 31.58  ? 681 TYR A CD2   1 
ATOM   659  C CE1   . TYR A 1 82  ? 8.161   -1.028  11.175  1.00 37.34  ? 681 TYR A CE1   1 
ATOM   660  C CE2   . TYR A 1 82  ? 7.352   -1.157  8.946   1.00 31.10  ? 681 TYR A CE2   1 
ATOM   661  C CZ    . TYR A 1 82  ? 8.176   -1.631  9.942   1.00 35.82  ? 681 TYR A CZ    1 
ATOM   662  O OH    . TYR A 1 82  ? 9.012   -2.714  9.718   1.00 31.19  ? 681 TYR A OH    1 
ATOM   663  N N     . PHE A 1 83  ? 6.826   3.729   8.706   1.00 35.80  ? 682 PHE A N     1 
ATOM   664  C CA    . PHE A 1 83  ? 7.723   3.930   7.582   1.00 35.82  ? 682 PHE A CA    1 
ATOM   665  C C     . PHE A 1 83  ? 8.604   5.125   7.836   1.00 37.16  ? 682 PHE A C     1 
ATOM   666  O O     . PHE A 1 83  ? 9.782   5.084   7.568   1.00 38.72  ? 682 PHE A O     1 
ATOM   667  C CB    . PHE A 1 83  ? 6.970   4.007   6.257   1.00 32.42  ? 682 PHE A CB    1 
ATOM   668  C CG    . PHE A 1 83  ? 6.708   2.663   5.670   1.00 33.08  ? 682 PHE A CG    1 
ATOM   669  C CD1   . PHE A 1 83  ? 5.611   1.928   6.069   1.00 30.58  ? 682 PHE A CD1   1 
ATOM   670  C CD2   . PHE A 1 83  ? 7.599   2.098   4.789   1.00 29.94  ? 682 PHE A CD2   1 
ATOM   671  C CE1   . PHE A 1 83  ? 5.387   0.681   5.582   1.00 25.84  ? 682 PHE A CE1   1 
ATOM   672  C CE2   . PHE A 1 83  ? 7.380   0.839   4.296   1.00 31.36  ? 682 PHE A CE2   1 
ATOM   673  C CZ    . PHE A 1 83  ? 6.265   0.127   4.701   1.00 29.82  ? 682 PHE A CZ    1 
ATOM   674  N N     . HIS A 1 84  ? 8.025   6.162   8.412   1.00 39.58  ? 683 HIS A N     1 
ATOM   675  C CA    . HIS A 1 84  ? 8.768   7.307   8.811   1.00 42.20  ? 683 HIS A CA    1 
ATOM   676  C C     . HIS A 1 84  ? 9.955   6.960   9.717   1.00 46.29  ? 683 HIS A C     1 
ATOM   677  O O     . HIS A 1 84  ? 11.108  7.290   9.413   1.00 45.82  ? 683 HIS A O     1 
ATOM   678  C CB    . HIS A 1 84  ? 7.854   8.235   9.609   1.00 39.59  ? 683 HIS A CB    1 
ATOM   679  C CG    . HIS A 1 84  ? 8.496   9.601   9.833   1.00 46.98  ? 683 HIS A CG    1 
ATOM   680  N ND1   . HIS A 1 84  ? 7.751   10.755  9.846   1.00 49.96  ? 683 HIS A ND1   1 
ATOM   681  C CD2   . HIS A 1 84  ? 9.785   9.972   10.028  1.00 48.81  ? 683 HIS A CD2   1 
ATOM   682  C CE1   . HIS A 1 84  ? 8.553   11.789  10.050  1.00 48.46  ? 683 HIS A CE1   1 
ATOM   683  N NE2   . HIS A 1 84  ? 9.786   11.339  10.167  1.00 44.89  ? 683 HIS A NE2   1 
ATOM   684  N N     . SER A 1 85  ? 9.651   6.291   10.814  1.00 42.60  ? 684 SER A N     1 
ATOM   685  C CA    . SER A 1 85  ? 10.666  5.892   11.810  1.00 38.52  ? 684 SER A CA    1 
ATOM   686  C C     . SER A 1 85  ? 11.661  4.864   11.266  1.00 45.04  ? 684 SER A C     1 
ATOM   687  O O     . SER A 1 85  ? 12.575  4.451   11.969  1.00 49.18  ? 684 SER A O     1 
ATOM   688  C CB    . SER A 1 85  ? 9.952   5.418   13.087  1.00 47.60  ? 684 SER A CB    1 
ATOM   689  O OG    . SER A 1 85  ? 9.807   4.005   13.091  1.00 55.58  ? 684 SER A OG    1 
ATOM   690  N N     . ARG A 1 86  ? 11.465  4.452   10.018  1.00 44.28  ? 685 ARG A N     1 
ATOM   691  C CA    . ARG A 1 86  ? 12.457  3.571   9.389   1.00 41.27  ? 685 ARG A CA    1 
ATOM   692  C C     . ARG A 1 86  ? 13.094  4.372   8.291   1.00 40.32  ? 685 ARG A C     1 
ATOM   693  O O     . ARG A 1 86  ? 13.632  3.810   7.335   1.00 42.49  ? 685 ARG A O     1 
ATOM   694  C CB    . ARG A 1 86  ? 11.860  2.281   8.810   1.00 42.94  ? 685 ARG A CB    1 
ATOM   695  C CG    . ARG A 1 86  ? 10.986  1.505   9.765   1.00 46.03  ? 685 ARG A CG    1 
ATOM   696  C CD    . ARG A 1 86  ? 11.771  0.498   10.593  1.00 46.91  ? 685 ARG A CD    1 
ATOM   697  N NE    . ARG A 1 86  ? 12.175  -0.682  9.832   1.00 48.59  ? 685 ARG A NE    1 
ATOM   698  C CZ    . ARG A 1 86  ? 13.394  -0.859  9.334   1.00 44.97  ? 685 ARG A CZ    1 
ATOM   699  N NH1   . ARG A 1 86  ? 14.328  0.070   9.510   1.00 51.70  ? 685 ARG A NH1   1 
ATOM   700  N NH2   . ARG A 1 86  ? 13.682  -1.961  8.663   1.00 36.07  ? 685 ARG A NH2   1 
ATOM   701  N N     . ASN A 1 87  ? 13.035  5.687   8.454   1.00 36.71  ? 686 ASN A N     1 
ATOM   702  C CA    . ASN A 1 87  ? 13.685  6.624   7.547   1.00 40.71  ? 686 ASN A CA    1 
ATOM   703  C C     . ASN A 1 87  ? 13.084  6.695   6.162   1.00 44.91  ? 686 ASN A C     1 
ATOM   704  O O     . ASN A 1 87  ? 13.816  6.892   5.193   1.00 46.70  ? 686 ASN A O     1 
ATOM   705  C CB    . ASN A 1 87  ? 15.175  6.320   7.449   1.00 43.79  ? 686 ASN A CB    1 
ATOM   706  C CG    . ASN A 1 87  ? 15.889  6.638   8.730   1.00 41.41  ? 686 ASN A CG    1 
ATOM   707  O OD1   . ASN A 1 87  ? 15.751  7.716   9.290   1.00 44.63  ? 686 ASN A OD1   1 
ATOM   708  N ND2   . ASN A 1 87  ? 16.680  5.682   9.208   1.00 42.68  ? 686 ASN A ND2   1 
ATOM   709  N N     . TYR A 1 88  ? 11.766  6.530   6.030   1.00 47.11  ? 687 TYR A N     1 
ATOM   710  C CA    . TYR A 1 88  ? 11.110  6.680   4.735   1.00 37.68  ? 687 TYR A CA    1 
ATOM   711  C C     . TYR A 1 88  ? 9.718   7.259   4.959   1.00 49.11  ? 687 TYR A C     1 
ATOM   712  O O     . TYR A 1 88  ? 8.750   6.530   5.094   1.00 48.67  ? 687 TYR A O     1 
ATOM   713  C CB    . TYR A 1 88  ? 11.014  5.359   3.972   1.00 39.06  ? 687 TYR A CB    1 
ATOM   714  C CG    . TYR A 1 88  ? 10.578  5.514   2.532   1.00 43.25  ? 687 TYR A CG    1 
ATOM   715  C CD1   . TYR A 1 88  ? 11.513  5.622   1.511   1.00 38.97  ? 687 TYR A CD1   1 
ATOM   716  C CD2   . TYR A 1 88  ? 9.232   5.552   2.194   1.00 42.25  ? 687 TYR A CD2   1 
ATOM   717  C CE1   . TYR A 1 88  ? 11.119  5.765   0.194   1.00 45.41  ? 687 TYR A CE1   1 
ATOM   718  C CE2   . TYR A 1 88  ? 8.829   5.694   0.880   1.00 43.18  ? 687 TYR A CE2   1 
ATOM   719  C CZ    . TYR A 1 88  ? 9.777   5.799   -0.116  1.00 48.06  ? 687 TYR A CZ    1 
ATOM   720  O OH    . TYR A 1 88  ? 9.379   5.941   -1.426  1.00 58.85  ? 687 TYR A OH    1 
ATOM   721  N N     . PRO A 1 89  ? 9.628   8.587   4.994   1.00 44.72  ? 688 PRO A N     1 
ATOM   722  C CA    . PRO A 1 89  ? 8.357   9.283   5.132   1.00 46.58  ? 688 PRO A CA    1 
ATOM   723  C C     . PRO A 1 89  ? 7.561   9.093   3.852   1.00 48.31  ? 688 PRO A C     1 
ATOM   724  O O     . PRO A 1 89  ? 8.040   9.467   2.778   1.00 52.18  ? 688 PRO A O     1 
ATOM   725  C CB    . PRO A 1 89  ? 8.728   10.752  5.373   1.00 50.88  ? 688 PRO A CB    1 
ATOM   726  C CG    . PRO A 1 89  ? 10.109  10.685  5.912   1.00 50.44  ? 688 PRO A CG    1 
ATOM   727  C CD    . PRO A 1 89  ? 10.754  9.489   5.267   1.00 46.97  ? 688 PRO A CD    1 
ATOM   728  N N     . LEU A 1 90  ? 6.389   8.520   3.931   1.00 49.92  ? 689 LEU A N     1 
ATOM   729  C CA    . LEU A 1 90  ? 5.600   8.219   2.726   1.00 47.47  ? 689 LEU A CA    1 
ATOM   730  C C     . LEU A 1 90  ? 5.145   9.442   2.024   1.00 49.65  ? 689 LEU A C     1 
ATOM   731  O O     . LEU A 1 90  ? 4.849   10.463  2.645   1.00 51.30  ? 689 LEU A O     1 
ATOM   732  C CB    . LEU A 1 90  ? 4.336   7.421   3.064   1.00 47.18  ? 689 LEU A CB    1 
ATOM   733  C CG    . LEU A 1 90  ? 4.525   6.046   3.658   1.00 44.54  ? 689 LEU A CG    1 
ATOM   734  C CD1   . LEU A 1 90  ? 3.202   5.487   4.152   1.00 41.18  ? 689 LEU A CD1   1 
ATOM   735  C CD2   . LEU A 1 90  ? 5.178   5.092   2.655   1.00 39.64  ? 689 LEU A CD2   1 
ATOM   736  N N     . LYS A 1 91  ? 5.076   9.300   0.713   1.00 51.65  ? 690 LYS A N     1 
ATOM   737  C CA    . LYS A 1 91  ? 4.634   10.398  -0.096  1.00 55.11  ? 690 LYS A CA    1 
ATOM   738  C C     . LYS A 1 91  ? 3.137   10.595  0.088   1.00 54.17  ? 690 LYS A C     1 
ATOM   739  O O     . LYS A 1 91  ? 2.643   11.730  0.121   1.00 56.61  ? 690 LYS A O     1 
ATOM   740  C CB    . LYS A 1 91  ? 4.932   10.132  -1.573  1.00 54.39  ? 690 LYS A CB    1 
ATOM   741  C CG    . LYS A 1 91  ? 6.363   10.433  -1.964  1.00 61.45  ? 690 LYS A CG    1 
ATOM   742  C CD    . LYS A 1 91  ? 7.353   9.509   -1.268  1.00 66.24  ? 690 LYS A CD    1 
ATOM   743  C CE    . LYS A 1 91  ? 8.738   10.151  -1.188  1.00 62.16  ? 690 LYS A CE    1 
ATOM   744  N NZ    . LYS A 1 91  ? 9.402   9.896   0.128   1.00 58.07  ? 690 LYS A NZ    1 
ATOM   745  N N     . PHE A 1 92  ? 2.405   9.508   0.174   1.00 52.09  ? 691 PHE A N     1 
ATOM   746  C CA    . PHE A 1 92  ? 0.975   9.511   0.378   1.00 51.05  ? 691 PHE A CA    1 
ATOM   747  C C     . PHE A 1 92  ? 0.679   8.788   1.678   1.00 52.16  ? 691 PHE A C     1 
ATOM   748  O O     . PHE A 1 92  ? 0.489   7.573   1.686   1.00 52.91  ? 691 PHE A O     1 
ATOM   749  C CB    . PHE A 1 92  ? 0.255   8.904   -0.810  1.00 52.57  ? 691 PHE A CB    1 
ATOM   750  C CG    . PHE A 1 92  ? 0.697   9.457   -2.136  1.00 60.80  ? 691 PHE A CG    1 
ATOM   751  C CD1   . PHE A 1 92  ? 1.445   8.685   -3.009  1.00 57.55  ? 691 PHE A CD1   1 
ATOM   752  C CD2   . PHE A 1 92  ? 0.362   10.748  -2.508  1.00 61.04  ? 691 PHE A CD2   1 
ATOM   753  C CE1   . PHE A 1 92  ? 1.852   9.192   -4.229  1.00 59.17  ? 691 PHE A CE1   1 
ATOM   754  C CE2   . PHE A 1 92  ? 0.766   11.260  -3.727  1.00 63.24  ? 691 PHE A CE2   1 
ATOM   755  C CZ    . PHE A 1 92  ? 1.512   10.480  -4.589  1.00 64.12  ? 691 PHE A CZ    1 
ATOM   756  N N     . PRO A 1 93  ? 0.618   9.527   2.782   1.00 47.80  ? 692 PRO A N     1 
ATOM   757  C CA    . PRO A 1 93  ? 0.341   8.916   4.063   1.00 53.68  ? 692 PRO A CA    1 
ATOM   758  C C     . PRO A 1 93  ? -1.137  8.740   4.254   1.00 54.23  ? 692 PRO A C     1 
ATOM   759  O O     . PRO A 1 93  ? -1.590  7.978   5.123   1.00 51.50  ? 692 PRO A O     1 
ATOM   760  C CB    . PRO A 1 93  ? 0.939   9.868   5.098   1.00 51.27  ? 692 PRO A CB    1 
ATOM   761  C CG    . PRO A 1 93  ? 1.106   11.169  4.363   1.00 54.73  ? 692 PRO A CG    1 
ATOM   762  C CD    . PRO A 1 93  ? 1.300   10.830  2.923   1.00 53.61  ? 692 PRO A CD    1 
ATOM   763  N N     . GLN A 1 94  ? -1.912  9.437   3.433   1.00 52.01  ? 693 GLN A N     1 
ATOM   764  C CA    . GLN A 1 94  ? -3.367  9.410   3.501   1.00 52.41  ? 693 GLN A CA    1 
ATOM   765  C C     . GLN A 1 94  ? -3.995  8.398   2.589   1.00 50.06  ? 693 GLN A C     1 
ATOM   766  O O     . GLN A 1 94  ? -5.207  8.204   2.603   1.00 54.65  ? 693 GLN A O     1 
ATOM   767  C CB    . GLN A 1 94  ? -3.929  10.790  3.200   1.00 59.28  ? 693 GLN A CB    1 
ATOM   768  C CG    . GLN A 1 94  ? -4.264  11.027  1.735   1.00 56.66  ? 693 GLN A CG    1 
ATOM   769  C CD    . GLN A 1 94  ? -3.061  11.024  0.825   1.00 56.55  ? 693 GLN A CD    1 
ATOM   770  O OE1   . GLN A 1 94  ? -1.924  11.055  1.285   1.00 56.49  ? 693 GLN A OE1   1 
ATOM   771  N NE2   . GLN A 1 94  ? -3.303  10.988  -0.482  1.00 62.07  ? 693 GLN A NE2   1 
ATOM   772  N N     . LEU A 1 95  ? -3.170  7.767   1.770   1.00 52.42  ? 694 LEU A N     1 
ATOM   773  C CA    . LEU A 1 95  ? -3.611  6.720   0.871   1.00 48.98  ? 694 LEU A CA    1 
ATOM   774  C C     . LEU A 1 95  ? -3.859  5.453   1.662   1.00 48.61  ? 694 LEU A C     1 
ATOM   775  O O     . LEU A 1 95  ? -3.162  5.184   2.643   1.00 46.46  ? 694 LEU A O     1 
ATOM   776  C CB    . LEU A 1 95  ? -2.530  6.422   -0.152  1.00 50.15  ? 694 LEU A CB    1 
ATOM   777  C CG    . LEU A 1 95  ? -2.949  6.356   -1.611  1.00 49.10  ? 694 LEU A CG    1 
ATOM   778  C CD1   . LEU A 1 95  ? -3.865  7.514   -1.991  1.00 56.19  ? 694 LEU A CD1   1 
ATOM   779  C CD2   . LEU A 1 95  ? -1.713  6.325   -2.504  1.00 50.05  ? 694 LEU A CD2   1 
ATOM   780  N N     . HIS A 1 96  ? -4.854  4.680   1.248   1.00 48.62  ? 695 HIS A N     1 
ATOM   781  C CA    . HIS A 1 96  ? -5.063  3.376   1.850   1.00 48.00  ? 695 HIS A CA    1 
ATOM   782  C C     . HIS A 1 96  ? -3.993  2.442   1.318   1.00 42.71  ? 695 HIS A C     1 
ATOM   783  O O     . HIS A 1 96  ? -3.396  2.707   0.278   1.00 36.52  ? 695 HIS A O     1 
ATOM   784  C CB    . HIS A 1 96  ? -6.450  2.828   1.526   1.00 45.80  ? 695 HIS A CB    1 
ATOM   785  C CG    . HIS A 1 96  ? -7.550  3.457   2.326   1.00 48.92  ? 695 HIS A CG    1 
ATOM   786  N ND1   . HIS A 1 96  ? -8.010  4.728   2.079   1.00 53.75  ? 695 HIS A ND1   1 
ATOM   787  C CD2   . HIS A 1 96  ? -8.295  2.969   3.348   1.00 50.70  ? 695 HIS A CD2   1 
ATOM   788  C CE1   . HIS A 1 96  ? -8.980  5.014   2.937   1.00 53.22  ? 695 HIS A CE1   1 
ATOM   789  N NE2   . HIS A 1 96  ? -9.170  3.966   3.709   1.00 56.36  ? 695 HIS A NE2   1 
ATOM   790  N N     . CYS A 1 97  ? -3.766  1.353   2.041   1.00 39.95  ? 696 CYS A N     1 
ATOM   791  C CA    . CYS A 1 97  ? -2.693  0.424   1.731   1.00 41.65  ? 696 CYS A CA    1 
ATOM   792  C C     . CYS A 1 97  ? -3.235  -0.828  1.079   1.00 42.24  ? 696 CYS A C     1 
ATOM   793  O O     . CYS A 1 97  ? -4.413  -1.163  1.224   1.00 43.00  ? 696 CYS A O     1 
ATOM   794  C CB    . CYS A 1 97  ? -1.957  0.018   3.012   1.00 40.72  ? 696 CYS A CB    1 
ATOM   795  S SG    . CYS A 1 97  ? -1.040  1.347   3.832   1.00 39.74  ? 696 CYS A SG    1 
ATOM   796  N N     . LEU A 1 98  ? -2.360  -1.519  0.365   1.00 39.14  ? 697 LEU A N     1 
ATOM   797  C CA    . LEU A 1 98  ? -2.671  -2.824  -0.164  1.00 36.32  ? 697 LEU A CA    1 
ATOM   798  C C     . LEU A 1 98  ? -2.589  -3.815  0.966   1.00 37.72  ? 697 LEU A C     1 
ATOM   799  O O     . LEU A 1 98  ? -1.601  -3.862  1.679   1.00 40.15  ? 697 LEU A O     1 
ATOM   800  C CB    . LEU A 1 98  ? -1.673  -3.227  -1.236  1.00 35.49  ? 697 LEU A CB    1 
ATOM   801  C CG    . LEU A 1 98  ? -1.554  -2.352  -2.477  1.00 38.07  ? 697 LEU A CG    1 
ATOM   802  C CD1   . LEU A 1 98  ? -0.646  -3.013  -3.480  1.00 39.10  ? 697 LEU A CD1   1 
ATOM   803  C CD2   . LEU A 1 98  ? -2.908  -2.133  -3.079  1.00 35.53  ? 697 LEU A CD2   1 
ATOM   804  N N     . ASN A 1 99  ? -3.638  -4.608  1.119   1.00 41.76  ? 698 ASN A N     1 
ATOM   805  C CA    . ASN A 1 99  ? -3.682  -5.657  2.110   1.00 38.91  ? 698 ASN A CA    1 
ATOM   806  C C     . ASN A 1 99  ? -3.153  -6.951  1.537   1.00 45.32  ? 698 ASN A C     1 
ATOM   807  O O     . ASN A 1 99  ? -3.746  -7.506  0.612   1.00 47.20  ? 698 ASN A O     1 
ATOM   808  C CB    . ASN A 1 99  ? -5.124  -5.869  2.536   1.00 44.21  ? 698 ASN A CB    1 
ATOM   809  C CG    . ASN A 1 99  ? -5.244  -6.815  3.688   1.00 50.78  ? 698 ASN A CG    1 
ATOM   810  O OD1   . ASN A 1 99  ? -4.666  -7.895  3.676   1.00 55.12  ? 698 ASN A OD1   1 
ATOM   811  N ND2   . ASN A 1 99  ? -5.982  -6.409  4.711   1.00 59.27  ? 698 ASN A ND2   1 
ATOM   812  N N     . VAL A 1 100 ? -2.043  -7.444  2.070   1.00 42.25  ? 699 VAL A N     1 
ATOM   813  C CA    . VAL A 1 100 ? -1.507  -8.715  1.602   1.00 39.16  ? 699 VAL A CA    1 
ATOM   814  C C     . VAL A 1 100 ? -1.503  -9.768  2.687   1.00 42.77  ? 699 VAL A C     1 
ATOM   815  O O     . VAL A 1 100 ? -1.206  -10.928 2.434   1.00 48.01  ? 699 VAL A O     1 
ATOM   816  C CB    . VAL A 1 100 ? -0.158  -8.553  0.873   1.00 38.21  ? 699 VAL A CB    1 
ATOM   817  C CG1   . VAL A 1 100 ? -0.331  -7.646  -0.325  1.00 39.44  ? 699 VAL A CG1   1 
ATOM   818  C CG2   . VAL A 1 100 ? 0.905   -8.017  1.805   1.00 35.23  ? 699 VAL A CG2   1 
ATOM   819  N N     . GLY A 1 101 ? -1.849  -9.362  3.899   1.00 42.86  ? 700 GLY A N     1 
ATOM   820  C CA    . GLY A 1 101 ? -1.985  -10.303 4.992   1.00 50.97  ? 700 GLY A CA    1 
ATOM   821  C C     . GLY A 1 101 ? -3.164  -11.258 4.899   1.00 58.56  ? 700 GLY A C     1 
ATOM   822  O O     . GLY A 1 101 ? -4.067  -11.067 4.084   1.00 60.01  ? 700 GLY A O     1 
ATOM   823  N N     . SER A 1 102 ? -3.159  -12.290 5.735   1.00 66.31  ? 701 SER A N     1 
ATOM   824  C CA    . SER A 1 102 ? -4.260  -13.246 5.774   1.00 63.09  ? 701 SER A CA    1 
ATOM   825  C C     . SER A 1 102 ? -5.188  -12.957 6.941   1.00 68.55  ? 701 SER A C     1 
ATOM   826  O O     . SER A 1 102 ? -4.988  -11.999 7.697   1.00 66.26  ? 701 SER A O     1 
ATOM   827  C CB    . SER A 1 102 ? -3.743  -14.641 6.110   1.00 65.67  ? 701 SER A CB    1 
ATOM   828  O OG    . SER A 1 102 ? -3.053  -14.637 7.351   1.00 66.71  ? 701 SER A OG    1 
ATOM   829  N N     . SER A 1 103 ? -6.275  -13.709 7.006   1.00 73.87  ? 702 SER A N     1 
ATOM   830  C CA    . SER A 1 103 ? -7.301  -13.506 8.019   1.00 66.28  ? 702 SER A CA    1 
ATOM   831  C C     . SER A 1 103 ? -6.839  -13.326 9.461   1.00 70.60  ? 702 SER A C     1 
ATOM   832  O O     . SER A 1 103 ? -7.487  -12.644 10.258  1.00 67.89  ? 702 SER A O     1 
ATOM   833  C CB    . SER A 1 103 ? -8.252  -14.697 7.985   1.00 77.72  ? 702 SER A CB    1 
ATOM   834  O OG    . SER A 1 103 ? -7.578  -15.832 7.452   1.00 80.09  ? 702 SER A OG    1 
ATOM   835  N N     . ILE A 1 104 ? -5.684  -13.884 9.779   1.00 72.13  ? 703 ILE A N     1 
ATOM   836  C CA    . ILE A 1 104 ? -5.177  -13.904 11.146  1.00 67.94  ? 703 ILE A CA    1 
ATOM   837  C C     . ILE A 1 104 ? -3.986  -12.949 11.306  1.00 70.41  ? 703 ILE A C     1 
ATOM   838  O O     . ILE A 1 104 ? -3.545  -12.655 12.427  1.00 67.32  ? 703 ILE A O     1 
ATOM   839  C CB    . ILE A 1 104 ? -4.737  -15.310 11.561  1.00 67.96  ? 703 ILE A CB    1 
ATOM   840  C CG1   . ILE A 1 104 ? -3.510  -15.743 10.751  1.00 72.47  ? 703 ILE A CG1   1 
ATOM   841  C CG2   . ILE A 1 104 ? -5.869  -16.286 11.334  1.00 66.40  ? 703 ILE A CG2   1 
ATOM   842  C CD1   . ILE A 1 104 ? -2.206  -15.854 11.567  1.00 76.68  ? 703 ILE A CD1   1 
ATOM   843  N N     . LYS A 1 105 ? -3.469  -12.465 10.182  1.00 63.30  ? 704 LYS A N     1 
ATOM   844  C CA    . LYS A 1 105 ? -2.216  -11.724 10.181  1.00 58.82  ? 704 LYS A CA    1 
ATOM   845  C C     . LYS A 1 105 ? -2.278  -10.581 9.174   1.00 51.58  ? 704 LYS A C     1 
ATOM   846  O O     . LYS A 1 105 ? -2.447  -10.799 7.978   1.00 52.54  ? 704 LYS A O     1 
ATOM   847  C CB    . LYS A 1 105 ? -1.065  -12.691 9.882   1.00 54.06  ? 704 LYS A CB    1 
ATOM   848  C CG    . LYS A 1 105 ? 0.174   -12.079 9.295   1.00 52.12  ? 704 LYS A CG    1 
ATOM   849  C CD    . LYS A 1 105 ? 1.095   -11.571 10.346  1.00 48.51  ? 704 LYS A CD    1 
ATOM   850  C CE    . LYS A 1 105 ? 2.250   -10.865 9.689   1.00 40.69  ? 704 LYS A CE    1 
ATOM   851  N NZ    . LYS A 1 105 ? 2.455   -9.605  10.410  1.00 43.87  ? 704 LYS A NZ    1 
ATOM   852  N N     . SER A 1 106 ? -2.169  -9.356  9.670   1.00 53.31  ? 705 SER A N     1 
ATOM   853  C CA    . SER A 1 106 ? -2.285  -8.179  8.805   1.00 55.87  ? 705 SER A CA    1 
ATOM   854  C C     . SER A 1 106 ? -0.950  -7.861  8.143   1.00 45.01  ? 705 SER A C     1 
ATOM   855  O O     . SER A 1 106 ? 0.089   -7.915  8.792   1.00 46.37  ? 705 SER A O     1 
ATOM   856  C CB    . SER A 1 106 ? -2.769  -6.960  9.604   1.00 48.54  ? 705 SER A CB    1 
ATOM   857  O OG    . SER A 1 106 ? -1.848  -6.627  10.626  1.00 54.42  ? 705 SER A OG    1 
ATOM   858  N N     . ILE A 1 107 ? -0.979  -7.555  6.852   1.00 40.59  ? 706 ILE A N     1 
ATOM   859  C CA    . ILE A 1 107 ? 0.186   -7.002  6.191   1.00 33.42  ? 706 ILE A CA    1 
ATOM   860  C C     . ILE A 1 107 ? -0.291  -5.982  5.202   1.00 40.04  ? 706 ILE A C     1 
ATOM   861  O O     . ILE A 1 107 ? -0.985  -6.306  4.252   1.00 40.84  ? 706 ILE A O     1 
ATOM   862  C CB    . ILE A 1 107 ? 1.047   -8.063  5.489   1.00 44.05  ? 706 ILE A CB    1 
ATOM   863  C CG1   . ILE A 1 107 ? 1.552   -9.085  6.506   1.00 43.10  ? 706 ILE A CG1   1 
ATOM   864  C CG2   . ILE A 1 107 ? 2.250   -7.419  4.804   1.00 34.12  ? 706 ILE A CG2   1 
ATOM   865  C CD1   . ILE A 1 107 ? 2.124   -10.313 5.892   1.00 39.65  ? 706 ILE A CD1   1 
ATOM   866  N N     . LEU A 1 108 ? 0.085   -4.736  5.456   1.00 40.29  ? 707 LEU A N     1 
ATOM   867  C CA    . LEU A 1 108 ? -0.381  -3.602  4.690   1.00 38.37  ? 707 LEU A CA    1 
ATOM   868  C C     . LEU A 1 108 ? 0.811   -2.932  4.034   1.00 36.26  ? 707 LEU A C     1 
ATOM   869  O O     . LEU A 1 108 ? 1.809   -2.634  4.684   1.00 36.41  ? 707 LEU A O     1 
ATOM   870  C CB    . LEU A 1 108 ? -1.117  -2.643  5.622   1.00 36.07  ? 707 LEU A CB    1 
ATOM   871  C CG    . LEU A 1 108 ? -2.201  -3.417  6.371   1.00 41.33  ? 707 LEU A CG    1 
ATOM   872  C CD1   . LEU A 1 108 ? -2.953  -2.560  7.353   1.00 44.06  ? 707 LEU A CD1   1 
ATOM   873  C CD2   . LEU A 1 108 ? -3.157  -4.024  5.362   1.00 43.14  ? 707 LEU A CD2   1 
ATOM   874  N N     . LEU A 1 109 ? 0.720   -2.724  2.733   1.00 36.15  ? 708 LEU A N     1 
ATOM   875  C CA    . LEU A 1 109 ? 1.836   -2.170  1.984   1.00 35.75  ? 708 LEU A CA    1 
ATOM   876  C C     . LEU A 1 109 ? 1.418   -0.878  1.327   1.00 34.11  ? 708 LEU A C     1 
ATOM   877  O O     . LEU A 1 109 ? 0.396   -0.834  0.645   1.00 36.90  ? 708 LEU A O     1 
ATOM   878  C CB    . LEU A 1 109 ? 2.292   -3.142  0.903   1.00 31.67  ? 708 LEU A CB    1 
ATOM   879  C CG    . LEU A 1 109 ? 2.544   -4.604  1.263   1.00 36.09  ? 708 LEU A CG    1 
ATOM   880  C CD1   . LEU A 1 109 ? 2.761   -5.386  -0.011  1.00 39.14  ? 708 LEU A CD1   1 
ATOM   881  C CD2   . LEU A 1 109 ? 3.727   -4.798  2.210   1.00 35.43  ? 708 LEU A CD2   1 
ATOM   882  N N     . PRO A 1 110 ? 2.204   0.183   1.527   1.00 37.69  ? 709 PRO A N     1 
ATOM   883  C CA    . PRO A 1 110 ? 1.914   1.455   0.865   1.00 36.40  ? 709 PRO A CA    1 
ATOM   884  C C     . PRO A 1 110 ? 2.008   1.273   -0.626  1.00 36.02  ? 709 PRO A C     1 
ATOM   885  O O     . PRO A 1 110 ? 2.962   0.695   -1.121  1.00 36.89  ? 709 PRO A O     1 
ATOM   886  C CB    . PRO A 1 110 ? 3.034   2.366   1.355   1.00 35.62  ? 709 PRO A CB    1 
ATOM   887  C CG    . PRO A 1 110 ? 3.439   1.780   2.680   1.00 35.10  ? 709 PRO A CG    1 
ATOM   888  C CD    . PRO A 1 110 ? 3.352   0.293   2.446   1.00 38.22  ? 709 PRO A CD    1 
ATOM   889  N N     . ILE A 1 111 ? 1.009   1.761   -1.339  1.00 42.57  ? 710 ILE A N     1 
ATOM   890  C CA    . ILE A 1 111 ? 0.924   1.526   -2.771  1.00 42.35  ? 710 ILE A CA    1 
ATOM   891  C C     . ILE A 1 111 ? 2.125   2.070   -3.521  1.00 39.21  ? 710 ILE A C     1 
ATOM   892  O O     . ILE A 1 111 ? 2.512   1.530   -4.547  1.00 42.07  ? 710 ILE A O     1 
ATOM   893  C CB    . ILE A 1 111 ? -0.360  2.128   -3.349  1.00 45.09  ? 710 ILE A CB    1 
ATOM   894  C CG1   . ILE A 1 111 ? -1.574  1.408   -2.760  1.00 45.28  ? 710 ILE A CG1   1 
ATOM   895  C CG2   . ILE A 1 111 ? -0.362  1.980   -4.843  1.00 47.26  ? 710 ILE A CG2   1 
ATOM   896  C CD1   . ILE A 1 111 ? -2.875  2.192   -2.833  1.00 44.28  ? 710 ILE A CD1   1 
ATOM   897  N N     . GLU A 1 112 ? 2.721   3.133   -2.990  1.00 37.23  ? 711 GLU A N     1 
ATOM   898  C CA    . GLU A 1 112 ? 3.842   3.785   -3.654  1.00 37.17  ? 711 GLU A CA    1 
ATOM   899  C C     . GLU A 1 112 ? 5.053   2.876   -3.680  1.00 39.42  ? 711 GLU A C     1 
ATOM   900  O O     . GLU A 1 112 ? 5.968   3.084   -4.472  1.00 38.90  ? 711 GLU A O     1 
ATOM   901  C CB    . GLU A 1 112 ? 4.181   5.091   -2.942  1.00 46.12  ? 711 GLU A CB    1 
ATOM   902  C CG    . GLU A 1 112 ? 4.188   4.950   -1.430  1.00 43.87  ? 711 GLU A CG    1 
ATOM   903  C CD    . GLU A 1 112 ? 4.533   6.231   -0.730  1.00 45.26  ? 711 GLU A CD    1 
ATOM   904  O OE1   . GLU A 1 112 ? 3.603   6.970   -0.380  1.00 48.54  ? 711 GLU A OE1   1 
ATOM   905  O OE2   . GLU A 1 112 ? 5.736   6.499   -0.535  1.00 54.78  ? 711 GLU A OE2   1 
ATOM   906  N N     . LEU A 1 113 ? 5.049   1.863   -2.816  1.00 37.23  ? 712 LEU A N     1 
ATOM   907  C CA    . LEU A 1 113 ? 6.170   0.935   -2.703  1.00 31.00  ? 712 LEU A CA    1 
ATOM   908  C C     . LEU A 1 113 ? 5.911   -0.361  -3.474  1.00 36.08  ? 712 LEU A C     1 
ATOM   909  O O     . LEU A 1 113 ? 6.721   -1.300  -3.461  1.00 30.68  ? 712 LEU A O     1 
ATOM   910  C CB    . LEU A 1 113 ? 6.453   0.632   -1.232  1.00 33.49  ? 712 LEU A CB    1 
ATOM   911  C CG    . LEU A 1 113 ? 6.989   1.807   -0.412  1.00 36.61  ? 712 LEU A CG    1 
ATOM   912  C CD1   . LEU A 1 113 ? 7.217   1.397   1.029   1.00 34.95  ? 712 LEU A CD1   1 
ATOM   913  C CD2   . LEU A 1 113 ? 8.298   2.330   -1.033  1.00 34.29  ? 712 LEU A CD2   1 
ATOM   914  N N     . CYS A 1 114 ? 4.780   -0.403  -4.161  1.00 38.07  ? 713 CYS A N     1 
ATOM   915  C CA    . CYS A 1 114 ? 4.375   -1.622  -4.829  1.00 41.37  ? 713 CYS A CA    1 
ATOM   916  C C     . CYS A 1 114 ? 4.360   -1.441  -6.318  1.00 41.39  ? 713 CYS A C     1 
ATOM   917  O O     . CYS A 1 114 ? 4.076   -0.356  -6.809  1.00 43.23  ? 713 CYS A O     1 
ATOM   918  C CB    . CYS A 1 114 ? 3.008   -2.064  -4.335  1.00 40.45  ? 713 CYS A CB    1 
ATOM   919  S SG    . CYS A 1 114 ? 3.089   -2.621  -2.651  1.00 38.92  ? 713 CYS A SG    1 
ATOM   920  N N     . SER A 1 115 ? 4.688   -2.502  -7.039  1.00 41.71  ? 714 SER A N     1 
ATOM   921  C CA    . SER A 1 115 ? 4.671   -2.431  -8.487  1.00 47.46  ? 714 SER A CA    1 
ATOM   922  C C     . SER A 1 115 ? 4.173   -3.739  -9.069  1.00 48.24  ? 714 SER A C     1 
ATOM   923  O O     . SER A 1 115 ? 4.130   -4.765  -8.389  1.00 49.83  ? 714 SER A O     1 
ATOM   924  C CB    . SER A 1 115 ? 6.049   -2.066  -9.040  1.00 42.69  ? 714 SER A CB    1 
ATOM   925  O OG    . SER A 1 115 ? 6.931   -3.166  -8.957  1.00 46.68  ? 714 SER A OG    1 
ATOM   926  N N     . ILE A 1 116 ? 3.765   -3.690  -10.325 1.00 50.40  ? 715 ILE A N     1 
ATOM   927  C CA    . ILE A 1 116 ? 3.319   -4.893  -10.990 1.00 52.79  ? 715 ILE A CA    1 
ATOM   928  C C     . ILE A 1 116 ? 4.329   -5.276  -12.058 1.00 54.42  ? 715 ILE A C     1 
ATOM   929  O O     . ILE A 1 116 ? 4.735   -4.456  -12.889 1.00 56.50  ? 715 ILE A O     1 
ATOM   930  C CB    . ILE A 1 116 ? 1.909   -4.735  -11.576 1.00 52.95  ? 715 ILE A CB    1 
ATOM   931  C CG1   . ILE A 1 116 ? 1.381   -6.084  -12.056 1.00 59.37  ? 715 ILE A CG1   1 
ATOM   932  C CG2   . ILE A 1 116 ? 1.921   -3.747  -12.697 1.00 55.27  ? 715 ILE A CG2   1 
ATOM   933  C CD1   . ILE A 1 116 ? -0.125  -6.144  -12.143 1.00 60.09  ? 715 ILE A CD1   1 
ATOM   934  N N     . GLU A 1 117 ? 4.764   -6.524  -11.996 1.00 57.25  ? 716 GLU A N     1 
ATOM   935  C CA    . GLU A 1 117 ? 5.753   -7.034  -12.923 1.00 62.04  ? 716 GLU A CA    1 
ATOM   936  C C     . GLU A 1 117 ? 5.088   -7.374  -14.243 1.00 68.81  ? 716 GLU A C     1 
ATOM   937  O O     . GLU A 1 117 ? 4.125   -8.147  -14.276 1.00 67.62  ? 716 GLU A O     1 
ATOM   938  C CB    . GLU A 1 117 ? 6.392   -8.287  -12.345 1.00 66.30  ? 716 GLU A CB    1 
ATOM   939  C CG    . GLU A 1 117 ? 7.883   -8.406  -12.585 1.00 70.35  ? 716 GLU A CG    1 
ATOM   940  C CD    . GLU A 1 117 ? 8.351   -9.847  -12.497 1.00 86.73  ? 716 GLU A CD    1 
ATOM   941  O OE1   . GLU A 1 117 ? 7.888   -10.662 -13.331 1.00 82.89  ? 716 GLU A OE1   1 
ATOM   942  O OE2   . GLU A 1 117 ? 9.169   -10.166 -11.597 1.00 91.10  ? 716 GLU A OE2   1 
ATOM   943  N N     . GLU A 1 118 ? 5.605   -6.801  -15.331 1.00 71.77  ? 717 GLU A N     1 
ATOM   944  C CA    . GLU A 1 118 ? 5.072   -7.049  -16.679 1.00 73.35  ? 717 GLU A CA    1 
ATOM   945  C C     . GLU A 1 118 ? 6.022   -7.784  -17.639 1.00 74.95  ? 717 GLU A C     1 
ATOM   946  O O     . GLU A 1 118 ? 6.110   -9.016  -17.657 1.00 77.28  ? 717 GLU A O     1 
ATOM   947  C CB    . GLU A 1 118 ? 4.596   -5.739  -17.316 1.00 72.33  ? 717 GLU A CB    1 
ATOM   948  C CG    . GLU A 1 118 ? 5.640   -4.652  -17.361 1.00 67.88  ? 717 GLU A CG    1 
ATOM   949  C CD    . GLU A 1 118 ? 5.045   -3.300  -17.679 1.00 65.59  ? 717 GLU A CD    1 
ATOM   950  O OE1   . GLU A 1 118 ? 3.811   -3.160  -17.581 1.00 64.64  ? 717 GLU A OE1   1 
ATOM   951  O OE2   . GLU A 1 118 ? 5.812   -2.375  -18.019 1.00 69.48  ? 717 GLU A OE2   1 
ATOM   952  O "O5'" . C   B 2 1   ? -1.046  -28.213 5.753   1.00 48.35  ? 1   C   B "O5'" 1 
ATOM   953  C "C5'" . C   B 2 1   ? -2.344  -28.569 6.249   1.00 47.08  ? 1   C   B "C5'" 1 
ATOM   954  C "C4'" . C   B 2 1   ? -2.244  -29.262 7.598   1.00 46.21  ? 1   C   B "C4'" 1 
ATOM   955  O "O4'" . C   B 2 1   ? -1.224  -30.281 7.532   1.00 46.81  ? 1   C   B "O4'" 1 
ATOM   956  C "C3'" . C   B 2 1   ? -1.761  -28.386 8.733   1.00 46.06  ? 1   C   B "C3'" 1 
ATOM   957  O "O3'" . C   B 2 1   ? -2.842  -27.631 9.215   1.00 48.21  ? 1   C   B "O3'" 1 
ATOM   958  C "C2'" . C   B 2 1   ? -1.406  -29.470 9.720   1.00 43.52  ? 1   C   B "C2'" 1 
ATOM   959  O "O2'" . C   B 2 1   ? -2.567  -30.155 10.142  1.00 47.96  ? 1   C   B "O2'" 1 
ATOM   960  C "C1'" . C   B 2 1   ? -0.622  -30.381 8.802   1.00 44.51  ? 1   C   B "C1'" 1 
ATOM   961  N N1    . C   B 2 1   ? 0.813   -30.053 8.704   1.00 46.35  ? 1   C   B N1    1 
ATOM   962  C C2    . C   B 2 1   ? 1.615   -30.485 9.755   1.00 39.15  ? 1   C   B C2    1 
ATOM   963  O O2    . C   B 2 1   ? 1.068   -31.082 10.680  1.00 42.64  ? 1   C   B O2    1 
ATOM   964  N N3    . C   B 2 1   ? 2.942   -30.234 9.729   1.00 41.26  ? 1   C   B N3    1 
ATOM   965  C C4    . C   B 2 1   ? 3.479   -29.575 8.692   1.00 45.54  ? 1   C   B C4    1 
ATOM   966  N N4    . C   B 2 1   ? 4.803   -29.347 8.713   1.00 36.54  ? 1   C   B N4    1 
ATOM   967  C C5    . C   B 2 1   ? 2.668   -29.132 7.597   1.00 40.89  ? 1   C   B C5    1 
ATOM   968  C C6    . C   B 2 1   ? 1.351   -29.394 7.635   1.00 42.66  ? 1   C   B C6    1 
ATOM   969  P P     . G   B 2 2   ? -2.596  -26.207 9.879   1.00 48.58  ? 2   G   B P     1 
ATOM   970  O OP1   . G   B 2 2   ? -3.972  -25.701 9.983   1.00 52.32  ? 2   G   B OP1   1 
ATOM   971  O OP2   . G   B 2 2   ? -1.489  -25.482 9.208   1.00 45.23  ? 2   G   B OP2   1 
ATOM   972  O "O5'" . G   B 2 2   ? -2.014  -26.499 11.338  1.00 46.49  ? 2   G   B "O5'" 1 
ATOM   973  C "C5'" . G   B 2 2   ? -2.780  -27.248 12.239  1.00 44.84  ? 2   G   B "C5'" 1 
ATOM   974  C "C4'" . G   B 2 2   ? -1.967  -27.600 13.471  1.00 43.73  ? 2   G   B "C4'" 1 
ATOM   975  O "O4'" . G   B 2 2   ? -0.897  -28.517 13.160  1.00 40.39  ? 2   G   B "O4'" 1 
ATOM   976  C "C3'" . G   B 2 2   ? -1.240  -26.434 14.093  1.00 37.46  ? 2   G   B "C3'" 1 
ATOM   977  O "O3'" . G   B 2 2   ? -2.162  -25.725 14.848  1.00 39.66  ? 2   G   B "O3'" 1 
ATOM   978  C "C2'" . G   B 2 2   ? -0.295  -27.172 15.005  1.00 37.60  ? 2   G   B "C2'" 1 
ATOM   979  O "O2'" . G   B 2 2   ? -0.994  -27.819 16.035  1.00 43.12  ? 2   G   B "O2'" 1 
ATOM   980  C "C1'" . G   B 2 2   ? 0.152   -28.266 14.073  1.00 40.87  ? 2   G   B "C1'" 1 
ATOM   981  N N9    . G   B 2 2   ? 1.302   -27.964 13.266  1.00 36.62  ? 2   G   B N9    1 
ATOM   982  C C8    . G   B 2 2   ? 1.309   -27.650 11.926  1.00 39.72  ? 2   G   B C8    1 
ATOM   983  N N7    . G   B 2 2   ? 2.503   -27.471 11.451  1.00 37.32  ? 2   G   B N7    1 
ATOM   984  C C5    . G   B 2 2   ? 3.333   -27.678 12.547  1.00 39.90  ? 2   G   B C5    1 
ATOM   985  C C6    . G   B 2 2   ? 4.734   -27.618 12.674  1.00 37.00  ? 2   G   B C6    1 
ATOM   986  O O6    . G   B 2 2   ? 5.569   -27.361 11.800  1.00 44.97  ? 2   G   B O6    1 
ATOM   987  N N1    . G   B 2 2   ? 5.152   -27.899 13.972  1.00 35.08  ? 2   G   B N1    1 
ATOM   988  C C2    . G   B 2 2   ? 4.317   -28.190 15.022  1.00 34.78  ? 2   G   B C2    1 
ATOM   989  N N2    . G   B 2 2   ? 4.876   -28.430 16.222  1.00 32.17  ? 2   G   B N2    1 
ATOM   990  N N3    . G   B 2 2   ? 3.008   -28.234 14.915  1.00 35.11  ? 2   G   B N3    1 
ATOM   991  C C4    . G   B 2 2   ? 2.596   -27.980 13.669  1.00 36.84  ? 2   G   B C4    1 
ATOM   992  P P     . U   B 2 3   ? -1.891  -24.200 15.104  1.00 42.14  ? 3   U   B P     1 
ATOM   993  O OP1   . U   B 2 3   ? -3.190  -23.706 15.581  1.00 47.70  ? 3   U   B OP1   1 
ATOM   994  O OP2   . U   B 2 3   ? -1.234  -23.627 13.910  1.00 50.11  ? 3   U   B OP2   1 
ATOM   995  O "O5'" . U   B 2 3   ? -0.763  -24.126 16.247  1.00 45.03  ? 3   U   B "O5'" 1 
ATOM   996  C "C5'" . U   B 2 3   ? -0.817  -24.928 17.442  1.00 40.31  ? 3   U   B "C5'" 1 
ATOM   997  C "C4'" . U   B 2 3   ? 0.470   -24.827 18.231  1.00 37.81  ? 3   U   B "C4'" 1 
ATOM   998  O "O4'" . U   B 2 3   ? 1.463   -25.681 17.627  1.00 34.28  ? 3   U   B "O4'" 1 
ATOM   999  C "C3'" . U   B 2 3   ? 1.140   -23.460 18.222  1.00 41.57  ? 3   U   B "C3'" 1 
ATOM   1000 O "O3'" . U   B 2 3   ? 0.539   -22.570 19.120  1.00 38.77  ? 3   U   B "O3'" 1 
ATOM   1001 C "C2'" . U   B 2 3   ? 2.573   -23.812 18.595  1.00 37.34  ? 3   U   B "C2'" 1 
ATOM   1002 O "O2'" . U   B 2 3   ? 2.772   -24.088 19.960  1.00 46.45  ? 3   U   B "O2'" 1 
ATOM   1003 C "C1'" . U   B 2 3   ? 2.744   -25.095 17.812  1.00 37.28  ? 3   U   B "C1'" 1 
ATOM   1004 N N1    . U   B 2 3   ? 3.353   -24.930 16.456  1.00 38.48  ? 3   U   B N1    1 
ATOM   1005 C C2    . U   B 2 3   ? 4.722   -24.904 16.306  1.00 36.37  ? 3   U   B C2    1 
ATOM   1006 O O2    . U   B 2 3   ? 5.499   -24.970 17.239  1.00 36.47  ? 3   U   B O2    1 
ATOM   1007 N N3    . U   B 2 3   ? 5.147   -24.790 15.006  1.00 36.69  ? 3   U   B N3    1 
ATOM   1008 C C4    . U   B 2 3   ? 4.368   -24.699 13.863  1.00 39.64  ? 3   U   B C4    1 
ATOM   1009 O O4    . U   B 2 3   ? 4.888   -24.595 12.747  1.00 43.56  ? 3   U   B O4    1 
ATOM   1010 C C5    . U   B 2 3   ? 2.956   -24.724 14.115  1.00 34.99  ? 3   U   B C5    1 
ATOM   1011 C C6    . U   B 2 3   ? 2.516   -24.841 15.369  1.00 35.51  ? 3   U   B C6    1 
ATOM   1012 P P     . U   B 2 4   ? 1.004   -21.052 19.152  1.00 40.32  ? 4   U   B P     1 
ATOM   1013 O OP1   . U   B 2 4   ? 0.067   -20.312 20.022  1.00 42.11  ? 4   U   B OP1   1 
ATOM   1014 O OP2   . U   B 2 4   ? 1.339   -20.603 17.793  1.00 48.59  ? 4   U   B OP2   1 
ATOM   1015 O "O5'" . U   B 2 4   ? 2.382   -21.264 19.931  1.00 48.63  ? 4   U   B "O5'" 1 
ATOM   1016 C "C5'" . U   B 2 4   ? 3.351   -20.285 19.925  1.00 42.26  ? 4   U   B "C5'" 1 
ATOM   1017 C "C4'" . U   B 2 4   ? 4.664   -20.763 20.493  1.00 38.67  ? 4   U   B "C4'" 1 
ATOM   1018 O "O4'" . U   B 2 4   ? 5.166   -21.951 19.825  1.00 39.22  ? 4   U   B "O4'" 1 
ATOM   1019 C "C3'" . U   B 2 4   ? 5.678   -19.696 20.188  1.00 36.97  ? 4   U   B "C3'" 1 
ATOM   1020 O "O3'" . U   B 2 4   ? 5.670   -18.815 21.261  1.00 39.04  ? 4   U   B "O3'" 1 
ATOM   1021 C "C2'" . U   B 2 4   ? 6.979   -20.466 20.043  1.00 37.74  ? 4   U   B "C2'" 1 
ATOM   1022 O "O2'" . U   B 2 4   ? 7.487   -20.739 21.324  1.00 44.11  ? 4   U   B "O2'" 1 
ATOM   1023 C "C1'" . U   B 2 4   ? 6.498   -21.738 19.358  1.00 42.54  ? 4   U   B "C1'" 1 
ATOM   1024 N N1    . U   B 2 4   ? 6.439   -21.658 17.850  1.00 44.73  ? 4   U   B N1    1 
ATOM   1025 C C2    . U   B 2 4   ? 7.543   -21.825 17.035  1.00 37.77  ? 4   U   B C2    1 
ATOM   1026 O O2    . U   B 2 4   ? 8.643   -22.039 17.458  1.00 37.05  ? 4   U   B O2    1 
ATOM   1027 N N3    . U   B 2 4   ? 7.300   -21.726 15.685  1.00 38.99  ? 4   U   B N3    1 
ATOM   1028 C C4    . U   B 2 4   ? 6.067   -21.493 15.071  1.00 42.27  ? 4   U   B C4    1 
ATOM   1029 O O4    . U   B 2 4   ? 5.941   -21.423 13.841  1.00 41.99  ? 4   U   B O4    1 
ATOM   1030 C C5    . U   B 2 4   ? 4.969   -21.340 15.983  1.00 40.64  ? 4   U   B C5    1 
ATOM   1031 C C6    . U   B 2 4   ? 5.198   -21.427 17.293  1.00 41.95  ? 4   U   B C6    1 
ATOM   1032 P P     . A   B 2 5   ? 5.709   -17.288 20.861  1.00 38.46  ? 5   A   B P     1 
ATOM   1033 O OP1   . A   B 2 5   ? 5.677   -16.449 22.067  1.00 45.49  ? 5   A   B OP1   1 
ATOM   1034 O OP2   . A   B 2 5   ? 4.713   -17.084 19.802  1.00 39.59  ? 5   A   B OP2   1 
ATOM   1035 O "O5'" . A   B 2 5   ? 7.170   -17.190 20.233  1.00 42.42  ? 5   A   B "O5'" 1 
ATOM   1036 C "C5'" . A   B 2 5   ? 8.297   -17.344 21.093  1.00 42.07  ? 5   A   B "C5'" 1 
ATOM   1037 C "C4'" . A   B 2 5   ? 9.553   -17.405 20.257  1.00 37.49  ? 5   A   B "C4'" 1 
ATOM   1038 O "O4'" . A   B 2 5   ? 9.420   -18.494 19.321  1.00 42.52  ? 5   A   B "O4'" 1 
ATOM   1039 C "C3'" . A   B 2 5   ? 9.749   -16.210 19.333  1.00 37.89  ? 5   A   B "C3'" 1 
ATOM   1040 O "O3'" . A   B 2 5   ? 10.288  -15.147 20.069  1.00 38.02  ? 5   A   B "O3'" 1 
ATOM   1041 C "C2'" . A   B 2 5   ? 10.718  -16.785 18.309  1.00 34.63  ? 5   A   B "C2'" 1 
ATOM   1042 O "O2'" . A   B 2 5   ? 12.025  -16.919 18.821  1.00 37.81  ? 5   A   B "O2'" 1 
ATOM   1043 C "C1'" . A   B 2 5   ? 10.128  -18.171 18.132  1.00 40.60  ? 5   A   B "C1'" 1 
ATOM   1044 N N9    . A   B 2 5   ? 9.177   -18.240 17.048  1.00 37.55  ? 5   A   B N9    1 
ATOM   1045 C C8    . A   B 2 5   ? 7.823   -18.233 17.167  1.00 38.46  ? 5   A   B C8    1 
ATOM   1046 N N7    . A   B 2 5   ? 7.190   -18.304 16.024  1.00 36.40  ? 5   A   B N7    1 
ATOM   1047 C C5    . A   B 2 5   ? 8.211   -18.370 15.096  1.00 35.30  ? 5   A   B C5    1 
ATOM   1048 C C6    . A   B 2 5   ? 8.211   -18.462 13.698  1.00 36.42  ? 5   A   B C6    1 
ATOM   1049 N N6    . A   B 2 5   ? 7.096   -18.507 12.961  1.00 35.37  ? 5   A   B N6    1 
ATOM   1050 N N1    . A   B 2 5   ? 9.404   -18.495 13.082  1.00 38.01  ? 5   A   B N1    1 
ATOM   1051 C C2    . A   B 2 5   ? 10.509  -18.434 13.816  1.00 34.17  ? 5   A   B C2    1 
ATOM   1052 N N3    . A   B 2 5   ? 10.638  -18.342 15.125  1.00 36.12  ? 5   A   B N3    1 
ATOM   1053 C C4    . A   B 2 5   ? 9.441   -18.320 15.709  1.00 35.47  ? 5   A   B C4    1 
ATOM   1054 P P     . C   B 2 6   ? 9.870   -13.642 19.725  1.00 48.27  ? 6   C   B P     1 
ATOM   1055 O OP1   . C   B 2 6   ? 10.490  -12.807 20.772  1.00 45.96  ? 6   C   B OP1   1 
ATOM   1056 O OP2   . C   B 2 6   ? 8.430   -13.524 19.441  1.00 38.63  ? 6   C   B OP2   1 
ATOM   1057 O "O5'" . C   B 2 6   ? 10.638  -13.370 18.355  1.00 44.18  ? 6   C   B "O5'" 1 
ATOM   1058 C "C5'" . C   B 2 6   ? 12.035  -13.659 18.293  1.00 41.49  ? 6   C   B "C5'" 1 
ATOM   1059 C "C4'" . C   B 2 6   ? 12.495  -13.637 16.857  1.00 38.59  ? 6   C   B "C4'" 1 
ATOM   1060 O "O4'" . C   B 2 6   ? 12.025  -14.827 16.180  1.00 35.57  ? 6   C   B "O4'" 1 
ATOM   1061 C "C3'" . C   B 2 6   ? 11.942  -12.488 16.013  1.00 43.23  ? 6   C   B "C3'" 1 
ATOM   1062 O "O3'" . C   B 2 6   ? 12.684  -11.270 16.199  1.00 46.83  ? 6   C   B "O3'" 1 
ATOM   1063 C "C2'" . C   B 2 6   ? 12.166  -13.055 14.619  1.00 41.67  ? 6   C   B "C2'" 1 
ATOM   1064 O "O2'" . C   B 2 6   ? 13.515  -12.958 14.250  1.00 35.70  ? 6   C   B "O2'" 1 
ATOM   1065 C "C1'" . C   B 2 6   ? 11.801  -14.522 14.816  1.00 37.74  ? 6   C   B "C1'" 1 
ATOM   1066 N N1    . C   B 2 6   ? 10.400  -14.740 14.464  1.00 38.82  ? 6   C   B N1    1 
ATOM   1067 C C2    . C   B 2 6   ? 10.109  -15.083 13.146  1.00 38.09  ? 6   C   B C2    1 
ATOM   1068 O O2    . C   B 2 6   ? 11.039  -15.207 12.361  1.00 32.87  ? 6   C   B O2    1 
ATOM   1069 N N3    . C   B 2 6   ? 8.826   -15.292 12.773  1.00 36.82  ? 6   C   B N3    1 
ATOM   1070 C C4    . C   B 2 6   ? 7.854   -15.147 13.677  1.00 35.51  ? 6   C   B C4    1 
ATOM   1071 N N4    . C   B 2 6   ? 6.600   -15.359 13.258  1.00 35.54  ? 6   C   B N4    1 
ATOM   1072 C C5    . C   B 2 6   ? 8.135   -14.783 15.026  1.00 30.93  ? 6   C   B C5    1 
ATOM   1073 C C6    . C   B 2 6   ? 9.406   -14.590 15.387  1.00 36.13  ? 6   C   B C6    1 
ATOM   1074 P P     . G   B 2 7   ? 12.080  -9.852  15.770  1.00 48.20  ? 7   G   B P     1 
ATOM   1075 O OP1   . G   B 2 7   ? 12.810  -8.822  16.519  1.00 49.39  ? 7   G   B OP1   1 
ATOM   1076 O OP2   . G   B 2 7   ? 10.603  -9.892  15.761  1.00 44.00  ? 7   G   B OP2   1 
ATOM   1077 O "O5'" . G   B 2 7   ? 12.551  -9.788  14.261  1.00 40.94  ? 7   G   B "O5'" 1 
ATOM   1078 C "C5'" . G   B 2 7   ? 11.629  -9.351  13.369  1.00 39.74  ? 7   G   B "C5'" 1 
ATOM   1079 C "C4'" . G   B 2 7   ? 12.017  -9.897  12.021  1.00 43.74  ? 7   G   B "C4'" 1 
ATOM   1080 O "O4'" . G   B 2 7   ? 11.629  -11.284 11.955  1.00 41.21  ? 7   G   B "O4'" 1 
ATOM   1081 C "C3'" . G   B 2 7   ? 11.263  -9.199  10.916  1.00 35.77  ? 7   G   B "C3'" 1 
ATOM   1082 O "O3'" . G   B 2 7   ? 12.056  -8.139  10.489  1.00 36.28  ? 7   G   B "O3'" 1 
ATOM   1083 C "C2'" . G   B 2 7   ? 11.155  -10.273 9.873   1.00 33.36  ? 7   G   B "C2'" 1 
ATOM   1084 O "O2'" . G   B 2 7   ? 12.336  -10.365 9.120   1.00 36.01  ? 7   G   B "O2'" 1 
ATOM   1085 C "C1'" . G   B 2 7   ? 10.956  -11.508 10.748  1.00 37.24  ? 7   G   B "C1'" 1 
ATOM   1086 N N9    . G   B 2 7   ? 9.579   -11.743 11.120  1.00 32.41  ? 7   G   B N9    1 
ATOM   1087 C C8    . G   B 2 7   ? 9.062   -11.675 12.385  1.00 34.18  ? 7   G   B C8    1 
ATOM   1088 N N7    . G   B 2 7   ? 7.785   -11.940 12.434  1.00 34.70  ? 7   G   B N7    1 
ATOM   1089 C C5    . G   B 2 7   ? 7.448   -12.196 11.114  1.00 33.34  ? 7   G   B C5    1 
ATOM   1090 C C6    . G   B 2 7   ? 6.200   -12.547 10.551  1.00 34.62  ? 7   G   B C6    1 
ATOM   1091 O O6    . G   B 2 7   ? 5.113   -12.702 11.112  1.00 36.66  ? 7   G   B O6    1 
ATOM   1092 N N1    . G   B 2 7   ? 6.287   -12.704 9.178   1.00 34.86  ? 7   G   B N1    1 
ATOM   1093 C C2    . G   B 2 7   ? 7.441   -12.566 8.441   1.00 35.37  ? 7   G   B C2    1 
ATOM   1094 N N2    . G   B 2 7   ? 7.301   -12.764 7.126   1.00 31.81  ? 7   G   B N2    1 
ATOM   1095 N N3    . G   B 2 7   ? 8.630   -12.255 8.958   1.00 32.73  ? 7   G   B N3    1 
ATOM   1096 C C4    . G   B 2 7   ? 8.547   -12.074 10.293  1.00 30.31  ? 7   G   B C4    1 
ATOM   1097 P P     . C   B 2 8   ? 11.399  -6.705  10.362  1.00 30.93  ? 8   C   B P     1 
ATOM   1098 O OP1   . C   B 2 8   ? 12.467  -5.844  9.829   1.00 39.04  ? 8   C   B OP1   1 
ATOM   1099 O OP2   . C   B 2 8   ? 10.748  -6.335  11.618  1.00 35.85  ? 8   C   B OP2   1 
ATOM   1100 O "O5'" . C   B 2 8   ? 10.271  -6.892  9.259   1.00 31.24  ? 8   C   B "O5'" 1 
ATOM   1101 C "C5'" . C   B 2 8   ? 10.633  -7.387  7.979   1.00 28.33  ? 8   C   B "C5'" 1 
ATOM   1102 C "C4'" . C   B 2 8   ? 9.411   -7.763  7.171   1.00 35.06  ? 8   C   B "C4'" 1 
ATOM   1103 O "O4'" . C   B 2 8   ? 8.855   -9.003  7.676   1.00 32.53  ? 8   C   B "O4'" 1 
ATOM   1104 C "C3'" . C   B 2 8   ? 8.263   -6.755  7.194   1.00 34.34  ? 8   C   B "C3'" 1 
ATOM   1105 O "O3'" . C   B 2 8   ? 8.375   -5.850  6.126   1.00 32.22  ? 8   C   B "O3'" 1 
ATOM   1106 C "C2'" . C   B 2 8   ? 7.058   -7.627  6.924   1.00 32.76  ? 8   C   B "C2'" 1 
ATOM   1107 O "O2'" . C   B 2 8   ? 6.921   -7.900  5.543   1.00 37.16  ? 8   C   B "O2'" 1 
ATOM   1108 C "C1'" . C   B 2 8   ? 7.446   -8.879  7.681   1.00 32.74  ? 8   C   B "C1'" 1 
ATOM   1109 N N1    . C   B 2 8   ? 6.956   -8.887  9.086   1.00 33.75  ? 8   C   B N1    1 
ATOM   1110 C C2    . C   B 2 8   ? 5.607   -9.136  9.328   1.00 32.50  ? 8   C   B C2    1 
ATOM   1111 O O2    . C   B 2 8   ? 4.848   -9.321  8.374   1.00 35.41  ? 8   C   B O2    1 
ATOM   1112 N N3    . C   B 2 8   ? 5.164   -9.164  10.594  1.00 34.88  ? 8   C   B N3    1 
ATOM   1113 C C4    . C   B 2 8   ? 6.010   -8.975  11.597  1.00 36.78  ? 8   C   B C4    1 
ATOM   1114 N N4    . C   B 2 8   ? 5.507   -9.014  12.833  1.00 35.36  ? 8   C   B N4    1 
ATOM   1115 C C5    . C   B 2 8   ? 7.397   -8.718  11.371  1.00 34.43  ? 8   C   B C5    1 
ATOM   1116 C C6    . C   B 2 8   ? 7.823   -8.688  10.105  1.00 33.39  ? 8   C   B C6    1 
HETATM 1117 N N1    . OMU B 2 9   ? 4.578   -5.478  9.799   1.00 32.43  ? 9   OMU B N1    1 
HETATM 1118 C C2    . OMU B 2 9   ? 3.968   -6.089  10.891  1.00 35.05  ? 9   OMU B C2    1 
HETATM 1119 N N3    . OMU B 2 9   ? 4.732   -6.153  12.036  1.00 34.17  ? 9   OMU B N3    1 
HETATM 1120 C C4    . OMU B 2 9   ? 6.036   -5.694  12.143  1.00 35.43  ? 9   OMU B C4    1 
HETATM 1121 C C5    . OMU B 2 9   ? 6.629   -5.112  10.962  1.00 30.94  ? 9   OMU B C5    1 
HETATM 1122 C C6    . OMU B 2 9   ? 5.877   -5.025  9.869   1.00 31.03  ? 9   OMU B C6    1 
HETATM 1123 O O2    . OMU B 2 9   ? 2.795   -6.471  10.840  1.00 41.25  ? 9   OMU B O2    1 
HETATM 1124 O O4    . OMU B 2 9   ? 6.644   -5.794  13.203  1.00 37.89  ? 9   OMU B O4    1 
HETATM 1125 C "C1'" . OMU B 2 9   ? 3.743   -5.305  8.548   1.00 30.04  ? 9   OMU B "C1'" 1 
HETATM 1126 C "C2'" . OMU B 2 9   ? 3.147   -3.890  8.459   1.00 34.20  ? 9   OMU B "C2'" 1 
HETATM 1127 O "O2'" . OMU B 2 9   ? 1.802   -3.965  7.977   1.00 35.73  ? 9   OMU B "O2'" 1 
HETATM 1128 C CM2   . OMU B 2 9   ? 0.833   -4.438  8.935   1.00 37.20  ? 9   OMU B CM2   1 
HETATM 1129 C "C3'" . OMU B 2 9   ? 4.101   -3.173  7.494   1.00 32.24  ? 9   OMU B "C3'" 1 
HETATM 1130 C "C4'" . OMU B 2 9   ? 4.406   -4.274  6.499   1.00 28.45  ? 9   OMU B "C4'" 1 
HETATM 1131 O "O3'" . OMU B 2 9   ? 3.437   -2.146  6.819   1.00 33.19  ? 9   OMU B "O3'" 1 
HETATM 1132 O "O4'" . OMU B 2 9   ? 4.473   -5.433  7.325   1.00 31.31  ? 9   OMU B "O4'" 1 
HETATM 1133 C "C5'" . OMU B 2 9   ? 5.772   -4.140  5.819   1.00 27.91  ? 9   OMU B "C5'" 1 
HETATM 1134 O "O5'" . OMU B 2 9   ? 6.765   -4.020  6.801   1.00 28.19  ? 9   OMU B "O5'" 1 
HETATM 1135 P P     . OMU B 2 9   ? 8.310   -4.240  6.358   1.00 31.51  ? 9   OMU B P     1 
HETATM 1136 O OP1   . OMU B 2 9   ? 8.699   -3.587  5.093   1.00 32.06  ? 9   OMU B OP1   1 
HETATM 1137 O OP2   . OMU B 2 9   ? 8.993   -3.896  7.682   1.00 30.20  ? 9   OMU B OP2   1 
HETATM 1138 O O     . HOH C 3 .   ? 5.243   7.895   6.888   1.00 41.85  ? 3   HOH A O     1 
HETATM 1139 O O     . HOH C 3 .   ? -1.205  -11.654 0.028   1.00 51.89  ? 5   HOH A O     1 
HETATM 1140 O O     . HOH C 3 .   ? 15.522  -1.814  0.610   1.00 43.74  ? 6   HOH A O     1 
HETATM 1141 O O     . HOH C 3 .   ? 3.853   -8.670  -9.954  1.00 53.81  ? 7   HOH A O     1 
HETATM 1142 O O     . HOH C 3 .   ? -0.297  5.018   1.967   1.00 50.56  ? 8   HOH A O     1 
HETATM 1143 O O     . HOH C 3 .   ? 11.801  -3.744  8.411   1.00 42.65  ? 9   HOH A O     1 
HETATM 1144 O O     . HOH C 3 .   ? 10.477  -6.349  15.808  1.00 47.86  ? 10  HOH A O     1 
HETATM 1145 O O     . HOH C 3 .   ? 1.345   4.905   -0.910  1.00 48.29  ? 11  HOH A O     1 
HETATM 1146 O O     . HOH C 3 .   ? -0.683  3.362   0.056   1.00 45.06  ? 13  HOH A O     1 
HETATM 1147 O O     . HOH C 3 .   ? 5.611   3.829   -15.620 1.00 56.14  ? 15  HOH A O     1 
HETATM 1148 O O     . HOH C 3 .   ? -1.040  -9.477  13.199  1.00 53.04  ? 16  HOH A O     1 
HETATM 1149 O O     . HOH C 3 .   ? 1.804   -10.084 13.972  1.00 44.76  ? 17  HOH A O     1 
HETATM 1150 O O     . HOH C 3 .   ? -4.112  -7.247  6.428   1.00 48.72  ? 18  HOH A O     1 
HETATM 1151 O O     . HOH C 3 .   ? -3.424  12.166  5.494   1.00 60.63  ? 19  HOH A O     1 
HETATM 1152 O O     . HOH C 3 .   ? -1.660  12.661  6.183   1.00 58.90  ? 21  HOH A O     1 
HETATM 1153 O O     . HOH C 3 .   ? 19.912  0.272   -0.252  1.00 50.94  ? 22  HOH A O     1 
HETATM 1154 O O     . HOH C 3 .   ? 3.084   -6.886  14.459  1.00 47.07  ? 24  HOH A O     1 
HETATM 1155 O O     . HOH C 3 .   ? -1.986  -15.994 7.891   1.00 61.64  ? 25  HOH A O     1 
HETATM 1156 O O     . HOH C 3 .   ? 11.341  -10.124 5.200   1.00 46.85  ? 26  HOH A O     1 
HETATM 1157 O O     . HOH C 3 .   ? 15.172  5.031   1.937   1.00 40.36  ? 30  HOH A O     1 
HETATM 1158 O O     . HOH C 3 .   ? -4.951  14.782  2.482   1.00 63.67  ? 32  HOH A O     1 
HETATM 1159 O O     . HOH C 3 .   ? -11.706 4.267   6.733   1.00 64.08  ? 33  HOH A O     1 
HETATM 1160 O O     . HOH D 3 .   ? 9.274   -6.820  13.794  1.00 33.60  ? 10  HOH B O     1 
HETATM 1161 O O     . HOH D 3 .   ? 11.493  -4.920  4.401   1.00 39.56  ? 11  HOH B O     1 
HETATM 1162 O O     . HOH D 3 .   ? 12.800  -5.164  6.390   1.00 38.66  ? 12  HOH B O     1 
HETATM 1163 O O     . HOH D 3 .   ? 10.454  -3.834  12.323  1.00 46.16  ? 13  HOH B O     1 
HETATM 1164 O O     . HOH D 3 .   ? 13.200  -6.067  14.718  1.00 47.83  ? 14  HOH B O     1 
HETATM 1165 O O     . HOH D 3 .   ? 11.592  -10.050 20.958  1.00 57.30  ? 20  HOH B O     1 
HETATM 1166 O O     . HOH D 3 .   ? 10.761  -12.012 6.805   1.00 40.76  ? 23  HOH B O     1 
HETATM 1167 O O     . HOH D 3 .   ? 6.176   -11.949 15.155  1.00 39.06  ? 27  HOH B O     1 
HETATM 1168 O O     . HOH D 3 .   ? 4.914   -24.512 21.855  1.00 34.09  ? 28  HOH B O     1 
HETATM 1169 O O     . HOH D 3 .   ? 5.918   -27.651 6.494   1.00 47.54  ? 29  HOH B O     1 
HETATM 1170 O O     . HOH D 3 .   ? -3.866  -27.989 17.362  1.00 46.78  ? 31  HOH B O     1 
# 
loop_
_pdbx_poly_seq_scheme.asym_id 
_pdbx_poly_seq_scheme.entity_id 
_pdbx_poly_seq_scheme.seq_id 
_pdbx_poly_seq_scheme.mon_id 
_pdbx_poly_seq_scheme.ndb_seq_num 
_pdbx_poly_seq_scheme.pdb_seq_num 
_pdbx_poly_seq_scheme.auth_seq_num 
_pdbx_poly_seq_scheme.pdb_mon_id 
_pdbx_poly_seq_scheme.auth_mon_id 
_pdbx_poly_seq_scheme.pdb_strand_id 
_pdbx_poly_seq_scheme.pdb_ins_code 
_pdbx_poly_seq_scheme.hetero 
A 1 1   SER 1   600 600 SER SER A . n 
A 1 2   SER 2   601 601 SER SER A . n 
A 1 3   MET 3   602 602 MET MET A . n 
A 1 4   PRO 4   603 603 PRO PRO A . n 
A 1 5   MET 5   604 604 MET MET A . n 
A 1 6   ILE 6   605 605 ILE ILE A . n 
A 1 7   GLU 7   606 606 GLU GLU A . n 
A 1 8   TYR 8   607 607 TYR TYR A . n 
A 1 9   LEU 9   608 608 LEU LEU A . n 
A 1 10  GLU 10  609 609 GLU GLU A . n 
A 1 11  ARG 11  610 610 ARG ARG A . n 
A 1 12  PHE 12  611 611 PHE PHE A . n 
A 1 13  SER 13  612 612 SER SER A . n 
A 1 14  LEU 14  613 613 LEU LEU A . n 
A 1 15  LYS 15  614 614 LYS LYS A . n 
A 1 16  ALA 16  615 615 ALA ALA A . n 
A 1 17  LYS 17  616 616 LYS LYS A . n 
A 1 18  ILE 18  617 617 ILE ILE A . n 
A 1 19  ASN 19  618 618 ASN ASN A . n 
A 1 20  ASN 20  619 619 ASN ASN A . n 
A 1 21  THR 21  620 620 THR THR A . n 
A 1 22  THR 22  621 621 THR THR A . n 
A 1 23  ASN 23  622 622 ASN ASN A . n 
A 1 24  LEU 24  623 623 LEU LEU A . n 
A 1 25  ASP 25  624 624 ASP ASP A . n 
A 1 26  TYR 26  625 625 TYR TYR A . n 
A 1 27  SER 27  626 626 SER SER A . n 
A 1 28  ARG 28  627 627 ARG ARG A . n 
A 1 29  ARG 29  628 628 ARG ARG A . n 
A 1 30  PHE 30  629 629 PHE PHE A . n 
A 1 31  LEU 31  630 630 LEU LEU A . n 
A 1 32  GLU 32  631 631 GLU GLU A . n 
A 1 33  PRO 33  632 632 PRO PRO A . n 
A 1 34  PHE 34  633 633 PHE PHE A . n 
A 1 35  LEU 35  634 634 LEU LEU A . n 
A 1 36  ARG 36  635 635 ARG ARG A . n 
A 1 37  GLY 37  636 636 GLY GLY A . n 
A 1 38  ILE 38  637 637 ILE ILE A . n 
A 1 39  ASN 39  638 638 ASN ASN A . n 
A 1 40  VAL 40  639 639 VAL VAL A . n 
A 1 41  VAL 41  640 640 VAL VAL A . n 
A 1 42  TYR 42  641 641 TYR TYR A . n 
A 1 43  THR 43  642 642 THR THR A . n 
A 1 44  PRO 44  643 643 PRO PRO A . n 
A 1 45  PRO 45  644 644 PRO PRO A . n 
A 1 46  GLN 46  645 645 GLN GLN A . n 
A 1 47  SER 47  646 646 SER SER A . n 
A 1 48  PHE 48  647 647 PHE PHE A . n 
A 1 49  GLN 49  648 648 GLN GLN A . n 
A 1 50  SER 50  649 649 SER SER A . n 
A 1 51  ALA 51  650 650 ALA ALA A . n 
A 1 52  PRO 52  651 651 PRO PRO A . n 
A 1 53  ARG 53  652 652 ARG ARG A . n 
A 1 54  VAL 54  653 653 VAL VAL A . n 
A 1 55  TYR 55  654 654 TYR TYR A . n 
A 1 56  ARG 56  655 655 ARG ARG A . n 
A 1 57  VAL 57  656 656 VAL VAL A . n 
A 1 58  ASN 58  657 657 ASN ASN A . n 
A 1 59  GLY 59  658 658 GLY GLY A . n 
A 1 60  LEU 60  659 659 LEU LEU A . n 
A 1 61  SER 61  660 660 SER SER A . n 
A 1 62  ARG 62  661 661 ARG ARG A . n 
A 1 63  ALA 63  662 662 ALA ALA A . n 
A 1 64  PRO 64  663 663 PRO PRO A . n 
A 1 65  ALA 65  664 664 ALA ALA A . n 
A 1 66  SER 66  665 665 SER SER A . n 
A 1 67  SER 67  666 666 SER SER A . n 
A 1 68  GLU 68  667 667 GLU GLU A . n 
A 1 69  THR 69  668 668 THR THR A . n 
A 1 70  PHE 70  669 669 PHE PHE A . n 
A 1 71  GLU 71  670 670 GLU GLU A . n 
A 1 72  HIS 72  671 671 HIS HIS A . n 
A 1 73  ASP 73  672 672 ASP ASP A . n 
A 1 74  GLY 74  673 673 GLY GLY A . n 
A 1 75  LYS 75  674 674 LYS LYS A . n 
A 1 76  LYS 76  675 675 LYS LYS A . n 
A 1 77  VAL 77  676 676 VAL VAL A . n 
A 1 78  THR 78  677 677 THR THR A . n 
A 1 79  ILE 79  678 678 ILE ILE A . n 
A 1 80  ALA 80  679 679 ALA ALA A . n 
A 1 81  SER 81  680 680 SER SER A . n 
A 1 82  TYR 82  681 681 TYR TYR A . n 
A 1 83  PHE 83  682 682 PHE PHE A . n 
A 1 84  HIS 84  683 683 HIS HIS A . n 
A 1 85  SER 85  684 684 SER SER A . n 
A 1 86  ARG 86  685 685 ARG ARG A . n 
A 1 87  ASN 87  686 686 ASN ASN A . n 
A 1 88  TYR 88  687 687 TYR TYR A . n 
A 1 89  PRO 89  688 688 PRO PRO A . n 
A 1 90  LEU 90  689 689 LEU LEU A . n 
A 1 91  LYS 91  690 690 LYS LYS A . n 
A 1 92  PHE 92  691 691 PHE PHE A . n 
A 1 93  PRO 93  692 692 PRO PRO A . n 
A 1 94  GLN 94  693 693 GLN GLN A . n 
A 1 95  LEU 95  694 694 LEU LEU A . n 
A 1 96  HIS 96  695 695 HIS HIS A . n 
A 1 97  CYS 97  696 696 CYS CYS A . n 
A 1 98  LEU 98  697 697 LEU LEU A . n 
A 1 99  ASN 99  698 698 ASN ASN A . n 
A 1 100 VAL 100 699 699 VAL VAL A . n 
A 1 101 GLY 101 700 700 GLY GLY A . n 
A 1 102 SER 102 701 701 SER SER A . n 
A 1 103 SER 103 702 702 SER SER A . n 
A 1 104 ILE 104 703 703 ILE ILE A . n 
A 1 105 LYS 105 704 704 LYS LYS A . n 
A 1 106 SER 106 705 705 SER SER A . n 
A 1 107 ILE 107 706 706 ILE ILE A . n 
A 1 108 LEU 108 707 707 LEU LEU A . n 
A 1 109 LEU 109 708 708 LEU LEU A . n 
A 1 110 PRO 110 709 709 PRO PRO A . n 
A 1 111 ILE 111 710 710 ILE ILE A . n 
A 1 112 GLU 112 711 711 GLU GLU A . n 
A 1 113 LEU 113 712 712 LEU LEU A . n 
A 1 114 CYS 114 713 713 CYS CYS A . n 
A 1 115 SER 115 714 714 SER SER A . n 
A 1 116 ILE 116 715 715 ILE ILE A . n 
A 1 117 GLU 117 716 716 GLU GLU A . n 
A 1 118 GLU 118 717 717 GLU GLU A . n 
A 1 119 GLY 119 718 ?   ?   ?   A . n 
A 1 120 GLN 120 719 ?   ?   ?   A . n 
A 1 121 ALA 121 720 ?   ?   ?   A . n 
A 1 122 LEU 122 721 ?   ?   ?   A . n 
A 1 123 ASN 123 722 ?   ?   ?   A . n 
A 1 124 ARG 124 723 ?   ?   ?   A . n 
B 2 1   C   1   1   1   C   C   B . n 
B 2 2   G   2   2   2   G   G   B . n 
B 2 3   U   3   3   3   U   U   B . n 
B 2 4   U   4   4   4   U   U   B . n 
B 2 5   A   5   5   5   A   A   B . n 
B 2 6   C   6   6   6   C   C   B . n 
B 2 7   G   7   7   7   G   G   B . n 
B 2 8   C   8   8   8   C   C   B . n 
B 2 9   OMU 9   9   9   OMU OMU B . n 
# 
loop_
_pdbx_nonpoly_scheme.asym_id 
_pdbx_nonpoly_scheme.entity_id 
_pdbx_nonpoly_scheme.mon_id 
_pdbx_nonpoly_scheme.ndb_seq_num 
_pdbx_nonpoly_scheme.pdb_seq_num 
_pdbx_nonpoly_scheme.auth_seq_num 
_pdbx_nonpoly_scheme.pdb_mon_id 
_pdbx_nonpoly_scheme.auth_mon_id 
_pdbx_nonpoly_scheme.pdb_strand_id 
_pdbx_nonpoly_scheme.pdb_ins_code 
C 3 HOH 1  3  3  HOH HOH A . 
C 3 HOH 2  5  5  HOH HOH A . 
C 3 HOH 3  6  6  HOH HOH A . 
C 3 HOH 4  7  7  HOH HOH A . 
C 3 HOH 5  8  8  HOH HOH A . 
C 3 HOH 6  9  9  HOH HOH A . 
C 3 HOH 7  10 10 HOH HOH A . 
C 3 HOH 8  11 11 HOH HOH A . 
C 3 HOH 9  13 13 HOH HOH A . 
C 3 HOH 10 15 15 HOH HOH A . 
C 3 HOH 11 16 16 HOH HOH A . 
C 3 HOH 12 17 17 HOH HOH A . 
C 3 HOH 13 18 18 HOH HOH A . 
C 3 HOH 14 19 19 HOH HOH A . 
C 3 HOH 15 21 21 HOH HOH A . 
C 3 HOH 16 22 22 HOH HOH A . 
C 3 HOH 17 24 24 HOH HOH A . 
C 3 HOH 18 25 25 HOH HOH A . 
C 3 HOH 19 26 26 HOH HOH A . 
C 3 HOH 20 30 30 HOH HOH A . 
C 3 HOH 21 32 32 HOH HOH A . 
C 3 HOH 22 33 33 HOH HOH A . 
D 3 HOH 1  10 1  HOH HOH B . 
D 3 HOH 2  11 2  HOH HOH B . 
D 3 HOH 3  12 12 HOH HOH B . 
D 3 HOH 4  13 4  HOH HOH B . 
D 3 HOH 5  14 14 HOH HOH B . 
D 3 HOH 6  20 20 HOH HOH B . 
D 3 HOH 7  23 23 HOH HOH B . 
D 3 HOH 8  27 27 HOH HOH B . 
D 3 HOH 9  28 28 HOH HOH B . 
D 3 HOH 10 29 29 HOH HOH B . 
D 3 HOH 11 31 31 HOH HOH B . 
# 
_pdbx_struct_mod_residue.id               1 
_pdbx_struct_mod_residue.label_asym_id    B 
_pdbx_struct_mod_residue.label_comp_id    OMU 
_pdbx_struct_mod_residue.label_seq_id     9 
_pdbx_struct_mod_residue.auth_asym_id     B 
_pdbx_struct_mod_residue.auth_comp_id     OMU 
_pdbx_struct_mod_residue.auth_seq_id      9 
_pdbx_struct_mod_residue.PDB_ins_code     ? 
_pdbx_struct_mod_residue.parent_comp_id   U 
_pdbx_struct_mod_residue.details          
;O2'-METHYLURIDINE 5'-MONOPHOSPHATE
;
# 
_pdbx_struct_assembly.id                   1 
_pdbx_struct_assembly.details              author_and_software_defined_assembly 
_pdbx_struct_assembly.method_details       PISA 
_pdbx_struct_assembly.oligomeric_details   dimeric 
_pdbx_struct_assembly.oligomeric_count     2 
# 
_pdbx_struct_assembly_gen.assembly_id       1 
_pdbx_struct_assembly_gen.oper_expression   1 
_pdbx_struct_assembly_gen.asym_id_list      A,B,C,D 
# 
loop_
_pdbx_struct_assembly_prop.biol_id 
_pdbx_struct_assembly_prop.type 
_pdbx_struct_assembly_prop.value 
_pdbx_struct_assembly_prop.details 
1 'ABSA (A^2)' 1130 ? 
1 MORE         -4   ? 
1 'SSA (A^2)'  8020 ? 
# 
_pdbx_struct_oper_list.id                   1 
_pdbx_struct_oper_list.type                 'identity operation' 
_pdbx_struct_oper_list.name                 1_555 
_pdbx_struct_oper_list.symmetry_operation   x,y,z 
_pdbx_struct_oper_list.matrix[1][1]         1.0000000000 
_pdbx_struct_oper_list.matrix[1][2]         0.0000000000 
_pdbx_struct_oper_list.matrix[1][3]         0.0000000000 
_pdbx_struct_oper_list.vector[1]            0.0000000000 
_pdbx_struct_oper_list.matrix[2][1]         0.0000000000 
_pdbx_struct_oper_list.matrix[2][2]         1.0000000000 
_pdbx_struct_oper_list.matrix[2][3]         0.0000000000 
_pdbx_struct_oper_list.vector[2]            0.0000000000 
_pdbx_struct_oper_list.matrix[3][1]         0.0000000000 
_pdbx_struct_oper_list.matrix[3][2]         0.0000000000 
_pdbx_struct_oper_list.matrix[3][3]         1.0000000000 
_pdbx_struct_oper_list.vector[3]            0.0000000000 
# 
loop_
_pdbx_audit_revision_history.ordinal 
_pdbx_audit_revision_history.data_content_type 
_pdbx_audit_revision_history.major_revision 
_pdbx_audit_revision_history.minor_revision 
_pdbx_audit_revision_history.revision_date 
1 'Structure model' 1 0 2011-05-25 
2 'Structure model' 1 1 2011-07-13 
3 'Structure model' 1 2 2023-09-06 
# 
_pdbx_audit_revision_details.ordinal             1 
_pdbx_audit_revision_details.revision_ordinal    1 
_pdbx_audit_revision_details.data_content_type   'Structure model' 
_pdbx_audit_revision_details.provider            repository 
_pdbx_audit_revision_details.type                'Initial release' 
_pdbx_audit_revision_details.description         ? 
_pdbx_audit_revision_details.details             ? 
# 
loop_
_pdbx_audit_revision_group.ordinal 
_pdbx_audit_revision_group.revision_ordinal 
_pdbx_audit_revision_group.data_content_type 
_pdbx_audit_revision_group.group 
1 2 'Structure model' 'Version format compliance' 
2 3 'Structure model' 'Data collection'           
3 3 'Structure model' 'Database references'       
4 3 'Structure model' 'Derived calculations'      
5 3 'Structure model' 'Refinement description'    
# 
loop_
_pdbx_audit_revision_category.ordinal 
_pdbx_audit_revision_category.revision_ordinal 
_pdbx_audit_revision_category.data_content_type 
_pdbx_audit_revision_category.category 
1 3 'Structure model' chem_comp_atom                
2 3 'Structure model' chem_comp_bond                
3 3 'Structure model' database_2                    
4 3 'Structure model' pdbx_initial_refinement_model 
5 3 'Structure model' struct_conn                   
6 3 'Structure model' struct_ref_seq_dif            
# 
loop_
_pdbx_audit_revision_item.ordinal 
_pdbx_audit_revision_item.revision_ordinal 
_pdbx_audit_revision_item.data_content_type 
_pdbx_audit_revision_item.item 
1 3 'Structure model' '_database_2.pdbx_DOI'                
2 3 'Structure model' '_database_2.pdbx_database_accession' 
3 3 'Structure model' '_struct_conn.pdbx_leaving_atom_flag' 
4 3 'Structure model' '_struct_ref_seq_dif.details'         
# 
loop_
_software.name 
_software.classification 
_software.version 
_software.citation_id 
_software.pdbx_ordinal 
HKL-2000 'data collection' .                        ? 1 
PHENIX   refinement        '(phenix.refine: 1.5_2)' ? 2 
HKL-2000 'data reduction'  .                        ? 3 
HKL-2000 'data scaling'    .                        ? 4 
# 
loop_
_pdbx_validate_close_contact.id 
_pdbx_validate_close_contact.PDB_model_num 
_pdbx_validate_close_contact.auth_atom_id_1 
_pdbx_validate_close_contact.auth_asym_id_1 
_pdbx_validate_close_contact.auth_comp_id_1 
_pdbx_validate_close_contact.auth_seq_id_1 
_pdbx_validate_close_contact.PDB_ins_code_1 
_pdbx_validate_close_contact.label_alt_id_1 
_pdbx_validate_close_contact.auth_atom_id_2 
_pdbx_validate_close_contact.auth_asym_id_2 
_pdbx_validate_close_contact.auth_comp_id_2 
_pdbx_validate_close_contact.auth_seq_id_2 
_pdbx_validate_close_contact.PDB_ins_code_2 
_pdbx_validate_close_contact.label_alt_id_2 
_pdbx_validate_close_contact.dist 
1 1 OG  A SER 701 ? ? O A HOH 25 ? ? 1.81 
2 1 O   A HOH 19  ? ? O A HOH 21 ? ? 1.96 
3 1 O   A ARG 655 ? ? O A HOH 5  ? ? 2.06 
4 1 NE2 A GLN 645 ? ? O A HOH 22 ? ? 2.18 
# 
_pdbx_validate_symm_contact.id                1 
_pdbx_validate_symm_contact.PDB_model_num     1 
_pdbx_validate_symm_contact.auth_atom_id_1    O 
_pdbx_validate_symm_contact.auth_asym_id_1    A 
_pdbx_validate_symm_contact.auth_comp_id_1    HOH 
_pdbx_validate_symm_contact.auth_seq_id_1     30 
_pdbx_validate_symm_contact.PDB_ins_code_1    ? 
_pdbx_validate_symm_contact.label_alt_id_1    ? 
_pdbx_validate_symm_contact.site_symmetry_1   1_555 
_pdbx_validate_symm_contact.auth_atom_id_2    O 
_pdbx_validate_symm_contact.auth_asym_id_2    B 
_pdbx_validate_symm_contact.auth_comp_id_2    HOH 
_pdbx_validate_symm_contact.auth_seq_id_2     28 
_pdbx_validate_symm_contact.PDB_ins_code_2    ? 
_pdbx_validate_symm_contact.label_alt_id_2    ? 
_pdbx_validate_symm_contact.site_symmetry_2   8_455 
_pdbx_validate_symm_contact.dist              2.11 
# 
_pdbx_validate_rmsd_bond.id                        1 
_pdbx_validate_rmsd_bond.PDB_model_num             1 
_pdbx_validate_rmsd_bond.auth_atom_id_1            "O5'" 
_pdbx_validate_rmsd_bond.auth_asym_id_1            B 
_pdbx_validate_rmsd_bond.auth_comp_id_1            G 
_pdbx_validate_rmsd_bond.auth_seq_id_1             7 
_pdbx_validate_rmsd_bond.PDB_ins_code_1            ? 
_pdbx_validate_rmsd_bond.label_alt_id_1            ? 
_pdbx_validate_rmsd_bond.auth_atom_id_2            "C5'" 
_pdbx_validate_rmsd_bond.auth_asym_id_2            B 
_pdbx_validate_rmsd_bond.auth_comp_id_2            G 
_pdbx_validate_rmsd_bond.auth_seq_id_2             7 
_pdbx_validate_rmsd_bond.PDB_ins_code_2            ? 
_pdbx_validate_rmsd_bond.label_alt_id_2            ? 
_pdbx_validate_rmsd_bond.bond_value                1.356 
_pdbx_validate_rmsd_bond.bond_target_value         1.420 
_pdbx_validate_rmsd_bond.bond_deviation            -0.064 
_pdbx_validate_rmsd_bond.bond_standard_deviation   0.009 
_pdbx_validate_rmsd_bond.linker_flag               N 
# 
_pdbx_validate_rmsd_angle.id                         1 
_pdbx_validate_rmsd_angle.PDB_model_num              1 
_pdbx_validate_rmsd_angle.auth_atom_id_1             "C5'" 
_pdbx_validate_rmsd_angle.auth_asym_id_1             B 
_pdbx_validate_rmsd_angle.auth_comp_id_1             U 
_pdbx_validate_rmsd_angle.auth_seq_id_1              4 
_pdbx_validate_rmsd_angle.PDB_ins_code_1             ? 
_pdbx_validate_rmsd_angle.label_alt_id_1             ? 
_pdbx_validate_rmsd_angle.auth_atom_id_2             "C4'" 
_pdbx_validate_rmsd_angle.auth_asym_id_2             B 
_pdbx_validate_rmsd_angle.auth_comp_id_2             U 
_pdbx_validate_rmsd_angle.auth_seq_id_2              4 
_pdbx_validate_rmsd_angle.PDB_ins_code_2             ? 
_pdbx_validate_rmsd_angle.label_alt_id_2             ? 
_pdbx_validate_rmsd_angle.auth_atom_id_3             "C3'" 
_pdbx_validate_rmsd_angle.auth_asym_id_3             B 
_pdbx_validate_rmsd_angle.auth_comp_id_3             U 
_pdbx_validate_rmsd_angle.auth_seq_id_3              4 
_pdbx_validate_rmsd_angle.PDB_ins_code_3             ? 
_pdbx_validate_rmsd_angle.label_alt_id_3             ? 
_pdbx_validate_rmsd_angle.angle_value                106.64 
_pdbx_validate_rmsd_angle.angle_target_value         115.20 
_pdbx_validate_rmsd_angle.angle_deviation            -8.56 
_pdbx_validate_rmsd_angle.angle_standard_deviation   1.40 
_pdbx_validate_rmsd_angle.linker_flag                N 
# 
_pdbx_validate_torsion.id              1 
_pdbx_validate_torsion.PDB_model_num   1 
_pdbx_validate_torsion.auth_comp_id    ASN 
_pdbx_validate_torsion.auth_asym_id    A 
_pdbx_validate_torsion.auth_seq_id     619 
_pdbx_validate_torsion.PDB_ins_code    ? 
_pdbx_validate_torsion.label_alt_id    ? 
_pdbx_validate_torsion.phi             -64.51 
_pdbx_validate_torsion.psi             6.13 
# 
loop_
_pdbx_unobs_or_zero_occ_residues.id 
_pdbx_unobs_or_zero_occ_residues.PDB_model_num 
_pdbx_unobs_or_zero_occ_residues.polymer_flag 
_pdbx_unobs_or_zero_occ_residues.occupancy_flag 
_pdbx_unobs_or_zero_occ_residues.auth_asym_id 
_pdbx_unobs_or_zero_occ_residues.auth_comp_id 
_pdbx_unobs_or_zero_occ_residues.auth_seq_id 
_pdbx_unobs_or_zero_occ_residues.PDB_ins_code 
_pdbx_unobs_or_zero_occ_residues.label_asym_id 
_pdbx_unobs_or_zero_occ_residues.label_comp_id 
_pdbx_unobs_or_zero_occ_residues.label_seq_id 
1 1 Y 1 A GLY 718 ? A GLY 119 
2 1 Y 1 A GLN 719 ? A GLN 120 
3 1 Y 1 A ALA 720 ? A ALA 121 
4 1 Y 1 A LEU 721 ? A LEU 122 
5 1 Y 1 A ASN 722 ? A ASN 123 
6 1 Y 1 A ARG 723 ? A ARG 124 
# 
loop_
_chem_comp_atom.comp_id 
_chem_comp_atom.atom_id 
_chem_comp_atom.type_symbol 
_chem_comp_atom.pdbx_aromatic_flag 
_chem_comp_atom.pdbx_stereo_config 
_chem_comp_atom.pdbx_ordinal 
A   OP3    O N N 1   
A   P      P N N 2   
A   OP1    O N N 3   
A   OP2    O N N 4   
A   "O5'"  O N N 5   
A   "C5'"  C N N 6   
A   "C4'"  C N R 7   
A   "O4'"  O N N 8   
A   "C3'"  C N S 9   
A   "O3'"  O N N 10  
A   "C2'"  C N R 11  
A   "O2'"  O N N 12  
A   "C1'"  C N R 13  
A   N9     N Y N 14  
A   C8     C Y N 15  
A   N7     N Y N 16  
A   C5     C Y N 17  
A   C6     C Y N 18  
A   N6     N N N 19  
A   N1     N Y N 20  
A   C2     C Y N 21  
A   N3     N Y N 22  
A   C4     C Y N 23  
A   HOP3   H N N 24  
A   HOP2   H N N 25  
A   "H5'"  H N N 26  
A   "H5''" H N N 27  
A   "H4'"  H N N 28  
A   "H3'"  H N N 29  
A   "HO3'" H N N 30  
A   "H2'"  H N N 31  
A   "HO2'" H N N 32  
A   "H1'"  H N N 33  
A   H8     H N N 34  
A   H61    H N N 35  
A   H62    H N N 36  
A   H2     H N N 37  
ALA N      N N N 38  
ALA CA     C N S 39  
ALA C      C N N 40  
ALA O      O N N 41  
ALA CB     C N N 42  
ALA OXT    O N N 43  
ALA H      H N N 44  
ALA H2     H N N 45  
ALA HA     H N N 46  
ALA HB1    H N N 47  
ALA HB2    H N N 48  
ALA HB3    H N N 49  
ALA HXT    H N N 50  
ARG N      N N N 51  
ARG CA     C N S 52  
ARG C      C N N 53  
ARG O      O N N 54  
ARG CB     C N N 55  
ARG CG     C N N 56  
ARG CD     C N N 57  
ARG NE     N N N 58  
ARG CZ     C N N 59  
ARG NH1    N N N 60  
ARG NH2    N N N 61  
ARG OXT    O N N 62  
ARG H      H N N 63  
ARG H2     H N N 64  
ARG HA     H N N 65  
ARG HB2    H N N 66  
ARG HB3    H N N 67  
ARG HG2    H N N 68  
ARG HG3    H N N 69  
ARG HD2    H N N 70  
ARG HD3    H N N 71  
ARG HE     H N N 72  
ARG HH11   H N N 73  
ARG HH12   H N N 74  
ARG HH21   H N N 75  
ARG HH22   H N N 76  
ARG HXT    H N N 77  
ASN N      N N N 78  
ASN CA     C N S 79  
ASN C      C N N 80  
ASN O      O N N 81  
ASN CB     C N N 82  
ASN CG     C N N 83  
ASN OD1    O N N 84  
ASN ND2    N N N 85  
ASN OXT    O N N 86  
ASN H      H N N 87  
ASN H2     H N N 88  
ASN HA     H N N 89  
ASN HB2    H N N 90  
ASN HB3    H N N 91  
ASN HD21   H N N 92  
ASN HD22   H N N 93  
ASN HXT    H N N 94  
ASP N      N N N 95  
ASP CA     C N S 96  
ASP C      C N N 97  
ASP O      O N N 98  
ASP CB     C N N 99  
ASP CG     C N N 100 
ASP OD1    O N N 101 
ASP OD2    O N N 102 
ASP OXT    O N N 103 
ASP H      H N N 104 
ASP H2     H N N 105 
ASP HA     H N N 106 
ASP HB2    H N N 107 
ASP HB3    H N N 108 
ASP HD2    H N N 109 
ASP HXT    H N N 110 
C   OP3    O N N 111 
C   P      P N N 112 
C   OP1    O N N 113 
C   OP2    O N N 114 
C   "O5'"  O N N 115 
C   "C5'"  C N N 116 
C   "C4'"  C N R 117 
C   "O4'"  O N N 118 
C   "C3'"  C N S 119 
C   "O3'"  O N N 120 
C   "C2'"  C N R 121 
C   "O2'"  O N N 122 
C   "C1'"  C N R 123 
C   N1     N N N 124 
C   C2     C N N 125 
C   O2     O N N 126 
C   N3     N N N 127 
C   C4     C N N 128 
C   N4     N N N 129 
C   C5     C N N 130 
C   C6     C N N 131 
C   HOP3   H N N 132 
C   HOP2   H N N 133 
C   "H5'"  H N N 134 
C   "H5''" H N N 135 
C   "H4'"  H N N 136 
C   "H3'"  H N N 137 
C   "HO3'" H N N 138 
C   "H2'"  H N N 139 
C   "HO2'" H N N 140 
C   "H1'"  H N N 141 
C   H41    H N N 142 
C   H42    H N N 143 
C   H5     H N N 144 
C   H6     H N N 145 
CYS N      N N N 146 
CYS CA     C N R 147 
CYS C      C N N 148 
CYS O      O N N 149 
CYS CB     C N N 150 
CYS SG     S N N 151 
CYS OXT    O N N 152 
CYS H      H N N 153 
CYS H2     H N N 154 
CYS HA     H N N 155 
CYS HB2    H N N 156 
CYS HB3    H N N 157 
CYS HG     H N N 158 
CYS HXT    H N N 159 
G   OP3    O N N 160 
G   P      P N N 161 
G   OP1    O N N 162 
G   OP2    O N N 163 
G   "O5'"  O N N 164 
G   "C5'"  C N N 165 
G   "C4'"  C N R 166 
G   "O4'"  O N N 167 
G   "C3'"  C N S 168 
G   "O3'"  O N N 169 
G   "C2'"  C N R 170 
G   "O2'"  O N N 171 
G   "C1'"  C N R 172 
G   N9     N Y N 173 
G   C8     C Y N 174 
G   N7     N Y N 175 
G   C5     C Y N 176 
G   C6     C N N 177 
G   O6     O N N 178 
G   N1     N N N 179 
G   C2     C N N 180 
G   N2     N N N 181 
G   N3     N N N 182 
G   C4     C Y N 183 
G   HOP3   H N N 184 
G   HOP2   H N N 185 
G   "H5'"  H N N 186 
G   "H5''" H N N 187 
G   "H4'"  H N N 188 
G   "H3'"  H N N 189 
G   "HO3'" H N N 190 
G   "H2'"  H N N 191 
G   "HO2'" H N N 192 
G   "H1'"  H N N 193 
G   H8     H N N 194 
G   H1     H N N 195 
G   H21    H N N 196 
G   H22    H N N 197 
GLN N      N N N 198 
GLN CA     C N S 199 
GLN C      C N N 200 
GLN O      O N N 201 
GLN CB     C N N 202 
GLN CG     C N N 203 
GLN CD     C N N 204 
GLN OE1    O N N 205 
GLN NE2    N N N 206 
GLN OXT    O N N 207 
GLN H      H N N 208 
GLN H2     H N N 209 
GLN HA     H N N 210 
GLN HB2    H N N 211 
GLN HB3    H N N 212 
GLN HG2    H N N 213 
GLN HG3    H N N 214 
GLN HE21   H N N 215 
GLN HE22   H N N 216 
GLN HXT    H N N 217 
GLU N      N N N 218 
GLU CA     C N S 219 
GLU C      C N N 220 
GLU O      O N N 221 
GLU CB     C N N 222 
GLU CG     C N N 223 
GLU CD     C N N 224 
GLU OE1    O N N 225 
GLU OE2    O N N 226 
GLU OXT    O N N 227 
GLU H      H N N 228 
GLU H2     H N N 229 
GLU HA     H N N 230 
GLU HB2    H N N 231 
GLU HB3    H N N 232 
GLU HG2    H N N 233 
GLU HG3    H N N 234 
GLU HE2    H N N 235 
GLU HXT    H N N 236 
GLY N      N N N 237 
GLY CA     C N N 238 
GLY C      C N N 239 
GLY O      O N N 240 
GLY OXT    O N N 241 
GLY H      H N N 242 
GLY H2     H N N 243 
GLY HA2    H N N 244 
GLY HA3    H N N 245 
GLY HXT    H N N 246 
HIS N      N N N 247 
HIS CA     C N S 248 
HIS C      C N N 249 
HIS O      O N N 250 
HIS CB     C N N 251 
HIS CG     C Y N 252 
HIS ND1    N Y N 253 
HIS CD2    C Y N 254 
HIS CE1    C Y N 255 
HIS NE2    N Y N 256 
HIS OXT    O N N 257 
HIS H      H N N 258 
HIS H2     H N N 259 
HIS HA     H N N 260 
HIS HB2    H N N 261 
HIS HB3    H N N 262 
HIS HD1    H N N 263 
HIS HD2    H N N 264 
HIS HE1    H N N 265 
HIS HE2    H N N 266 
HIS HXT    H N N 267 
HOH O      O N N 268 
HOH H1     H N N 269 
HOH H2     H N N 270 
ILE N      N N N 271 
ILE CA     C N S 272 
ILE C      C N N 273 
ILE O      O N N 274 
ILE CB     C N S 275 
ILE CG1    C N N 276 
ILE CG2    C N N 277 
ILE CD1    C N N 278 
ILE OXT    O N N 279 
ILE H      H N N 280 
ILE H2     H N N 281 
ILE HA     H N N 282 
ILE HB     H N N 283 
ILE HG12   H N N 284 
ILE HG13   H N N 285 
ILE HG21   H N N 286 
ILE HG22   H N N 287 
ILE HG23   H N N 288 
ILE HD11   H N N 289 
ILE HD12   H N N 290 
ILE HD13   H N N 291 
ILE HXT    H N N 292 
LEU N      N N N 293 
LEU CA     C N S 294 
LEU C      C N N 295 
LEU O      O N N 296 
LEU CB     C N N 297 
LEU CG     C N N 298 
LEU CD1    C N N 299 
LEU CD2    C N N 300 
LEU OXT    O N N 301 
LEU H      H N N 302 
LEU H2     H N N 303 
LEU HA     H N N 304 
LEU HB2    H N N 305 
LEU HB3    H N N 306 
LEU HG     H N N 307 
LEU HD11   H N N 308 
LEU HD12   H N N 309 
LEU HD13   H N N 310 
LEU HD21   H N N 311 
LEU HD22   H N N 312 
LEU HD23   H N N 313 
LEU HXT    H N N 314 
LYS N      N N N 315 
LYS CA     C N S 316 
LYS C      C N N 317 
LYS O      O N N 318 
LYS CB     C N N 319 
LYS CG     C N N 320 
LYS CD     C N N 321 
LYS CE     C N N 322 
LYS NZ     N N N 323 
LYS OXT    O N N 324 
LYS H      H N N 325 
LYS H2     H N N 326 
LYS HA     H N N 327 
LYS HB2    H N N 328 
LYS HB3    H N N 329 
LYS HG2    H N N 330 
LYS HG3    H N N 331 
LYS HD2    H N N 332 
LYS HD3    H N N 333 
LYS HE2    H N N 334 
LYS HE3    H N N 335 
LYS HZ1    H N N 336 
LYS HZ2    H N N 337 
LYS HZ3    H N N 338 
LYS HXT    H N N 339 
MET N      N N N 340 
MET CA     C N S 341 
MET C      C N N 342 
MET O      O N N 343 
MET CB     C N N 344 
MET CG     C N N 345 
MET SD     S N N 346 
MET CE     C N N 347 
MET OXT    O N N 348 
MET H      H N N 349 
MET H2     H N N 350 
MET HA     H N N 351 
MET HB2    H N N 352 
MET HB3    H N N 353 
MET HG2    H N N 354 
MET HG3    H N N 355 
MET HE1    H N N 356 
MET HE2    H N N 357 
MET HE3    H N N 358 
MET HXT    H N N 359 
OMU N1     N N N 360 
OMU C2     C N N 361 
OMU N3     N N N 362 
OMU C4     C N N 363 
OMU C5     C N N 364 
OMU C6     C N N 365 
OMU O2     O N N 366 
OMU O4     O N N 367 
OMU "C1'"  C N R 368 
OMU "C2'"  C N R 369 
OMU "O2'"  O N N 370 
OMU CM2    C N N 371 
OMU "C3'"  C N R 372 
OMU "C4'"  C N R 373 
OMU "O3'"  O N N 374 
OMU "O4'"  O N N 375 
OMU "C5'"  C N N 376 
OMU "O5'"  O N N 377 
OMU P      P N N 378 
OMU OP1    O N N 379 
OMU OP2    O N N 380 
OMU OP3    O N N 381 
OMU HN3    H N N 382 
OMU H5     H N N 383 
OMU H6     H N N 384 
OMU "H1'"  H N N 385 
OMU "H2'"  H N N 386 
OMU HM21   H N N 387 
OMU HM22   H N N 388 
OMU HM23   H N N 389 
OMU "H3'"  H N N 390 
OMU "H4'"  H N N 391 
OMU "HO3'" H N N 392 
OMU "H5'"  H N N 393 
OMU "H5''" H N N 394 
OMU HOP2   H N N 395 
OMU HOP3   H N N 396 
PHE N      N N N 397 
PHE CA     C N S 398 
PHE C      C N N 399 
PHE O      O N N 400 
PHE CB     C N N 401 
PHE CG     C Y N 402 
PHE CD1    C Y N 403 
PHE CD2    C Y N 404 
PHE CE1    C Y N 405 
PHE CE2    C Y N 406 
PHE CZ     C Y N 407 
PHE OXT    O N N 408 
PHE H      H N N 409 
PHE H2     H N N 410 
PHE HA     H N N 411 
PHE HB2    H N N 412 
PHE HB3    H N N 413 
PHE HD1    H N N 414 
PHE HD2    H N N 415 
PHE HE1    H N N 416 
PHE HE2    H N N 417 
PHE HZ     H N N 418 
PHE HXT    H N N 419 
PRO N      N N N 420 
PRO CA     C N S 421 
PRO C      C N N 422 
PRO O      O N N 423 
PRO CB     C N N 424 
PRO CG     C N N 425 
PRO CD     C N N 426 
PRO OXT    O N N 427 
PRO H      H N N 428 
PRO HA     H N N 429 
PRO HB2    H N N 430 
PRO HB3    H N N 431 
PRO HG2    H N N 432 
PRO HG3    H N N 433 
PRO HD2    H N N 434 
PRO HD3    H N N 435 
PRO HXT    H N N 436 
SER N      N N N 437 
SER CA     C N S 438 
SER C      C N N 439 
SER O      O N N 440 
SER CB     C N N 441 
SER OG     O N N 442 
SER OXT    O N N 443 
SER H      H N N 444 
SER H2     H N N 445 
SER HA     H N N 446 
SER HB2    H N N 447 
SER HB3    H N N 448 
SER HG     H N N 449 
SER HXT    H N N 450 
THR N      N N N 451 
THR CA     C N S 452 
THR C      C N N 453 
THR O      O N N 454 
THR CB     C N R 455 
THR OG1    O N N 456 
THR CG2    C N N 457 
THR OXT    O N N 458 
THR H      H N N 459 
THR H2     H N N 460 
THR HA     H N N 461 
THR HB     H N N 462 
THR HG1    H N N 463 
THR HG21   H N N 464 
THR HG22   H N N 465 
THR HG23   H N N 466 
THR HXT    H N N 467 
TYR N      N N N 468 
TYR CA     C N S 469 
TYR C      C N N 470 
TYR O      O N N 471 
TYR CB     C N N 472 
TYR CG     C Y N 473 
TYR CD1    C Y N 474 
TYR CD2    C Y N 475 
TYR CE1    C Y N 476 
TYR CE2    C Y N 477 
TYR CZ     C Y N 478 
TYR OH     O N N 479 
TYR OXT    O N N 480 
TYR H      H N N 481 
TYR H2     H N N 482 
TYR HA     H N N 483 
TYR HB2    H N N 484 
TYR HB3    H N N 485 
TYR HD1    H N N 486 
TYR HD2    H N N 487 
TYR HE1    H N N 488 
TYR HE2    H N N 489 
TYR HH     H N N 490 
TYR HXT    H N N 491 
U   OP3    O N N 492 
U   P      P N N 493 
U   OP1    O N N 494 
U   OP2    O N N 495 
U   "O5'"  O N N 496 
U   "C5'"  C N N 497 
U   "C4'"  C N R 498 
U   "O4'"  O N N 499 
U   "C3'"  C N S 500 
U   "O3'"  O N N 501 
U   "C2'"  C N R 502 
U   "O2'"  O N N 503 
U   "C1'"  C N R 504 
U   N1     N N N 505 
U   C2     C N N 506 
U   O2     O N N 507 
U   N3     N N N 508 
U   C4     C N N 509 
U   O4     O N N 510 
U   C5     C N N 511 
U   C6     C N N 512 
U   HOP3   H N N 513 
U   HOP2   H N N 514 
U   "H5'"  H N N 515 
U   "H5''" H N N 516 
U   "H4'"  H N N 517 
U   "H3'"  H N N 518 
U   "HO3'" H N N 519 
U   "H2'"  H N N 520 
U   "HO2'" H N N 521 
U   "H1'"  H N N 522 
U   H3     H N N 523 
U   H5     H N N 524 
U   H6     H N N 525 
VAL N      N N N 526 
VAL CA     C N S 527 
VAL C      C N N 528 
VAL O      O N N 529 
VAL CB     C N N 530 
VAL CG1    C N N 531 
VAL CG2    C N N 532 
VAL OXT    O N N 533 
VAL H      H N N 534 
VAL H2     H N N 535 
VAL HA     H N N 536 
VAL HB     H N N 537 
VAL HG11   H N N 538 
VAL HG12   H N N 539 
VAL HG13   H N N 540 
VAL HG21   H N N 541 
VAL HG22   H N N 542 
VAL HG23   H N N 543 
VAL HXT    H N N 544 
# 
loop_
_chem_comp_bond.comp_id 
_chem_comp_bond.atom_id_1 
_chem_comp_bond.atom_id_2 
_chem_comp_bond.value_order 
_chem_comp_bond.pdbx_aromatic_flag 
_chem_comp_bond.pdbx_stereo_config 
_chem_comp_bond.pdbx_ordinal 
A   OP3   P      sing N N 1   
A   OP3   HOP3   sing N N 2   
A   P     OP1    doub N N 3   
A   P     OP2    sing N N 4   
A   P     "O5'"  sing N N 5   
A   OP2   HOP2   sing N N 6   
A   "O5'" "C5'"  sing N N 7   
A   "C5'" "C4'"  sing N N 8   
A   "C5'" "H5'"  sing N N 9   
A   "C5'" "H5''" sing N N 10  
A   "C4'" "O4'"  sing N N 11  
A   "C4'" "C3'"  sing N N 12  
A   "C4'" "H4'"  sing N N 13  
A   "O4'" "C1'"  sing N N 14  
A   "C3'" "O3'"  sing N N 15  
A   "C3'" "C2'"  sing N N 16  
A   "C3'" "H3'"  sing N N 17  
A   "O3'" "HO3'" sing N N 18  
A   "C2'" "O2'"  sing N N 19  
A   "C2'" "C1'"  sing N N 20  
A   "C2'" "H2'"  sing N N 21  
A   "O2'" "HO2'" sing N N 22  
A   "C1'" N9     sing N N 23  
A   "C1'" "H1'"  sing N N 24  
A   N9    C8     sing Y N 25  
A   N9    C4     sing Y N 26  
A   C8    N7     doub Y N 27  
A   C8    H8     sing N N 28  
A   N7    C5     sing Y N 29  
A   C5    C6     sing Y N 30  
A   C5    C4     doub Y N 31  
A   C6    N6     sing N N 32  
A   C6    N1     doub Y N 33  
A   N6    H61    sing N N 34  
A   N6    H62    sing N N 35  
A   N1    C2     sing Y N 36  
A   C2    N3     doub Y N 37  
A   C2    H2     sing N N 38  
A   N3    C4     sing Y N 39  
ALA N     CA     sing N N 40  
ALA N     H      sing N N 41  
ALA N     H2     sing N N 42  
ALA CA    C      sing N N 43  
ALA CA    CB     sing N N 44  
ALA CA    HA     sing N N 45  
ALA C     O      doub N N 46  
ALA C     OXT    sing N N 47  
ALA CB    HB1    sing N N 48  
ALA CB    HB2    sing N N 49  
ALA CB    HB3    sing N N 50  
ALA OXT   HXT    sing N N 51  
ARG N     CA     sing N N 52  
ARG N     H      sing N N 53  
ARG N     H2     sing N N 54  
ARG CA    C      sing N N 55  
ARG CA    CB     sing N N 56  
ARG CA    HA     sing N N 57  
ARG C     O      doub N N 58  
ARG C     OXT    sing N N 59  
ARG CB    CG     sing N N 60  
ARG CB    HB2    sing N N 61  
ARG CB    HB3    sing N N 62  
ARG CG    CD     sing N N 63  
ARG CG    HG2    sing N N 64  
ARG CG    HG3    sing N N 65  
ARG CD    NE     sing N N 66  
ARG CD    HD2    sing N N 67  
ARG CD    HD3    sing N N 68  
ARG NE    CZ     sing N N 69  
ARG NE    HE     sing N N 70  
ARG CZ    NH1    sing N N 71  
ARG CZ    NH2    doub N N 72  
ARG NH1   HH11   sing N N 73  
ARG NH1   HH12   sing N N 74  
ARG NH2   HH21   sing N N 75  
ARG NH2   HH22   sing N N 76  
ARG OXT   HXT    sing N N 77  
ASN N     CA     sing N N 78  
ASN N     H      sing N N 79  
ASN N     H2     sing N N 80  
ASN CA    C      sing N N 81  
ASN CA    CB     sing N N 82  
ASN CA    HA     sing N N 83  
ASN C     O      doub N N 84  
ASN C     OXT    sing N N 85  
ASN CB    CG     sing N N 86  
ASN CB    HB2    sing N N 87  
ASN CB    HB3    sing N N 88  
ASN CG    OD1    doub N N 89  
ASN CG    ND2    sing N N 90  
ASN ND2   HD21   sing N N 91  
ASN ND2   HD22   sing N N 92  
ASN OXT   HXT    sing N N 93  
ASP N     CA     sing N N 94  
ASP N     H      sing N N 95  
ASP N     H2     sing N N 96  
ASP CA    C      sing N N 97  
ASP CA    CB     sing N N 98  
ASP CA    HA     sing N N 99  
ASP C     O      doub N N 100 
ASP C     OXT    sing N N 101 
ASP CB    CG     sing N N 102 
ASP CB    HB2    sing N N 103 
ASP CB    HB3    sing N N 104 
ASP CG    OD1    doub N N 105 
ASP CG    OD2    sing N N 106 
ASP OD2   HD2    sing N N 107 
ASP OXT   HXT    sing N N 108 
C   OP3   P      sing N N 109 
C   OP3   HOP3   sing N N 110 
C   P     OP1    doub N N 111 
C   P     OP2    sing N N 112 
C   P     "O5'"  sing N N 113 
C   OP2   HOP2   sing N N 114 
C   "O5'" "C5'"  sing N N 115 
C   "C5'" "C4'"  sing N N 116 
C   "C5'" "H5'"  sing N N 117 
C   "C5'" "H5''" sing N N 118 
C   "C4'" "O4'"  sing N N 119 
C   "C4'" "C3'"  sing N N 120 
C   "C4'" "H4'"  sing N N 121 
C   "O4'" "C1'"  sing N N 122 
C   "C3'" "O3'"  sing N N 123 
C   "C3'" "C2'"  sing N N 124 
C   "C3'" "H3'"  sing N N 125 
C   "O3'" "HO3'" sing N N 126 
C   "C2'" "O2'"  sing N N 127 
C   "C2'" "C1'"  sing N N 128 
C   "C2'" "H2'"  sing N N 129 
C   "O2'" "HO2'" sing N N 130 
C   "C1'" N1     sing N N 131 
C   "C1'" "H1'"  sing N N 132 
C   N1    C2     sing N N 133 
C   N1    C6     sing N N 134 
C   C2    O2     doub N N 135 
C   C2    N3     sing N N 136 
C   N3    C4     doub N N 137 
C   C4    N4     sing N N 138 
C   C4    C5     sing N N 139 
C   N4    H41    sing N N 140 
C   N4    H42    sing N N 141 
C   C5    C6     doub N N 142 
C   C5    H5     sing N N 143 
C   C6    H6     sing N N 144 
CYS N     CA     sing N N 145 
CYS N     H      sing N N 146 
CYS N     H2     sing N N 147 
CYS CA    C      sing N N 148 
CYS CA    CB     sing N N 149 
CYS CA    HA     sing N N 150 
CYS C     O      doub N N 151 
CYS C     OXT    sing N N 152 
CYS CB    SG     sing N N 153 
CYS CB    HB2    sing N N 154 
CYS CB    HB3    sing N N 155 
CYS SG    HG     sing N N 156 
CYS OXT   HXT    sing N N 157 
G   OP3   P      sing N N 158 
G   OP3   HOP3   sing N N 159 
G   P     OP1    doub N N 160 
G   P     OP2    sing N N 161 
G   P     "O5'"  sing N N 162 
G   OP2   HOP2   sing N N 163 
G   "O5'" "C5'"  sing N N 164 
G   "C5'" "C4'"  sing N N 165 
G   "C5'" "H5'"  sing N N 166 
G   "C5'" "H5''" sing N N 167 
G   "C4'" "O4'"  sing N N 168 
G   "C4'" "C3'"  sing N N 169 
G   "C4'" "H4'"  sing N N 170 
G   "O4'" "C1'"  sing N N 171 
G   "C3'" "O3'"  sing N N 172 
G   "C3'" "C2'"  sing N N 173 
G   "C3'" "H3'"  sing N N 174 
G   "O3'" "HO3'" sing N N 175 
G   "C2'" "O2'"  sing N N 176 
G   "C2'" "C1'"  sing N N 177 
G   "C2'" "H2'"  sing N N 178 
G   "O2'" "HO2'" sing N N 179 
G   "C1'" N9     sing N N 180 
G   "C1'" "H1'"  sing N N 181 
G   N9    C8     sing Y N 182 
G   N9    C4     sing Y N 183 
G   C8    N7     doub Y N 184 
G   C8    H8     sing N N 185 
G   N7    C5     sing Y N 186 
G   C5    C6     sing N N 187 
G   C5    C4     doub Y N 188 
G   C6    O6     doub N N 189 
G   C6    N1     sing N N 190 
G   N1    C2     sing N N 191 
G   N1    H1     sing N N 192 
G   C2    N2     sing N N 193 
G   C2    N3     doub N N 194 
G   N2    H21    sing N N 195 
G   N2    H22    sing N N 196 
G   N3    C4     sing N N 197 
GLN N     CA     sing N N 198 
GLN N     H      sing N N 199 
GLN N     H2     sing N N 200 
GLN CA    C      sing N N 201 
GLN CA    CB     sing N N 202 
GLN CA    HA     sing N N 203 
GLN C     O      doub N N 204 
GLN C     OXT    sing N N 205 
GLN CB    CG     sing N N 206 
GLN CB    HB2    sing N N 207 
GLN CB    HB3    sing N N 208 
GLN CG    CD     sing N N 209 
GLN CG    HG2    sing N N 210 
GLN CG    HG3    sing N N 211 
GLN CD    OE1    doub N N 212 
GLN CD    NE2    sing N N 213 
GLN NE2   HE21   sing N N 214 
GLN NE2   HE22   sing N N 215 
GLN OXT   HXT    sing N N 216 
GLU N     CA     sing N N 217 
GLU N     H      sing N N 218 
GLU N     H2     sing N N 219 
GLU CA    C      sing N N 220 
GLU CA    CB     sing N N 221 
GLU CA    HA     sing N N 222 
GLU C     O      doub N N 223 
GLU C     OXT    sing N N 224 
GLU CB    CG     sing N N 225 
GLU CB    HB2    sing N N 226 
GLU CB    HB3    sing N N 227 
GLU CG    CD     sing N N 228 
GLU CG    HG2    sing N N 229 
GLU CG    HG3    sing N N 230 
GLU CD    OE1    doub N N 231 
GLU CD    OE2    sing N N 232 
GLU OE2   HE2    sing N N 233 
GLU OXT   HXT    sing N N 234 
GLY N     CA     sing N N 235 
GLY N     H      sing N N 236 
GLY N     H2     sing N N 237 
GLY CA    C      sing N N 238 
GLY CA    HA2    sing N N 239 
GLY CA    HA3    sing N N 240 
GLY C     O      doub N N 241 
GLY C     OXT    sing N N 242 
GLY OXT   HXT    sing N N 243 
HIS N     CA     sing N N 244 
HIS N     H      sing N N 245 
HIS N     H2     sing N N 246 
HIS CA    C      sing N N 247 
HIS CA    CB     sing N N 248 
HIS CA    HA     sing N N 249 
HIS C     O      doub N N 250 
HIS C     OXT    sing N N 251 
HIS CB    CG     sing N N 252 
HIS CB    HB2    sing N N 253 
HIS CB    HB3    sing N N 254 
HIS CG    ND1    sing Y N 255 
HIS CG    CD2    doub Y N 256 
HIS ND1   CE1    doub Y N 257 
HIS ND1   HD1    sing N N 258 
HIS CD2   NE2    sing Y N 259 
HIS CD2   HD2    sing N N 260 
HIS CE1   NE2    sing Y N 261 
HIS CE1   HE1    sing N N 262 
HIS NE2   HE2    sing N N 263 
HIS OXT   HXT    sing N N 264 
HOH O     H1     sing N N 265 
HOH O     H2     sing N N 266 
ILE N     CA     sing N N 267 
ILE N     H      sing N N 268 
ILE N     H2     sing N N 269 
ILE CA    C      sing N N 270 
ILE CA    CB     sing N N 271 
ILE CA    HA     sing N N 272 
ILE C     O      doub N N 273 
ILE C     OXT    sing N N 274 
ILE CB    CG1    sing N N 275 
ILE CB    CG2    sing N N 276 
ILE CB    HB     sing N N 277 
ILE CG1   CD1    sing N N 278 
ILE CG1   HG12   sing N N 279 
ILE CG1   HG13   sing N N 280 
ILE CG2   HG21   sing N N 281 
ILE CG2   HG22   sing N N 282 
ILE CG2   HG23   sing N N 283 
ILE CD1   HD11   sing N N 284 
ILE CD1   HD12   sing N N 285 
ILE CD1   HD13   sing N N 286 
ILE OXT   HXT    sing N N 287 
LEU N     CA     sing N N 288 
LEU N     H      sing N N 289 
LEU N     H2     sing N N 290 
LEU CA    C      sing N N 291 
LEU CA    CB     sing N N 292 
LEU CA    HA     sing N N 293 
LEU C     O      doub N N 294 
LEU C     OXT    sing N N 295 
LEU CB    CG     sing N N 296 
LEU CB    HB2    sing N N 297 
LEU CB    HB3    sing N N 298 
LEU CG    CD1    sing N N 299 
LEU CG    CD2    sing N N 300 
LEU CG    HG     sing N N 301 
LEU CD1   HD11   sing N N 302 
LEU CD1   HD12   sing N N 303 
LEU CD1   HD13   sing N N 304 
LEU CD2   HD21   sing N N 305 
LEU CD2   HD22   sing N N 306 
LEU CD2   HD23   sing N N 307 
LEU OXT   HXT    sing N N 308 
LYS N     CA     sing N N 309 
LYS N     H      sing N N 310 
LYS N     H2     sing N N 311 
LYS CA    C      sing N N 312 
LYS CA    CB     sing N N 313 
LYS CA    HA     sing N N 314 
LYS C     O      doub N N 315 
LYS C     OXT    sing N N 316 
LYS CB    CG     sing N N 317 
LYS CB    HB2    sing N N 318 
LYS CB    HB3    sing N N 319 
LYS CG    CD     sing N N 320 
LYS CG    HG2    sing N N 321 
LYS CG    HG3    sing N N 322 
LYS CD    CE     sing N N 323 
LYS CD    HD2    sing N N 324 
LYS CD    HD3    sing N N 325 
LYS CE    NZ     sing N N 326 
LYS CE    HE2    sing N N 327 
LYS CE    HE3    sing N N 328 
LYS NZ    HZ1    sing N N 329 
LYS NZ    HZ2    sing N N 330 
LYS NZ    HZ3    sing N N 331 
LYS OXT   HXT    sing N N 332 
MET N     CA     sing N N 333 
MET N     H      sing N N 334 
MET N     H2     sing N N 335 
MET CA    C      sing N N 336 
MET CA    CB     sing N N 337 
MET CA    HA     sing N N 338 
MET C     O      doub N N 339 
MET C     OXT    sing N N 340 
MET CB    CG     sing N N 341 
MET CB    HB2    sing N N 342 
MET CB    HB3    sing N N 343 
MET CG    SD     sing N N 344 
MET CG    HG2    sing N N 345 
MET CG    HG3    sing N N 346 
MET SD    CE     sing N N 347 
MET CE    HE1    sing N N 348 
MET CE    HE2    sing N N 349 
MET CE    HE3    sing N N 350 
MET OXT   HXT    sing N N 351 
OMU N1    C2     sing N N 352 
OMU N1    C6     sing N N 353 
OMU N1    "C1'"  sing N N 354 
OMU C2    N3     sing N N 355 
OMU C2    O2     doub N N 356 
OMU N3    C4     sing N N 357 
OMU N3    HN3    sing N N 358 
OMU C4    C5     sing N N 359 
OMU C4    O4     doub N N 360 
OMU C5    C6     doub N N 361 
OMU C5    H5     sing N N 362 
OMU C6    H6     sing N N 363 
OMU "C1'" "C2'"  sing N N 364 
OMU "C1'" "O4'"  sing N N 365 
OMU "C1'" "H1'"  sing N N 366 
OMU "C2'" "O2'"  sing N N 367 
OMU "C2'" "C3'"  sing N N 368 
OMU "C2'" "H2'"  sing N N 369 
OMU "O2'" CM2    sing N N 370 
OMU CM2   HM21   sing N N 371 
OMU CM2   HM22   sing N N 372 
OMU CM2   HM23   sing N N 373 
OMU "C3'" "C4'"  sing N N 374 
OMU "C3'" "O3'"  sing N N 375 
OMU "C3'" "H3'"  sing N N 376 
OMU "C4'" "O4'"  sing N N 377 
OMU "C4'" "C5'"  sing N N 378 
OMU "C4'" "H4'"  sing N N 379 
OMU "O3'" "HO3'" sing N N 380 
OMU "C5'" "O5'"  sing N N 381 
OMU "C5'" "H5'"  sing N N 382 
OMU "C5'" "H5''" sing N N 383 
OMU "O5'" P      sing N N 384 
OMU P     OP1    doub N N 385 
OMU P     OP2    sing N N 386 
OMU P     OP3    sing N N 387 
OMU OP2   HOP2   sing N N 388 
OMU OP3   HOP3   sing N N 389 
PHE N     CA     sing N N 390 
PHE N     H      sing N N 391 
PHE N     H2     sing N N 392 
PHE CA    C      sing N N 393 
PHE CA    CB     sing N N 394 
PHE CA    HA     sing N N 395 
PHE C     O      doub N N 396 
PHE C     OXT    sing N N 397 
PHE CB    CG     sing N N 398 
PHE CB    HB2    sing N N 399 
PHE CB    HB3    sing N N 400 
PHE CG    CD1    doub Y N 401 
PHE CG    CD2    sing Y N 402 
PHE CD1   CE1    sing Y N 403 
PHE CD1   HD1    sing N N 404 
PHE CD2   CE2    doub Y N 405 
PHE CD2   HD2    sing N N 406 
PHE CE1   CZ     doub Y N 407 
PHE CE1   HE1    sing N N 408 
PHE CE2   CZ     sing Y N 409 
PHE CE2   HE2    sing N N 410 
PHE CZ    HZ     sing N N 411 
PHE OXT   HXT    sing N N 412 
PRO N     CA     sing N N 413 
PRO N     CD     sing N N 414 
PRO N     H      sing N N 415 
PRO CA    C      sing N N 416 
PRO CA    CB     sing N N 417 
PRO CA    HA     sing N N 418 
PRO C     O      doub N N 419 
PRO C     OXT    sing N N 420 
PRO CB    CG     sing N N 421 
PRO CB    HB2    sing N N 422 
PRO CB    HB3    sing N N 423 
PRO CG    CD     sing N N 424 
PRO CG    HG2    sing N N 425 
PRO CG    HG3    sing N N 426 
PRO CD    HD2    sing N N 427 
PRO CD    HD3    sing N N 428 
PRO OXT   HXT    sing N N 429 
SER N     CA     sing N N 430 
SER N     H      sing N N 431 
SER N     H2     sing N N 432 
SER CA    C      sing N N 433 
SER CA    CB     sing N N 434 
SER CA    HA     sing N N 435 
SER C     O      doub N N 436 
SER C     OXT    sing N N 437 
SER CB    OG     sing N N 438 
SER CB    HB2    sing N N 439 
SER CB    HB3    sing N N 440 
SER OG    HG     sing N N 441 
SER OXT   HXT    sing N N 442 
THR N     CA     sing N N 443 
THR N     H      sing N N 444 
THR N     H2     sing N N 445 
THR CA    C      sing N N 446 
THR CA    CB     sing N N 447 
THR CA    HA     sing N N 448 
THR C     O      doub N N 449 
THR C     OXT    sing N N 450 
THR CB    OG1    sing N N 451 
THR CB    CG2    sing N N 452 
THR CB    HB     sing N N 453 
THR OG1   HG1    sing N N 454 
THR CG2   HG21   sing N N 455 
THR CG2   HG22   sing N N 456 
THR CG2   HG23   sing N N 457 
THR OXT   HXT    sing N N 458 
TYR N     CA     sing N N 459 
TYR N     H      sing N N 460 
TYR N     H2     sing N N 461 
TYR CA    C      sing N N 462 
TYR CA    CB     sing N N 463 
TYR CA    HA     sing N N 464 
TYR C     O      doub N N 465 
TYR C     OXT    sing N N 466 
TYR CB    CG     sing N N 467 
TYR CB    HB2    sing N N 468 
TYR CB    HB3    sing N N 469 
TYR CG    CD1    doub Y N 470 
TYR CG    CD2    sing Y N 471 
TYR CD1   CE1    sing Y N 472 
TYR CD1   HD1    sing N N 473 
TYR CD2   CE2    doub Y N 474 
TYR CD2   HD2    sing N N 475 
TYR CE1   CZ     doub Y N 476 
TYR CE1   HE1    sing N N 477 
TYR CE2   CZ     sing Y N 478 
TYR CE2   HE2    sing N N 479 
TYR CZ    OH     sing N N 480 
TYR OH    HH     sing N N 481 
TYR OXT   HXT    sing N N 482 
U   OP3   P      sing N N 483 
U   OP3   HOP3   sing N N 484 
U   P     OP1    doub N N 485 
U   P     OP2    sing N N 486 
U   P     "O5'"  sing N N 487 
U   OP2   HOP2   sing N N 488 
U   "O5'" "C5'"  sing N N 489 
U   "C5'" "C4'"  sing N N 490 
U   "C5'" "H5'"  sing N N 491 
U   "C5'" "H5''" sing N N 492 
U   "C4'" "O4'"  sing N N 493 
U   "C4'" "C3'"  sing N N 494 
U   "C4'" "H4'"  sing N N 495 
U   "O4'" "C1'"  sing N N 496 
U   "C3'" "O3'"  sing N N 497 
U   "C3'" "C2'"  sing N N 498 
U   "C3'" "H3'"  sing N N 499 
U   "O3'" "HO3'" sing N N 500 
U   "C2'" "O2'"  sing N N 501 
U   "C2'" "C1'"  sing N N 502 
U   "C2'" "H2'"  sing N N 503 
U   "O2'" "HO2'" sing N N 504 
U   "C1'" N1     sing N N 505 
U   "C1'" "H1'"  sing N N 506 
U   N1    C2     sing N N 507 
U   N1    C6     sing N N 508 
U   C2    O2     doub N N 509 
U   C2    N3     sing N N 510 
U   N3    C4     sing N N 511 
U   N3    H3     sing N N 512 
U   C4    O4     doub N N 513 
U   C4    C5     sing N N 514 
U   C5    C6     doub N N 515 
U   C5    H5     sing N N 516 
U   C6    H6     sing N N 517 
VAL N     CA     sing N N 518 
VAL N     H      sing N N 519 
VAL N     H2     sing N N 520 
VAL CA    C      sing N N 521 
VAL CA    CB     sing N N 522 
VAL CA    HA     sing N N 523 
VAL C     O      doub N N 524 
VAL C     OXT    sing N N 525 
VAL CB    CG1    sing N N 526 
VAL CB    CG2    sing N N 527 
VAL CB    HB     sing N N 528 
VAL CG1   HG11   sing N N 529 
VAL CG1   HG12   sing N N 530 
VAL CG1   HG13   sing N N 531 
VAL CG2   HG21   sing N N 532 
VAL CG2   HG22   sing N N 533 
VAL CG2   HG23   sing N N 534 
VAL OXT   HXT    sing N N 535 
# 
loop_
_ndb_struct_conf_na.entry_id 
_ndb_struct_conf_na.feature 
3MJ0 'double helix'         
3MJ0 'a-form double helix'  
3MJ0 'mismatched base pair' 
# 
loop_
_ndb_struct_na_base_pair.model_number 
_ndb_struct_na_base_pair.i_label_asym_id 
_ndb_struct_na_base_pair.i_label_comp_id 
_ndb_struct_na_base_pair.i_label_seq_id 
_ndb_struct_na_base_pair.i_symmetry 
_ndb_struct_na_base_pair.j_label_asym_id 
_ndb_struct_na_base_pair.j_label_comp_id 
_ndb_struct_na_base_pair.j_label_seq_id 
_ndb_struct_na_base_pair.j_symmetry 
_ndb_struct_na_base_pair.shear 
_ndb_struct_na_base_pair.stretch 
_ndb_struct_na_base_pair.stagger 
_ndb_struct_na_base_pair.buckle 
_ndb_struct_na_base_pair.propeller 
_ndb_struct_na_base_pair.opening 
_ndb_struct_na_base_pair.pair_number 
_ndb_struct_na_base_pair.pair_name 
_ndb_struct_na_base_pair.i_auth_asym_id 
_ndb_struct_na_base_pair.i_auth_seq_id 
_ndb_struct_na_base_pair.i_PDB_ins_code 
_ndb_struct_na_base_pair.j_auth_asym_id 
_ndb_struct_na_base_pair.j_auth_seq_id 
_ndb_struct_na_base_pair.j_PDB_ins_code 
_ndb_struct_na_base_pair.hbond_type_28 
_ndb_struct_na_base_pair.hbond_type_12 
1 B C 1 1_555 B G 7 3_654 0.226  -0.078 0.202  6.468  -22.781 4.327 1 B_C1:G7_B B 1 ? B 7 ? 19 1 
1 B G 2 1_555 B C 6 3_654 -0.192 -0.222 -0.031 -8.929 -15.491 3.897 2 B_G2:C6_B B 2 ? B 6 ? 19 1 
1 B U 3 1_555 B A 5 3_654 0.170  -0.161 0.151  -2.461 -7.656  2.825 3 B_U3:A5_B B 3 ? B 5 ? 20 1 
1 B A 5 1_555 B U 3 3_654 -0.170 -0.161 0.151  2.461  -7.656  2.825 4 B_A5:U3_B B 5 ? B 3 ? 20 1 
1 B C 6 1_555 B G 2 3_654 0.192  -0.222 -0.031 8.929  -15.491 3.897 5 B_C6:G2_B B 6 ? B 2 ? 19 1 
1 B G 7 1_555 B C 1 3_654 -0.226 -0.078 0.202  -6.468 -22.781 4.327 6 B_G7:C1_B B 7 ? B 1 ? 19 1 
# 
loop_
_ndb_struct_na_base_pair_step.model_number 
_ndb_struct_na_base_pair_step.i_label_asym_id_1 
_ndb_struct_na_base_pair_step.i_label_comp_id_1 
_ndb_struct_na_base_pair_step.i_label_seq_id_1 
_ndb_struct_na_base_pair_step.i_symmetry_1 
_ndb_struct_na_base_pair_step.j_label_asym_id_1 
_ndb_struct_na_base_pair_step.j_label_comp_id_1 
_ndb_struct_na_base_pair_step.j_label_seq_id_1 
_ndb_struct_na_base_pair_step.j_symmetry_1 
_ndb_struct_na_base_pair_step.i_label_asym_id_2 
_ndb_struct_na_base_pair_step.i_label_comp_id_2 
_ndb_struct_na_base_pair_step.i_label_seq_id_2 
_ndb_struct_na_base_pair_step.i_symmetry_2 
_ndb_struct_na_base_pair_step.j_label_asym_id_2 
_ndb_struct_na_base_pair_step.j_label_comp_id_2 
_ndb_struct_na_base_pair_step.j_label_seq_id_2 
_ndb_struct_na_base_pair_step.j_symmetry_2 
_ndb_struct_na_base_pair_step.shift 
_ndb_struct_na_base_pair_step.slide 
_ndb_struct_na_base_pair_step.rise 
_ndb_struct_na_base_pair_step.tilt 
_ndb_struct_na_base_pair_step.roll 
_ndb_struct_na_base_pair_step.twist 
_ndb_struct_na_base_pair_step.x_displacement 
_ndb_struct_na_base_pair_step.y_displacement 
_ndb_struct_na_base_pair_step.helical_rise 
_ndb_struct_na_base_pair_step.inclination 
_ndb_struct_na_base_pair_step.tip 
_ndb_struct_na_base_pair_step.helical_twist 
_ndb_struct_na_base_pair_step.step_number 
_ndb_struct_na_base_pair_step.step_name 
_ndb_struct_na_base_pair_step.i_auth_asym_id_1 
_ndb_struct_na_base_pair_step.i_auth_seq_id_1 
_ndb_struct_na_base_pair_step.i_PDB_ins_code_1 
_ndb_struct_na_base_pair_step.j_auth_asym_id_1 
_ndb_struct_na_base_pair_step.j_auth_seq_id_1 
_ndb_struct_na_base_pair_step.j_PDB_ins_code_1 
_ndb_struct_na_base_pair_step.i_auth_asym_id_2 
_ndb_struct_na_base_pair_step.i_auth_seq_id_2 
_ndb_struct_na_base_pair_step.i_PDB_ins_code_2 
_ndb_struct_na_base_pair_step.j_auth_asym_id_2 
_ndb_struct_na_base_pair_step.j_auth_seq_id_2 
_ndb_struct_na_base_pair_step.j_PDB_ins_code_2 
1 B C 1 1_555 B G 7 3_654 B G 2 1_555 B C 6 3_654 -0.572 -1.848 3.498 -1.506 12.490 29.230 -5.582 0.778  2.541 23.427 2.825  
31.768 1 BB_C1G2:C6G7_BB B 1 ? B 7 ? B 2 ? B 6 ? 
1 B G 2 1_555 B C 6 3_654 B U 3 1_555 B A 5 3_654 -0.523 -1.368 3.028 -4.033 6.053  32.782 -3.262 0.310  2.781 10.564 7.038  
33.558 2 BB_G2U3:A5C6_BB B 2 ? B 6 ? B 3 ? B 5 ? 
1 B U 3 1_555 B A 5 3_654 B A 5 1_555 B U 3 3_654 0.000  -2.326 6.135 0.000  6.223  64.073 -2.674 0.000  5.911 5.851  0.000  
64.342 3 BB_U3A5:U3A5_BB B 3 ? B 5 ? B 5 ? B 3 ? 
1 B A 5 1_555 B U 3 3_654 B C 6 1_555 B G 2 3_654 0.523  -1.368 3.028 4.033  6.053  32.782 -3.262 -0.310 2.781 10.564 -7.038 
33.558 4 BB_A5C6:G2U3_BB B 5 ? B 3 ? B 6 ? B 2 ? 
1 B C 6 1_555 B G 2 3_654 B G 7 1_555 B C 1 3_654 0.572  -1.848 3.498 1.506  12.489 29.230 -5.582 -0.778 2.541 23.427 -2.825 
31.768 5 BB_C6G7:C1G2_BB B 6 ? B 2 ? B 7 ? B 1 ? 
# 
_pdbx_entity_nonpoly.entity_id   3 
_pdbx_entity_nonpoly.name        water 
_pdbx_entity_nonpoly.comp_id     HOH 
# 
_pdbx_initial_refinement_model.id               1 
_pdbx_initial_refinement_model.entity_id_list   ? 
_pdbx_initial_refinement_model.type             'experimental model' 
_pdbx_initial_refinement_model.source_name      PDB 
_pdbx_initial_refinement_model.accession_code   1R6Z 
_pdbx_initial_refinement_model.details          'PDB entry 1R6Z' 
# 
